data_1G35
# 
_entry.id   1G35 
# 
_audit_conform.dict_name       mmcif_pdbx.dic 
_audit_conform.dict_version    5.376 
_audit_conform.dict_location   http://mmcif.pdb.org/dictionaries/ascii/mmcif_pdbx.dic 
# 
loop_
_database_2.database_id 
_database_2.database_code 
_database_2.pdbx_database_accession 
_database_2.pdbx_DOI 
PDB   1G35         pdb_00001g35 10.2210/pdb1g35/pdb 
RCSB  RCSB012174   ?            ?                   
WWPDB D_1000012174 ?            ?                   
# 
loop_
_pdbx_database_related.db_name 
_pdbx_database_related.db_id 
_pdbx_database_related.details 
_pdbx_database_related.content_type 
PDB 1ajv '1ajv contains the same protein complexed with different inhibitor.' unspecified 
PDB 1ajx '1ajx contains the same protein complexed with different inhibitor.' unspecified 
# 
_pdbx_database_status.status_code                     REL 
_pdbx_database_status.entry_id                        1G35 
_pdbx_database_status.recvd_initial_deposition_date   2000-10-23 
_pdbx_database_status.deposit_site                    RCSB 
_pdbx_database_status.process_site                    RCSB 
_pdbx_database_status.status_code_sf                  REL 
_pdbx_database_status.SG_entry                        . 
_pdbx_database_status.pdb_format_compatible           Y 
_pdbx_database_status.status_code_mr                  ? 
_pdbx_database_status.status_code_cs                  ? 
_pdbx_database_status.methods_development_category    ? 
_pdbx_database_status.status_code_nmr_data            ? 
# 
loop_
_audit_author.name 
_audit_author.pdbx_ordinal 
'Lindberg, J.' 1 
'Unge, T.'     2 
# 
_citation.id                        primary 
_citation.title                     
;Synthesis and comparative molecular field analysis (CoMFA) of symmetric and nonsymmetric cyclic sulfamide HIV-1 protease inhibitors.
;
_citation.journal_abbrev            J.Med.Chem. 
_citation.journal_volume            44 
_citation.page_first                155 
_citation.page_last                 169 
_citation.year                      2001 
_citation.journal_id_ASTM           JMCMAR 
_citation.country                   US 
_citation.journal_id_ISSN           0022-2623 
_citation.journal_id_CSD            0151 
_citation.book_publisher            ? 
_citation.pdbx_database_id_PubMed   11170625 
_citation.pdbx_database_id_DOI      10.1021/jm001024j 
# 
loop_
_citation_author.citation_id 
_citation_author.name 
_citation_author.ordinal 
_citation_author.identifier_ORCID 
primary 'Schaal, W.'      1  ? 
primary 'Karlsson, A.'    2  ? 
primary 'Ahlsen, G.'      3  ? 
primary 'Lindberg, J.'    4  ? 
primary 'Andersson, H.O.' 5  ? 
primary 'Danielson, U.H.' 6  ? 
primary 'Classon, B.'     7  ? 
primary 'Unge, T.'        8  ? 
primary 'Samuelsson, B.'  9  ? 
primary 'Hulten, J.'      10 ? 
primary 'Hallberg, A.'    11 ? 
primary 'Karlen, A.'      12 ? 
# 
_cell.entry_id           1G35 
_cell.length_a           58.500 
_cell.length_b           86.900 
_cell.length_c           46.900 
_cell.angle_alpha        90.00 
_cell.angle_beta         90.00 
_cell.angle_gamma        90.00 
_cell.Z_PDB              8 
_cell.pdbx_unique_axis   ? 
# 
_symmetry.entry_id                         1G35 
_symmetry.space_group_name_H-M             'P 21 21 2' 
_symmetry.pdbx_full_space_group_name_H-M   ? 
_symmetry.cell_setting                     ? 
_symmetry.Int_Tables_number                18 
# 
loop_
_entity.id 
_entity.type 
_entity.src_method 
_entity.pdbx_description 
_entity.formula_weight 
_entity.pdbx_number_of_molecules 
_entity.pdbx_ec 
_entity.pdbx_mutation 
_entity.pdbx_fragment 
_entity.details 
1 polymer     man 'HIV-1 PROTEASE' 10803.756 2   3.4.23.16 ? ? ? 
2 non-polymer syn 
;2-[4-(HYDROXY-METHOXY-METHYL)-BENZYL]-7-(4-HYDROXYMETHYL-BENZYL)-1,1-DIOXO-3,6-BIS-PHENOXYMETHYL-1LAMBDA6-[1,2,7]THIADIAZEPANE-4,5-DIOL
;
664.765   1   ?         ? ? ? 
3 water       nat water 18.015    143 ?         ? ? ? 
# 
_entity_poly.entity_id                      1 
_entity_poly.type                           'polypeptide(L)' 
_entity_poly.nstd_linkage                   no 
_entity_poly.nstd_monomer                   no 
_entity_poly.pdbx_seq_one_letter_code       
;PQITLWQRPLVTIKIGGQLKEALLDTGADDTVLEEMSLPGRWKPKMIGGIGGFIKVRQYDQILIEICGHKAIGTVLVGPT
PVNIIGRNLLTQIGCTLNF
;
_entity_poly.pdbx_seq_one_letter_code_can   
;PQITLWQRPLVTIKIGGQLKEALLDTGADDTVLEEMSLPGRWKPKMIGGIGGFIKVRQYDQILIEICGHKAIGTVLVGPT
PVNIIGRNLLTQIGCTLNF
;
_entity_poly.pdbx_strand_id                 A,B 
_entity_poly.pdbx_target_identifier         ? 
# 
loop_
_entity_poly_seq.entity_id 
_entity_poly_seq.num 
_entity_poly_seq.mon_id 
_entity_poly_seq.hetero 
1 1  PRO n 
1 2  GLN n 
1 3  ILE n 
1 4  THR n 
1 5  LEU n 
1 6  TRP n 
1 7  GLN n 
1 8  ARG n 
1 9  PRO n 
1 10 LEU n 
1 11 VAL n 
1 12 THR n 
1 13 ILE n 
1 14 LYS n 
1 15 ILE n 
1 16 GLY n 
1 17 GLY n 
1 18 GLN n 
1 19 LEU n 
1 20 LYS n 
1 21 GLU n 
1 22 ALA n 
1 23 LEU n 
1 24 LEU n 
1 25 ASP n 
1 26 THR n 
1 27 GLY n 
1 28 ALA n 
1 29 ASP n 
1 30 ASP n 
1 31 THR n 
1 32 VAL n 
1 33 LEU n 
1 34 GLU n 
1 35 GLU n 
1 36 MET n 
1 37 SER n 
1 38 LEU n 
1 39 PRO n 
1 40 GLY n 
1 41 ARG n 
1 42 TRP n 
1 43 LYS n 
1 44 PRO n 
1 45 LYS n 
1 46 MET n 
1 47 ILE n 
1 48 GLY n 
1 49 GLY n 
1 50 ILE n 
1 51 GLY n 
1 52 GLY n 
1 53 PHE n 
1 54 ILE n 
1 55 LYS n 
1 56 VAL n 
1 57 ARG n 
1 58 GLN n 
1 59 TYR n 
1 60 ASP n 
1 61 GLN n 
1 62 ILE n 
1 63 LEU n 
1 64 ILE n 
1 65 GLU n 
1 66 ILE n 
1 67 CYS n 
1 68 GLY n 
1 69 HIS n 
1 70 LYS n 
1 71 ALA n 
1 72 ILE n 
1 73 GLY n 
1 74 THR n 
1 75 VAL n 
1 76 LEU n 
1 77 VAL n 
1 78 GLY n 
1 79 PRO n 
1 80 THR n 
1 81 PRO n 
1 82 VAL n 
1 83 ASN n 
1 84 ILE n 
1 85 ILE n 
1 86 GLY n 
1 87 ARG n 
1 88 ASN n 
1 89 LEU n 
1 90 LEU n 
1 91 THR n 
1 92 GLN n 
1 93 ILE n 
1 94 GLY n 
1 95 CYS n 
1 96 THR n 
1 97 LEU n 
1 98 ASN n 
1 99 PHE n 
# 
_entity_src_gen.entity_id                          1 
_entity_src_gen.pdbx_src_id                        1 
_entity_src_gen.pdbx_alt_source_flag               sample 
_entity_src_gen.pdbx_seq_type                      ? 
_entity_src_gen.pdbx_beg_seq_num                   ? 
_entity_src_gen.pdbx_end_seq_num                   ? 
_entity_src_gen.gene_src_common_name               ? 
_entity_src_gen.gene_src_genus                     Lentivirus 
_entity_src_gen.pdbx_gene_src_gene                 ? 
_entity_src_gen.gene_src_species                   ? 
_entity_src_gen.gene_src_strain                    BH7 
_entity_src_gen.gene_src_tissue                    ? 
_entity_src_gen.gene_src_tissue_fraction           ? 
_entity_src_gen.gene_src_details                   ? 
_entity_src_gen.pdbx_gene_src_fragment             ? 
_entity_src_gen.pdbx_gene_src_scientific_name      'Human immunodeficiency virus 1' 
_entity_src_gen.pdbx_gene_src_ncbi_taxonomy_id     11676 
_entity_src_gen.pdbx_gene_src_variant              ? 
_entity_src_gen.pdbx_gene_src_cell_line            ? 
_entity_src_gen.pdbx_gene_src_atcc                 ? 
_entity_src_gen.pdbx_gene_src_organ                ? 
_entity_src_gen.pdbx_gene_src_organelle            ? 
_entity_src_gen.pdbx_gene_src_cell                 ? 
_entity_src_gen.pdbx_gene_src_cellular_location    ? 
_entity_src_gen.host_org_common_name               ? 
_entity_src_gen.pdbx_host_org_scientific_name      'Escherichia coli' 
_entity_src_gen.pdbx_host_org_ncbi_taxonomy_id     562 
_entity_src_gen.host_org_genus                     Escherichia 
_entity_src_gen.pdbx_host_org_gene                 ? 
_entity_src_gen.pdbx_host_org_organ                ? 
_entity_src_gen.host_org_species                   ? 
_entity_src_gen.pdbx_host_org_tissue               ? 
_entity_src_gen.pdbx_host_org_tissue_fraction      ? 
_entity_src_gen.pdbx_host_org_strain               ? 
_entity_src_gen.pdbx_host_org_variant              ? 
_entity_src_gen.pdbx_host_org_cell_line            ? 
_entity_src_gen.pdbx_host_org_atcc                 ? 
_entity_src_gen.pdbx_host_org_culture_collection   ? 
_entity_src_gen.pdbx_host_org_cell                 ? 
_entity_src_gen.pdbx_host_org_organelle            ? 
_entity_src_gen.pdbx_host_org_cellular_location    ? 
_entity_src_gen.pdbx_host_org_vector_type          ? 
_entity_src_gen.pdbx_host_org_vector               ? 
_entity_src_gen.host_org_details                   ? 
_entity_src_gen.expression_system_id               ? 
_entity_src_gen.plasmid_name                       ? 
_entity_src_gen.plasmid_details                    ? 
_entity_src_gen.pdbx_description                   ? 
# 
_struct_ref.id                         1 
_struct_ref.db_name                    UNP 
_struct_ref.db_code                    POL_HV1PV 
_struct_ref.entity_id                  1 
_struct_ref.pdbx_seq_one_letter_code   
;PQITLWQRPLVTIKIGGQLKEALLDTGADDTVLEEMSLPGRWKPKMIGGIGGFIKVRQYDQILIEICGHKAIGTVLVGPT
PVNIIGRNLLTQIGCTLNF
;
_struct_ref.pdbx_align_begin           69 
_struct_ref.pdbx_db_accession          P03368 
_struct_ref.pdbx_db_isoform            ? 
# 
loop_
_struct_ref_seq.align_id 
_struct_ref_seq.ref_id 
_struct_ref_seq.pdbx_PDB_id_code 
_struct_ref_seq.pdbx_strand_id 
_struct_ref_seq.seq_align_beg 
_struct_ref_seq.pdbx_seq_align_beg_ins_code 
_struct_ref_seq.seq_align_end 
_struct_ref_seq.pdbx_seq_align_end_ins_code 
_struct_ref_seq.pdbx_db_accession 
_struct_ref_seq.db_align_beg 
_struct_ref_seq.pdbx_db_align_beg_ins_code 
_struct_ref_seq.db_align_end 
_struct_ref_seq.pdbx_db_align_end_ins_code 
_struct_ref_seq.pdbx_auth_seq_align_beg 
_struct_ref_seq.pdbx_auth_seq_align_end 
1 1 1G35 A 1 ? 99 ? P03368 69 ? 167 ? 1 99 
2 1 1G35 B 1 ? 99 ? P03368 69 ? 167 ? 1 99 
# 
loop_
_chem_comp.id 
_chem_comp.type 
_chem_comp.mon_nstd_flag 
_chem_comp.name 
_chem_comp.pdbx_synonyms 
_chem_comp.formula 
_chem_comp.formula_weight 
AHF non-polymer         . 
;2-[4-(HYDROXY-METHOXY-METHYL)-BENZYL]-7-(4-HYDROXYMETHYL-BENZYL)-1,1-DIOXO-3,6-BIS-PHENOXYMETHYL-1LAMBDA6-[1,2,7]THIADIAZEPANE-4,5-DIOL
;
? 'C35 H40 N2 O9 S' 664.765 
ALA 'L-peptide linking' y ALANINE ? 'C3 H7 N O2'      89.093  
ARG 'L-peptide linking' y ARGININE ? 'C6 H15 N4 O2 1'  175.209 
ASN 'L-peptide linking' y ASPARAGINE ? 'C4 H8 N2 O3'     132.118 
ASP 'L-peptide linking' y 'ASPARTIC ACID' ? 'C4 H7 N O4'      133.103 
CYS 'L-peptide linking' y CYSTEINE ? 'C3 H7 N O2 S'    121.158 
GLN 'L-peptide linking' y GLUTAMINE ? 'C5 H10 N2 O3'    146.144 
GLU 'L-peptide linking' y 'GLUTAMIC ACID' ? 'C5 H9 N O4'      147.129 
GLY 'peptide linking'   y GLYCINE ? 'C2 H5 N O2'      75.067  
HIS 'L-peptide linking' y HISTIDINE ? 'C6 H10 N3 O2 1'  156.162 
HOH non-polymer         . WATER ? 'H2 O'            18.015  
ILE 'L-peptide linking' y ISOLEUCINE ? 'C6 H13 N O2'     131.173 
LEU 'L-peptide linking' y LEUCINE ? 'C6 H13 N O2'     131.173 
LYS 'L-peptide linking' y LYSINE ? 'C6 H15 N2 O2 1'  147.195 
MET 'L-peptide linking' y METHIONINE ? 'C5 H11 N O2 S'   149.211 
PHE 'L-peptide linking' y PHENYLALANINE ? 'C9 H11 N O2'     165.189 
PRO 'L-peptide linking' y PROLINE ? 'C5 H9 N O2'      115.130 
SER 'L-peptide linking' y SERINE ? 'C3 H7 N O3'      105.093 
THR 'L-peptide linking' y THREONINE ? 'C4 H9 N O3'      119.119 
TRP 'L-peptide linking' y TRYPTOPHAN ? 'C11 H12 N2 O2'   204.225 
TYR 'L-peptide linking' y TYROSINE ? 'C9 H11 N O3'     181.189 
VAL 'L-peptide linking' y VALINE ? 'C5 H11 N O2'     117.146 
# 
_exptl.entry_id          1G35 
_exptl.method            'X-RAY DIFFRACTION' 
_exptl.crystals_number   8 
# 
_exptl_crystal.id                    1 
_exptl_crystal.density_meas          ? 
_exptl_crystal.density_Matthews      2.76 
_exptl_crystal.density_percent_sol   55.39 
_exptl_crystal.description           ? 
# 
_exptl_crystal_grow.crystal_id      1 
_exptl_crystal_grow.method          'VAPOR DIFFUSION, HANGING DROP' 
_exptl_crystal_grow.temp            277 
_exptl_crystal_grow.temp_details    ? 
_exptl_crystal_grow.pH              5.5 
_exptl_crystal_grow.pdbx_details    '50 mM MES, 0.4 M NaCl, pH 5.5, VAPOR DIFFUSION, HANGING DROP, temperature 277K' 
_exptl_crystal_grow.pdbx_pH_range   . 
# 
_diffrn.id                     1 
_diffrn.ambient_temp           278 
_diffrn.ambient_temp_details   ? 
_diffrn.crystal_id             1 
# 
_diffrn_detector.diffrn_id              1 
_diffrn_detector.detector               'AREA DETECTOR' 
_diffrn_detector.type                   MARRESEARCH 
_diffrn_detector.pdbx_collection_date   1998-04-03 
_diffrn_detector.details                mirrors 
# 
_diffrn_radiation.diffrn_id                        1 
_diffrn_radiation.wavelength_id                    1 
_diffrn_radiation.pdbx_monochromatic_or_laue_m_l   M 
_diffrn_radiation.monochromator                    graphite 
_diffrn_radiation.pdbx_diffrn_protocol             'SINGLE WAVELENGTH' 
_diffrn_radiation.pdbx_scattering_type             x-ray 
# 
_diffrn_radiation_wavelength.id           1 
_diffrn_radiation_wavelength.wavelength   1.3750 
_diffrn_radiation_wavelength.wt           1.0 
# 
_diffrn_source.diffrn_id                   1 
_diffrn_source.source                      SYNCHROTRON 
_diffrn_source.type                        'MAX II BEAMLINE I711' 
_diffrn_source.pdbx_synchrotron_site       'MAX II' 
_diffrn_source.pdbx_synchrotron_beamline   I711 
_diffrn_source.pdbx_wavelength             ? 
_diffrn_source.pdbx_wavelength_list        1.3750 
# 
_reflns.entry_id                     1G35 
_reflns.observed_criterion_sigma_I   ? 
_reflns.observed_criterion_sigma_F   ? 
_reflns.d_resolution_low             50 
_reflns.d_resolution_high            1.8 
_reflns.number_obs                   19437 
_reflns.number_all                   22833 
_reflns.percent_possible_obs         85.1 
_reflns.pdbx_Rmerge_I_obs            0.0960000 
_reflns.pdbx_Rsym_value              ? 
_reflns.pdbx_netI_over_sigmaI        7.7 
_reflns.B_iso_Wilson_estimate        ? 
_reflns.pdbx_redundancy              15.3 
_reflns.R_free_details               ? 
_reflns.limit_h_max                  ? 
_reflns.limit_h_min                  ? 
_reflns.limit_k_max                  ? 
_reflns.limit_k_min                  ? 
_reflns.limit_l_max                  ? 
_reflns.limit_l_min                  ? 
_reflns.observed_criterion_F_max     ? 
_reflns.observed_criterion_F_min     ? 
_reflns.pdbx_diffrn_id               1 
_reflns.pdbx_ordinal                 1 
# 
_reflns_shell.d_res_high             1.8 
_reflns_shell.d_res_low              25.0 
_reflns_shell.percent_possible_all   80.2 
_reflns_shell.Rmerge_I_obs           0.3100000 
_reflns_shell.pdbx_Rsym_value        ? 
_reflns_shell.meanI_over_sigI_obs    ? 
_reflns_shell.pdbx_redundancy        1.16 
_reflns_shell.percent_possible_obs   ? 
_reflns_shell.number_unique_all      1795 
_reflns_shell.pdbx_diffrn_id         ? 
_reflns_shell.pdbx_ordinal           1 
# 
_refine.entry_id                                 1G35 
_refine.ls_number_reflns_obs                     19059 
_refine.ls_number_reflns_all                     22833 
_refine.pdbx_ls_sigma_I                          ? 
_refine.pdbx_ls_sigma_F                          ? 
_refine.pdbx_data_cutoff_high_absF               ? 
_refine.pdbx_data_cutoff_low_absF                ? 
_refine.ls_d_res_low                             50 
_refine.ls_d_res_high                            1.8 
_refine.ls_percent_reflns_obs                    83.5 
_refine.ls_R_factor_obs                          ? 
_refine.ls_R_factor_all                          0.1991000 
_refine.ls_R_factor_R_work                       0.1949000 
_refine.ls_R_factor_R_free                       0.2300000 
_refine.ls_R_factor_R_free_error                 ? 
_refine.ls_R_factor_R_free_error_details         ? 
_refine.ls_percent_reflns_R_free                 ? 
_refine.ls_number_reflns_R_free                  978 
_refine.ls_number_parameters                     ? 
_refine.ls_number_restraints                     ? 
_refine.occupancy_min                            ? 
_refine.occupancy_max                            ? 
_refine.B_iso_mean                               ? 
_refine.aniso_B[1][1]                            ? 
_refine.aniso_B[2][2]                            ? 
_refine.aniso_B[3][3]                            ? 
_refine.aniso_B[1][2]                            ? 
_refine.aniso_B[1][3]                            ? 
_refine.aniso_B[2][3]                            ? 
_refine.solvent_model_details                    ? 
_refine.solvent_model_param_ksol                 ? 
_refine.solvent_model_param_bsol                 ? 
_refine.pdbx_ls_cross_valid_method               THROUGHOUT 
_refine.details                                  ? 
_refine.pdbx_starting_model                      1ajx 
_refine.pdbx_method_to_determine_struct          'MOLECULAR REPLACEMENT' 
_refine.pdbx_isotropic_thermal_model             ? 
_refine.pdbx_stereochemistry_target_values       'Engh & Huber' 
_refine.pdbx_stereochem_target_val_spec_case     ? 
_refine.pdbx_R_Free_selection_details            Random 
_refine.pdbx_overall_ESU_R_Free                  ? 
_refine.overall_SU_B                             ? 
_refine.ls_redundancy_reflns_obs                 ? 
_refine.B_iso_min                                ? 
_refine.B_iso_max                                ? 
_refine.overall_SU_ML                            ? 
_refine.pdbx_overall_ESU_R                       ? 
_refine.pdbx_data_cutoff_high_rms_absF           ? 
_refine.correlation_coeff_Fo_to_Fc               ? 
_refine.correlation_coeff_Fo_to_Fc_free          ? 
_refine.overall_SU_R_Cruickshank_DPI             ? 
_refine.overall_SU_R_free                        ? 
_refine.pdbx_refine_id                           'X-RAY DIFFRACTION' 
_refine.pdbx_diffrn_id                           1 
_refine.pdbx_TLS_residual_ADP_flag               ? 
_refine.pdbx_solvent_vdw_probe_radii             ? 
_refine.pdbx_solvent_ion_probe_radii             ? 
_refine.pdbx_solvent_shrinkage_radii             ? 
_refine.pdbx_overall_phase_error                 ? 
_refine.pdbx_overall_SU_R_free_Cruickshank_DPI   ? 
_refine.pdbx_overall_SU_R_Blow_DPI               ? 
_refine.pdbx_overall_SU_R_free_Blow_DPI          ? 
# 
_refine_hist.pdbx_refine_id                   'X-RAY DIFFRACTION' 
_refine_hist.cycle_id                         LAST 
_refine_hist.pdbx_number_atoms_protein        1516 
_refine_hist.pdbx_number_atoms_nucleic_acid   0 
_refine_hist.pdbx_number_atoms_ligand         47 
_refine_hist.number_atoms_solvent             143 
_refine_hist.number_atoms_total               1706 
_refine_hist.d_res_high                       1.8 
_refine_hist.d_res_low                        50 
# 
loop_
_refine_ls_restr.type 
_refine_ls_restr.dev_ideal 
_refine_ls_restr.dev_ideal_target 
_refine_ls_restr.weight 
_refine_ls_restr.number 
_refine_ls_restr.pdbx_refine_id 
_refine_ls_restr.pdbx_restraint_function 
c_angle_deg 1.2005 ? ? ? 'X-RAY DIFFRACTION' ? 
c_bond_d    0.0058 ? ? ? 'X-RAY DIFFRACTION' ? 
# 
_refine_ls_shell.pdbx_total_number_of_bins_used   ? 
_refine_ls_shell.d_res_high                       1.8 
_refine_ls_shell.d_res_low                        50 
_refine_ls_shell.number_reflns_R_work             ? 
_refine_ls_shell.R_factor_R_work                  0.1949000 
_refine_ls_shell.percent_reflns_obs               85 
_refine_ls_shell.R_factor_R_free                  0.2307000 
_refine_ls_shell.R_factor_R_free_error            ? 
_refine_ls_shell.percent_reflns_R_free            ? 
_refine_ls_shell.number_reflns_R_free             978 
_refine_ls_shell.number_reflns_obs                19059 
_refine_ls_shell.redundancy_reflns_obs            ? 
_refine_ls_shell.number_reflns_all                ? 
_refine_ls_shell.pdbx_refine_id                   'X-RAY DIFFRACTION' 
_refine_ls_shell.R_factor_all                     ? 
# 
_struct.entry_id                  1G35 
_struct.title                     'CRYSTAL STRUCTURE OF HIV-1 PROTEASE IN COMPLEX WITH INHIBITOR, AHA024' 
_struct.pdbx_model_details        ? 
_struct.pdbx_CASP_flag            ? 
_struct.pdbx_model_type_details   ? 
# 
_struct_keywords.entry_id        1G35 
_struct_keywords.pdbx_keywords   HYDROLASE 
_struct_keywords.text            'Protein-inhibitor complex, HYDROLASE' 
# 
loop_
_struct_asym.id 
_struct_asym.pdbx_blank_PDB_chainid_flag 
_struct_asym.pdbx_modified 
_struct_asym.entity_id 
_struct_asym.details 
A N N 1 ? 
B N N 1 ? 
C N N 2 ? 
D N N 3 ? 
E N N 3 ? 
# 
_struct_biol.id                    1 
_struct_biol.pdbx_parent_biol_id   ? 
_struct_biol.details               ? 
# 
loop_
_struct_conf.conf_type_id 
_struct_conf.id 
_struct_conf.pdbx_PDB_helix_id 
_struct_conf.beg_label_comp_id 
_struct_conf.beg_label_asym_id 
_struct_conf.beg_label_seq_id 
_struct_conf.pdbx_beg_PDB_ins_code 
_struct_conf.end_label_comp_id 
_struct_conf.end_label_asym_id 
_struct_conf.end_label_seq_id 
_struct_conf.pdbx_end_PDB_ins_code 
_struct_conf.beg_auth_comp_id 
_struct_conf.beg_auth_asym_id 
_struct_conf.beg_auth_seq_id 
_struct_conf.end_auth_comp_id 
_struct_conf.end_auth_asym_id 
_struct_conf.end_auth_seq_id 
_struct_conf.pdbx_PDB_helix_class 
_struct_conf.details 
_struct_conf.pdbx_PDB_helix_length 
HELX_P HELX_P1 1 GLY A 86 ? THR A 91 ? GLY A 86 THR A 91 1 ? 6 
HELX_P HELX_P2 2 GLN A 92 ? GLY A 94 ? GLN A 92 GLY A 94 5 ? 3 
HELX_P HELX_P3 3 GLY B 86 ? THR B 91 ? GLY B 86 THR B 91 1 ? 6 
# 
_struct_conf_type.id          HELX_P 
_struct_conf_type.criteria    ? 
_struct_conf_type.reference   ? 
# 
loop_
_struct_sheet.id 
_struct_sheet.type 
_struct_sheet.number_strands 
_struct_sheet.details 
A ? 4 ? 
B ? 8 ? 
C ? 8 ? 
# 
loop_
_struct_sheet_order.sheet_id 
_struct_sheet_order.range_id_1 
_struct_sheet_order.range_id_2 
_struct_sheet_order.offset 
_struct_sheet_order.sense 
A 1 2 ? anti-parallel 
A 2 3 ? anti-parallel 
A 3 4 ? anti-parallel 
B 1 2 ? anti-parallel 
B 2 3 ? anti-parallel 
B 3 4 ? parallel      
B 4 5 ? anti-parallel 
B 5 6 ? parallel      
B 6 7 ? anti-parallel 
B 7 8 ? anti-parallel 
C 1 2 ? anti-parallel 
C 2 3 ? anti-parallel 
C 3 4 ? parallel      
C 4 5 ? anti-parallel 
C 5 6 ? parallel      
C 6 7 ? anti-parallel 
C 7 8 ? anti-parallel 
# 
loop_
_struct_sheet_range.sheet_id 
_struct_sheet_range.id 
_struct_sheet_range.beg_label_comp_id 
_struct_sheet_range.beg_label_asym_id 
_struct_sheet_range.beg_label_seq_id 
_struct_sheet_range.pdbx_beg_PDB_ins_code 
_struct_sheet_range.end_label_comp_id 
_struct_sheet_range.end_label_asym_id 
_struct_sheet_range.end_label_seq_id 
_struct_sheet_range.pdbx_end_PDB_ins_code 
_struct_sheet_range.beg_auth_comp_id 
_struct_sheet_range.beg_auth_asym_id 
_struct_sheet_range.beg_auth_seq_id 
_struct_sheet_range.end_auth_comp_id 
_struct_sheet_range.end_auth_asym_id 
_struct_sheet_range.end_auth_seq_id 
A 1 GLN A 2  ? ILE A 3  ? GLN A 2  ILE A 3  
A 2 THR B 96 ? ASN B 98 ? THR B 96 ASN B 98 
A 3 THR A 96 ? ASN A 98 ? THR A 96 ASN A 98 
A 4 GLN B 2  ? ILE B 3  ? GLN B 2  ILE B 3  
B 1 LYS A 43 ? GLY A 49 ? LYS A 43 GLY A 49 
B 2 GLY A 52 ? ILE A 66 ? GLY A 52 ILE A 66 
B 3 HIS A 69 ? VAL A 77 ? HIS A 69 VAL A 77 
B 4 THR A 31 ? LEU A 33 ? THR A 31 LEU A 33 
B 5 ILE A 84 ? ILE A 85 ? ILE A 84 ILE A 85 
B 6 GLN A 18 ? LEU A 24 ? GLN A 18 LEU A 24 
B 7 LEU A 10 ? ILE A 15 ? LEU A 10 ILE A 15 
B 8 GLY A 52 ? ILE A 66 ? GLY A 52 ILE A 66 
C 1 LYS B 43 ? GLY B 49 ? LYS B 43 GLY B 49 
C 2 GLY B 52 ? ILE B 66 ? GLY B 52 ILE B 66 
C 3 HIS B 69 ? VAL B 77 ? HIS B 69 VAL B 77 
C 4 VAL B 32 ? LEU B 33 ? VAL B 32 LEU B 33 
C 5 ILE B 84 ? ILE B 85 ? ILE B 84 ILE B 85 
C 6 GLN B 18 ? LEU B 24 ? GLN B 18 LEU B 24 
C 7 LEU B 10 ? ILE B 15 ? LEU B 10 ILE B 15 
C 8 GLY B 52 ? ILE B 66 ? GLY B 52 ILE B 66 
# 
loop_
_pdbx_struct_sheet_hbond.sheet_id 
_pdbx_struct_sheet_hbond.range_id_1 
_pdbx_struct_sheet_hbond.range_id_2 
_pdbx_struct_sheet_hbond.range_1_label_atom_id 
_pdbx_struct_sheet_hbond.range_1_label_comp_id 
_pdbx_struct_sheet_hbond.range_1_label_asym_id 
_pdbx_struct_sheet_hbond.range_1_label_seq_id 
_pdbx_struct_sheet_hbond.range_1_PDB_ins_code 
_pdbx_struct_sheet_hbond.range_1_auth_atom_id 
_pdbx_struct_sheet_hbond.range_1_auth_comp_id 
_pdbx_struct_sheet_hbond.range_1_auth_asym_id 
_pdbx_struct_sheet_hbond.range_1_auth_seq_id 
_pdbx_struct_sheet_hbond.range_2_label_atom_id 
_pdbx_struct_sheet_hbond.range_2_label_comp_id 
_pdbx_struct_sheet_hbond.range_2_label_asym_id 
_pdbx_struct_sheet_hbond.range_2_label_seq_id 
_pdbx_struct_sheet_hbond.range_2_PDB_ins_code 
_pdbx_struct_sheet_hbond.range_2_auth_atom_id 
_pdbx_struct_sheet_hbond.range_2_auth_comp_id 
_pdbx_struct_sheet_hbond.range_2_auth_asym_id 
_pdbx_struct_sheet_hbond.range_2_auth_seq_id 
A 1 2 N ILE A 3  ? N ILE A 3  O LEU B 97 ? O LEU B 97 
A 2 3 O ASN B 98 ? O ASN B 98 N THR A 96 ? N THR A 96 
A 3 4 O LEU A 97 ? O LEU A 97 N ILE B 3  ? N ILE B 3  
B 1 2 O GLY A 49 ? O GLY A 49 N GLY A 52 ? N GLY A 52 
B 2 3 N ILE A 66 ? N ILE A 66 O HIS A 69 ? O HIS A 69 
B 3 4 N LEU A 76 ? N LEU A 76 O THR A 31 ? O THR A 31 
B 4 5 O VAL A 32 ? O VAL A 32 N ILE A 84 ? N ILE A 84 
B 5 6 N ILE A 85 ? N ILE A 85 O LEU A 23 ? O LEU A 23 
B 6 7 O ALA A 22 ? O ALA A 22 N VAL A 11 ? N VAL A 11 
B 7 8 O LYS A 14 ? O LYS A 14 N GLU A 65 ? N GLU A 65 
C 1 2 N GLY B 49 ? N GLY B 49 O GLY B 52 ? O GLY B 52 
C 2 3 N ILE B 66 ? N ILE B 66 O HIS B 69 ? O HIS B 69 
C 3 4 O LEU B 76 ? O LEU B 76 N LEU B 33 ? N LEU B 33 
C 4 5 O VAL B 32 ? O VAL B 32 N ILE B 84 ? N ILE B 84 
C 5 6 N ILE B 85 ? N ILE B 85 O LEU B 23 ? O LEU B 23 
C 6 7 O ALA B 22 ? O ALA B 22 N VAL B 11 ? N VAL B 11 
C 7 8 O LYS B 14 ? O LYS B 14 N GLU B 65 ? N GLU B 65 
# 
_struct_site.id                   AC1 
_struct_site.pdbx_evidence_code   Software 
_struct_site.pdbx_auth_asym_id    B 
_struct_site.pdbx_auth_comp_id    AHF 
_struct_site.pdbx_auth_seq_id     501 
_struct_site.pdbx_auth_ins_code   ? 
_struct_site.pdbx_num_residues    20 
_struct_site.details              'BINDING SITE FOR RESIDUE AHF B 501' 
# 
loop_
_struct_site_gen.id 
_struct_site_gen.site_id 
_struct_site_gen.pdbx_num_res 
_struct_site_gen.label_comp_id 
_struct_site_gen.label_asym_id 
_struct_site_gen.label_seq_id 
_struct_site_gen.pdbx_auth_ins_code 
_struct_site_gen.auth_comp_id 
_struct_site_gen.auth_asym_id 
_struct_site_gen.auth_seq_id 
_struct_site_gen.label_atom_id 
_struct_site_gen.label_alt_id 
_struct_site_gen.symmetry 
_struct_site_gen.details 
1  AC1 20 ARG A 8  ? ARG A 8   . ? 1_555 ? 
2  AC1 20 ASP A 25 ? ASP A 25  . ? 1_555 ? 
3  AC1 20 GLY A 27 ? GLY A 27  . ? 1_555 ? 
4  AC1 20 ALA A 28 ? ALA A 28  . ? 1_555 ? 
5  AC1 20 ASP A 29 ? ASP A 29  . ? 1_555 ? 
6  AC1 20 ASP A 30 ? ASP A 30  . ? 1_555 ? 
7  AC1 20 GLY A 48 ? GLY A 48  . ? 1_555 ? 
8  AC1 20 ILE A 50 ? ILE A 50  . ? 1_555 ? 
9  AC1 20 PRO A 81 ? PRO A 81  . ? 1_555 ? 
10 AC1 20 ARG B 8  ? ARG B 8   . ? 1_555 ? 
11 AC1 20 ASP B 25 ? ASP B 25  . ? 1_555 ? 
12 AC1 20 GLY B 27 ? GLY B 27  . ? 1_555 ? 
13 AC1 20 ALA B 28 ? ALA B 28  . ? 1_555 ? 
14 AC1 20 ASP B 30 ? ASP B 30  . ? 1_555 ? 
15 AC1 20 VAL B 32 ? VAL B 32  . ? 1_555 ? 
16 AC1 20 GLY B 48 ? GLY B 48  . ? 1_555 ? 
17 AC1 20 GLY B 49 ? GLY B 49  . ? 1_555 ? 
18 AC1 20 ILE B 50 ? ILE B 50  . ? 1_555 ? 
19 AC1 20 HOH E .  ? HOH B 654 . ? 1_555 ? 
20 AC1 20 HOH E .  ? HOH B 707 . ? 1_555 ? 
# 
_atom_sites.entry_id                    1G35 
_atom_sites.fract_transf_matrix[1][1]   0.00956812 
_atom_sites.fract_transf_matrix[1][2]   -0.00598294 
_atom_sites.fract_transf_matrix[1][3]   0.01283979 
_atom_sites.fract_transf_matrix[2][1]   -0.00926681 
_atom_sites.fract_transf_matrix[2][2]   -0.00018508 
_atom_sites.fract_transf_matrix[2][3]   0.00681932 
_atom_sites.fract_transf_matrix[3][1]   -0.00416501 
_atom_sites.fract_transf_matrix[3][2]   -0.01997041 
_atom_sites.fract_transf_matrix[3][3]   -0.00620186 
_atom_sites.fract_transf_vector[1]      0.267990 
_atom_sites.fract_transf_vector[2]      0.307138 
_atom_sites.fract_transf_vector[3]      0.077463 
# 
loop_
_atom_type.symbol 
C 
N 
O 
S 
# 
loop_
_atom_site.group_PDB 
_atom_site.id 
_atom_site.type_symbol 
_atom_site.label_atom_id 
_atom_site.label_alt_id 
_atom_site.label_comp_id 
_atom_site.label_asym_id 
_atom_site.label_entity_id 
_atom_site.label_seq_id 
_atom_site.pdbx_PDB_ins_code 
_atom_site.Cartn_x 
_atom_site.Cartn_y 
_atom_site.Cartn_z 
_atom_site.occupancy 
_atom_site.B_iso_or_equiv 
_atom_site.pdbx_formal_charge 
_atom_site.auth_seq_id 
_atom_site.auth_comp_id 
_atom_site.auth_asym_id 
_atom_site.auth_atom_id 
_atom_site.pdbx_PDB_model_num 
ATOM   1    N N   . PRO A 1 1  ? -3.678  -6.335  17.709  1.00 26.86 ? 1   PRO A N   1 
ATOM   2    C CA  . PRO A 1 1  ? -2.246  -6.150  18.028  1.00 26.78 ? 1   PRO A CA  1 
ATOM   3    C C   . PRO A 1 1  ? -1.712  -4.871  17.399  1.00 25.67 ? 1   PRO A C   1 
ATOM   4    O O   . PRO A 1 1  ? -2.418  -4.193  16.655  1.00 24.39 ? 1   PRO A O   1 
ATOM   5    C CB  . PRO A 1 1  ? -1.511  -7.353  17.460  1.00 27.19 ? 1   PRO A CB  1 
ATOM   6    C CG  . PRO A 1 1  ? -2.409  -7.699  16.270  1.00 27.64 ? 1   PRO A CG  1 
ATOM   7    C CD  . PRO A 1 1  ? -3.837  -7.490  16.803  1.00 27.25 ? 1   PRO A CD  1 
ATOM   8    N N   . GLN A 1 2  ? -0.466  -4.543  17.720  1.00 24.24 ? 2   GLN A N   1 
ATOM   9    C CA  . GLN A 1 2  ? 0.178   -3.372  17.151  1.00 24.53 ? 2   GLN A CA  1 
ATOM   10   C C   . GLN A 1 2  ? 1.263   -3.917  16.235  1.00 23.65 ? 2   GLN A C   1 
ATOM   11   O O   . GLN A 1 2  ? 2.143   -4.665  16.666  1.00 23.53 ? 2   GLN A O   1 
ATOM   12   C CB  . GLN A 1 2  ? 0.800   -2.489  18.236  1.00 26.86 ? 2   GLN A CB  1 
ATOM   13   C CG  . GLN A 1 2  ? 1.307   -1.159  17.694  1.00 29.76 ? 2   GLN A CG  1 
ATOM   14   C CD  . GLN A 1 2  ? 1.858   -0.243  18.770  1.00 31.78 ? 2   GLN A CD  1 
ATOM   15   O OE1 . GLN A 1 2  ? 2.951   -0.462  19.291  1.00 33.58 ? 2   GLN A OE1 1 
ATOM   16   N NE2 . GLN A 1 2  ? 1.096   0.793   19.110  1.00 32.69 ? 2   GLN A NE2 1 
ATOM   17   N N   . ILE A 1 3  ? 1.190   -3.555  14.962  1.00 21.34 ? 3   ILE A N   1 
ATOM   18   C CA  . ILE A 1 3  ? 2.158   -4.032  13.995  1.00 18.88 ? 3   ILE A CA  1 
ATOM   19   C C   . ILE A 1 3  ? 3.109   -2.912  13.604  1.00 18.85 ? 3   ILE A C   1 
ATOM   20   O O   . ILE A 1 3  ? 2.683   -1.858  13.133  1.00 16.60 ? 3   ILE A O   1 
ATOM   21   C CB  . ILE A 1 3  ? 1.438   -4.588  12.748  1.00 19.50 ? 3   ILE A CB  1 
ATOM   22   C CG1 . ILE A 1 3  ? 0.516   -5.738  13.166  1.00 21.36 ? 3   ILE A CG1 1 
ATOM   23   C CG2 . ILE A 1 3  ? 2.447   -5.081  11.724  1.00 19.64 ? 3   ILE A CG2 1 
ATOM   24   C CD1 . ILE A 1 3  ? -0.317  -6.311  12.036  1.00 22.67 ? 3   ILE A CD1 1 
ATOM   25   N N   . THR A 1 4  ? 4.401   -3.136  13.828  1.00 17.59 ? 4   THR A N   1 
ATOM   26   C CA  . THR A 1 4  ? 5.400   -2.137  13.480  1.00 18.73 ? 4   THR A CA  1 
ATOM   27   C C   . THR A 1 4  ? 5.730   -2.313  12.007  1.00 17.17 ? 4   THR A C   1 
ATOM   28   O O   . THR A 1 4  ? 5.486   -3.376  11.429  1.00 16.51 ? 4   THR A O   1 
ATOM   29   C CB  . THR A 1 4  ? 6.678   -2.291  14.322  1.00 19.97 ? 4   THR A CB  1 
ATOM   30   O OG1 . THR A 1 4  ? 7.255   -3.579  14.088  1.00 24.11 ? 4   THR A OG1 1 
ATOM   31   C CG2 . THR A 1 4  ? 6.348   -2.143  15.806  1.00 24.80 ? 4   THR A CG2 1 
ATOM   32   N N   . LEU A 1 5  ? 6.293   -1.276  11.401  1.00 14.39 ? 5   LEU A N   1 
ATOM   33   C CA  . LEU A 1 5  ? 6.596   -1.331  9.982   1.00 12.75 ? 5   LEU A CA  1 
ATOM   34   C C   . LEU A 1 5  ? 8.073   -1.475  9.621   1.00 11.52 ? 5   LEU A C   1 
ATOM   35   O O   . LEU A 1 5  ? 8.482   -1.085  8.530   1.00 12.13 ? 5   LEU A O   1 
ATOM   36   C CB  . LEU A 1 5  ? 5.984   -0.103  9.294   1.00 12.64 ? 5   LEU A CB  1 
ATOM   37   C CG  . LEU A 1 5  ? 4.468   0.031   9.524   1.00 15.41 ? 5   LEU A CG  1 
ATOM   38   C CD1 . LEU A 1 5  ? 3.948   1.336   8.941   1.00 12.49 ? 5   LEU A CD1 1 
ATOM   39   C CD2 . LEU A 1 5  ? 3.750   -1.154  8.903   1.00 16.82 ? 5   LEU A CD2 1 
ATOM   40   N N   . TRP A 1 6  ? 8.865   -2.038  10.531  1.00 11.97 ? 6   TRP A N   1 
ATOM   41   C CA  . TRP A 1 6  ? 10.285  -2.266  10.265  1.00 13.24 ? 6   TRP A CA  1 
ATOM   42   C C   . TRP A 1 6  ? 10.388  -3.312  9.168   1.00 13.20 ? 6   TRP A C   1 
ATOM   43   O O   . TRP A 1 6  ? 11.343  -3.325  8.399   1.00 13.03 ? 6   TRP A O   1 
ATOM   44   C CB  . TRP A 1 6  ? 11.004  -2.800  11.506  1.00 14.04 ? 6   TRP A CB  1 
ATOM   45   C CG  . TRP A 1 6  ? 11.177  -1.807  12.594  1.00 16.44 ? 6   TRP A CG  1 
ATOM   46   C CD1 . TRP A 1 6  ? 10.564  -1.814  13.813  1.00 18.09 ? 6   TRP A CD1 1 
ATOM   47   C CD2 . TRP A 1 6  ? 12.047  -0.674  12.587  1.00 18.20 ? 6   TRP A CD2 1 
ATOM   48   N NE1 . TRP A 1 6  ? 11.002  -0.756  14.568  1.00 21.55 ? 6   TRP A NE1 1 
ATOM   49   C CE2 . TRP A 1 6  ? 11.914  -0.039  13.839  1.00 19.49 ? 6   TRP A CE2 1 
ATOM   50   C CE3 . TRP A 1 6  ? 12.929  -0.134  11.645  1.00 17.71 ? 6   TRP A CE3 1 
ATOM   51   C CZ2 . TRP A 1 6  ? 12.630  1.111   14.176  1.00 21.13 ? 6   TRP A CZ2 1 
ATOM   52   C CZ3 . TRP A 1 6  ? 13.643  1.012   11.981  1.00 19.91 ? 6   TRP A CZ3 1 
ATOM   53   C CH2 . TRP A 1 6  ? 13.487  1.620   13.236  1.00 19.15 ? 6   TRP A CH2 1 
ATOM   54   N N   . GLN A 1 7  ? 9.405   -4.204  9.129   1.00 12.79 ? 7   GLN A N   1 
ATOM   55   C CA  . GLN A 1 7  ? 9.342   -5.261  8.122   1.00 14.65 ? 7   GLN A CA  1 
ATOM   56   C C   . GLN A 1 7  ? 7.973   -5.160  7.461   1.00 13.63 ? 7   GLN A C   1 
ATOM   57   O O   . GLN A 1 7  ? 7.088   -4.483  7.979   1.00 12.06 ? 7   GLN A O   1 
ATOM   58   C CB  . GLN A 1 7  ? 9.478   -6.649  8.768   1.00 17.41 ? 7   GLN A CB  1 
ATOM   59   C CG  . GLN A 1 7  ? 10.837  -6.959  9.405   1.00 21.31 ? 7   GLN A CG  1 
ATOM   60   C CD  . GLN A 1 7  ? 10.972  -6.433  10.826  1.00 24.35 ? 7   GLN A CD  1 
ATOM   61   O OE1 . GLN A 1 7  ? 10.073  -6.602  11.652  1.00 26.76 ? 7   GLN A OE1 1 
ATOM   62   N NE2 . GLN A 1 7  ? 12.108  -5.812  11.123  1.00 25.98 ? 7   GLN A NE2 1 
ATOM   63   N N   . ARG A 1 8  ? 7.804   -5.832  6.324   1.00 13.71 ? 8   ARG A N   1 
ATOM   64   C CA  . ARG A 1 8  ? 6.524   -5.832  5.620   1.00 13.12 ? 8   ARG A CA  1 
ATOM   65   C C   . ARG A 1 8  ? 5.456   -6.407  6.538   1.00 14.54 ? 8   ARG A C   1 
ATOM   66   O O   . ARG A 1 8  ? 5.690   -7.411  7.218   1.00 13.85 ? 8   ARG A O   1 
ATOM   67   C CB  . ARG A 1 8  ? 6.595   -6.692  4.356   1.00 14.53 ? 8   ARG A CB  1 
ATOM   68   C CG  . ARG A 1 8  ? 7.528   -6.168  3.285   1.00 17.68 ? 8   ARG A CG  1 
ATOM   69   C CD  . ARG A 1 8  ? 7.336   -6.936  1.979   1.00 21.83 ? 8   ARG A CD  1 
ATOM   70   N NE  . ARG A 1 8  ? 7.938   -6.234  0.850   1.00 24.26 ? 8   ARG A NE  1 
ATOM   71   C CZ  . ARG A 1 8  ? 7.707   -6.528  -0.425  1.00 28.44 ? 8   ARG A CZ  1 
ATOM   72   N NH1 . ARG A 1 8  ? 6.883   -7.519  -0.743  1.00 30.52 ? 8   ARG A NH1 1 
ATOM   73   N NH2 . ARG A 1 8  ? 8.293   -5.821  -1.383  1.00 28.79 ? 8   ARG A NH2 1 
ATOM   74   N N   . PRO A 1 9  ? 4.272   -5.776  6.581   1.00 12.71 ? 9   PRO A N   1 
ATOM   75   C CA  . PRO A 1 9  ? 3.198   -6.277  7.445   1.00 13.63 ? 9   PRO A CA  1 
ATOM   76   C C   . PRO A 1 9  ? 2.481   -7.471  6.815   1.00 15.89 ? 9   PRO A C   1 
ATOM   77   O O   . PRO A 1 9  ? 1.426   -7.327  6.197   1.00 14.92 ? 9   PRO A O   1 
ATOM   78   C CB  . PRO A 1 9  ? 2.291   -5.061  7.604   1.00 13.40 ? 9   PRO A CB  1 
ATOM   79   C CG  . PRO A 1 9  ? 2.437   -4.364  6.291   1.00 11.27 ? 9   PRO A CG  1 
ATOM   80   C CD  . PRO A 1 9  ? 3.928   -4.457  6.018   1.00 12.45 ? 9   PRO A CD  1 
ATOM   81   N N   . LEU A 1 10 ? 3.068   -8.653  6.979   1.00 16.12 ? 10  LEU A N   1 
ATOM   82   C CA  . LEU A 1 10 ? 2.497   -9.874  6.421   1.00 18.34 ? 10  LEU A CA  1 
ATOM   83   C C   . LEU A 1 10 ? 1.685   -10.637 7.452   1.00 18.45 ? 10  LEU A C   1 
ATOM   84   O O   . LEU A 1 10 ? 2.088   -10.765 8.610   1.00 20.21 ? 10  LEU A O   1 
ATOM   85   C CB  . LEU A 1 10 ? 3.611   -10.773 5.874   1.00 19.40 ? 10  LEU A CB  1 
ATOM   86   C CG  . LEU A 1 10 ? 4.467   -10.186 4.752   1.00 21.49 ? 10  LEU A CG  1 
ATOM   87   C CD1 . LEU A 1 10 ? 5.517   -11.204 4.329   1.00 23.84 ? 10  LEU A CD1 1 
ATOM   88   C CD2 . LEU A 1 10 ? 3.587   -9.815  3.562   1.00 23.10 ? 10  LEU A CD2 1 
ATOM   89   N N   . VAL A 1 11 ? 0.531   -11.142 7.029   1.00 18.79 ? 11  VAL A N   1 
ATOM   90   C CA  . VAL A 1 11 ? -0.336  -11.893 7.923   1.00 18.88 ? 11  VAL A CA  1 
ATOM   91   C C   . VAL A 1 11 ? -0.890  -13.135 7.247   1.00 19.41 ? 11  VAL A C   1 
ATOM   92   O O   . VAL A 1 11 ? -0.805  -13.290 6.027   1.00 18.87 ? 11  VAL A O   1 
ATOM   93   C CB  . VAL A 1 11 ? -1.529  -11.033 8.414   1.00 20.12 ? 11  VAL A CB  1 
ATOM   94   C CG1 . VAL A 1 11 ? -1.020  -9.789  9.124   1.00 21.11 ? 11  VAL A CG1 1 
ATOM   95   C CG2 . VAL A 1 11 ? -2.421  -10.653 7.244   1.00 20.82 ? 11  VAL A CG2 1 
ATOM   96   N N   . THR A 1 12 ? -1.453  -14.025 8.055   1.00 20.71 ? 12  THR A N   1 
ATOM   97   C CA  . THR A 1 12 ? -2.047  -15.248 7.545   1.00 20.95 ? 12  THR A CA  1 
ATOM   98   C C   . THR A 1 12 ? -3.542  -15.015 7.385   1.00 19.62 ? 12  THR A C   1 
ATOM   99   O O   . THR A 1 12 ? -4.187  -14.465 8.273   1.00 21.00 ? 12  THR A O   1 
ATOM   100  C CB  . THR A 1 12 ? -1.842  -16.422 8.525   1.00 22.97 ? 12  THR A CB  1 
ATOM   101  O OG1 . THR A 1 12 ? -0.441  -16.628 8.739   1.00 24.97 ? 12  THR A OG1 1 
ATOM   102  C CG2 . THR A 1 12 ? -2.456  -17.695 7.964   1.00 24.53 ? 12  THR A CG2 1 
ATOM   103  N N   . ILE A 1 13 ? -4.090  -15.407 6.243   1.00 18.59 ? 13  ILE A N   1 
ATOM   104  C CA  . ILE A 1 13 ? -5.517  -15.256 6.019   1.00 19.31 ? 13  ILE A CA  1 
ATOM   105  C C   . ILE A 1 13 ? -6.065  -16.623 5.633   1.00 19.50 ? 13  ILE A C   1 
ATOM   106  O O   . ILE A 1 13 ? -5.319  -17.491 5.180   1.00 19.25 ? 13  ILE A O   1 
ATOM   107  C CB  . ILE A 1 13 ? -5.840  -14.259 4.878   1.00 19.27 ? 13  ILE A CB  1 
ATOM   108  C CG1 . ILE A 1 13 ? -5.339  -14.810 3.540   1.00 18.98 ? 13  ILE A CG1 1 
ATOM   109  C CG2 . ILE A 1 13 ? -5.201  -12.898 5.168   1.00 18.22 ? 13  ILE A CG2 1 
ATOM   110  C CD1 . ILE A 1 13 ? -5.830  -14.036 2.341   1.00 17.76 ? 13  ILE A CD1 1 
ATOM   111  N N   . LYS A 1 14 ? -7.363  -16.807 5.830   1.00 20.32 ? 14  LYS A N   1 
ATOM   112  C CA  . LYS A 1 14 ? -8.027  -18.054 5.482   1.00 22.20 ? 14  LYS A CA  1 
ATOM   113  C C   . LYS A 1 14 ? -9.159  -17.704 4.526   1.00 21.69 ? 14  LYS A C   1 
ATOM   114  O O   . LYS A 1 14 ? -10.032 -16.895 4.852   1.00 21.75 ? 14  LYS A O   1 
ATOM   115  C CB  . LYS A 1 14 ? -8.585  -18.735 6.735   1.00 23.79 ? 14  LYS A CB  1 
ATOM   116  C CG  . LYS A 1 14 ? -9.250  -20.079 6.462   1.00 29.14 ? 14  LYS A CG  1 
ATOM   117  C CD  . LYS A 1 14 ? -9.799  -20.700 7.742   1.00 32.67 ? 14  LYS A CD  1 
ATOM   118  C CE  . LYS A 1 14 ? -10.552 -21.997 7.463   1.00 34.64 ? 14  LYS A CE  1 
ATOM   119  N NZ  . LYS A 1 14 ? -9.687  -23.040 6.841   1.00 36.47 ? 14  LYS A NZ  1 
ATOM   120  N N   . ILE A 1 15 ? -9.125  -18.296 3.337   1.00 21.58 ? 15  ILE A N   1 
ATOM   121  C CA  . ILE A 1 15 ? -10.137 -18.042 2.320   1.00 24.40 ? 15  ILE A CA  1 
ATOM   122  C C   . ILE A 1 15 ? -10.368 -19.299 1.490   1.00 27.15 ? 15  ILE A C   1 
ATOM   123  O O   . ILE A 1 15 ? -9.434  -19.860 0.920   1.00 28.27 ? 15  ILE A O   1 
ATOM   124  C CB  . ILE A 1 15 ? -9.708  -16.878 1.390   1.00 24.38 ? 15  ILE A CB  1 
ATOM   125  C CG1 . ILE A 1 15 ? -10.731 -16.700 0.267   1.00 24.90 ? 15  ILE A CG1 1 
ATOM   126  C CG2 . ILE A 1 15 ? -8.315  -17.145 0.820   1.00 25.63 ? 15  ILE A CG2 1 
ATOM   127  C CD1 . ILE A 1 15 ? -10.428 -15.539 -0.657  1.00 24.23 ? 15  ILE A CD1 1 
ATOM   128  N N   . GLY A 1 16 ? -11.618 -19.742 1.430   1.00 30.13 ? 16  GLY A N   1 
ATOM   129  C CA  . GLY A 1 16 ? -11.941 -20.939 0.673   1.00 32.48 ? 16  GLY A CA  1 
ATOM   130  C C   . GLY A 1 16 ? -11.319 -22.170 1.303   1.00 33.68 ? 16  GLY A C   1 
ATOM   131  O O   . GLY A 1 16 ? -11.018 -23.146 0.612   1.00 35.04 ? 16  GLY A O   1 
ATOM   132  N N   . GLY A 1 17 ? -11.126 -22.126 2.617   1.00 34.50 ? 17  GLY A N   1 
ATOM   133  C CA  . GLY A 1 17 ? -10.532 -23.249 3.321   1.00 35.25 ? 17  GLY A CA  1 
ATOM   134  C C   . GLY A 1 17 ? -9.039  -23.364 3.071   1.00 35.52 ? 17  GLY A C   1 
ATOM   135  O O   . GLY A 1 17 ? -8.423  -24.392 3.370   1.00 35.43 ? 17  GLY A O   1 
ATOM   136  N N   . GLN A 1 18 ? -8.455  -22.305 2.516   1.00 34.22 ? 18  GLN A N   1 
ATOM   137  C CA  . GLN A 1 18 ? -7.028  -22.273 2.219   1.00 32.95 ? 18  GLN A CA  1 
ATOM   138  C C   . GLN A 1 18 ? -6.331  -21.190 3.039   1.00 31.76 ? 18  GLN A C   1 
ATOM   139  O O   . GLN A 1 18 ? -6.863  -20.094 3.209   1.00 29.75 ? 18  GLN A O   1 
ATOM   140  C CB  . GLN A 1 18 ? -6.804  -21.988 0.731   1.00 34.73 ? 18  GLN A CB  1 
ATOM   141  C CG  . GLN A 1 18 ? -7.380  -23.027 -0.220  1.00 37.34 ? 18  GLN A CG  1 
ATOM   142  C CD  . GLN A 1 18 ? -7.213  -22.635 -1.681  1.00 39.09 ? 18  GLN A CD  1 
ATOM   143  O OE1 . GLN A 1 18 ? -6.099  -22.381 -2.146  1.00 39.13 ? 18  GLN A OE1 1 
ATOM   144  N NE2 . GLN A 1 18 ? -8.322  -22.587 -2.412  1.00 41.33 ? 18  GLN A NE2 1 
ATOM   145  N N   . LEU A 1 19 ? -5.146  -21.503 3.552   1.00 30.79 ? 19  LEU A N   1 
ATOM   146  C CA  . LEU A 1 19 ? -4.373  -20.534 4.324   1.00 29.98 ? 19  LEU A CA  1 
ATOM   147  C C   . LEU A 1 19 ? -3.335  -19.916 3.398   1.00 29.16 ? 19  LEU A C   1 
ATOM   148  O O   . LEU A 1 19 ? -2.606  -20.632 2.708   1.00 29.80 ? 19  LEU A O   1 
ATOM   149  C CB  . LEU A 1 19 ? -3.668  -21.205 5.505   1.00 31.05 ? 19  LEU A CB  1 
ATOM   150  C CG  . LEU A 1 19 ? -4.515  -21.644 6.702   1.00 32.54 ? 19  LEU A CG  1 
ATOM   151  C CD1 . LEU A 1 19 ? -3.601  -22.223 7.770   1.00 33.79 ? 19  LEU A CD1 1 
ATOM   152  C CD2 . LEU A 1 19 ? -5.296  -20.463 7.263   1.00 32.20 ? 19  LEU A CD2 1 
ATOM   153  N N   . LYS A 1 20 ? -3.273  -18.587 3.386   1.00 26.72 ? 20  LYS A N   1 
ATOM   154  C CA  . LYS A 1 20 ? -2.333  -17.859 2.539   1.00 24.81 ? 20  LYS A CA  1 
ATOM   155  C C   . LYS A 1 20 ? -1.684  -16.719 3.320   1.00 22.79 ? 20  LYS A C   1 
ATOM   156  O O   . LYS A 1 20 ? -2.171  -16.322 4.377   1.00 22.50 ? 20  LYS A O   1 
ATOM   157  C CB  . LYS A 1 20 ? -3.060  -17.268 1.325   1.00 24.94 ? 20  LYS A CB  1 
ATOM   158  C CG  . LYS A 1 20 ? -3.706  -18.282 0.395   1.00 27.35 ? 20  LYS A CG  1 
ATOM   159  C CD  . LYS A 1 20 ? -4.527  -17.578 -0.676  1.00 28.69 ? 20  LYS A CD  1 
ATOM   160  C CE  . LYS A 1 20 ? -4.973  -18.533 -1.774  1.00 31.18 ? 20  LYS A CE  1 
ATOM   161  N NZ  . LYS A 1 20 ? -3.830  -19.001 -2.615  1.00 32.14 ? 20  LYS A NZ  1 
ATOM   162  N N   . GLU A 1 21 ? -0.579  -16.204 2.794   1.00 21.54 ? 21  GLU A N   1 
ATOM   163  C CA  . GLU A 1 21 ? 0.116   -15.086 3.421   1.00 19.16 ? 21  GLU A CA  1 
ATOM   164  C C   . GLU A 1 21 ? -0.261  -13.849 2.602   1.00 17.84 ? 21  GLU A C   1 
ATOM   165  O O   . GLU A 1 21 ? -0.242  -13.880 1.367   1.00 18.26 ? 21  GLU A O   1 
ATOM   166  C CB  . GLU A 1 21 ? 1.633   -15.307 3.396   1.00 22.60 ? 21  GLU A CB  1 
ATOM   167  C CG  . GLU A 1 21 ? 2.420   -14.256 4.169   1.00 28.79 ? 21  GLU A CG  1 
ATOM   168  C CD  . GLU A 1 21 ? 3.908   -14.574 4.284   1.00 32.28 ? 21  GLU A CD  1 
ATOM   169  O OE1 . GLU A 1 21 ? 4.600   -14.641 3.241   1.00 34.58 ? 21  GLU A OE1 1 
ATOM   170  O OE2 . GLU A 1 21 ? 4.387   -14.754 5.427   1.00 32.17 ? 21  GLU A OE2 1 
ATOM   171  N N   . ALA A 1 22 ? -0.623  -12.770 3.287   1.00 15.37 ? 22  ALA A N   1 
ATOM   172  C CA  . ALA A 1 22 ? -1.016  -11.543 2.605   1.00 14.48 ? 22  ALA A CA  1 
ATOM   173  C C   . ALA A 1 22 ? -0.414  -10.310 3.256   1.00 13.66 ? 22  ALA A C   1 
ATOM   174  O O   . ALA A 1 22 ? -0.092  -10.304 4.443   1.00 14.94 ? 22  ALA A O   1 
ATOM   175  C CB  . ALA A 1 22 ? -2.536  -11.421 2.577   1.00 13.48 ? 22  ALA A CB  1 
ATOM   176  N N   . LEU A 1 23 ? -0.281  -9.264  2.450   1.00 14.07 ? 23  LEU A N   1 
ATOM   177  C CA  . LEU A 1 23 ? 0.285   -7.992  2.876   1.00 13.18 ? 23  LEU A CA  1 
ATOM   178  C C   . LEU A 1 23 ? -0.840  -7.012  3.221   1.00 13.67 ? 23  LEU A C   1 
ATOM   179  O O   . LEU A 1 23 ? -1.761  -6.831  2.425   1.00 13.08 ? 23  LEU A O   1 
ATOM   180  C CB  . LEU A 1 23 ? 1.122   -7.431  1.728   1.00 13.11 ? 23  LEU A CB  1 
ATOM   181  C CG  . LEU A 1 23 ? 1.834   -6.090  1.872   1.00 16.33 ? 23  LEU A CG  1 
ATOM   182  C CD1 . LEU A 1 23 ? 2.969   -6.209  2.868   1.00 17.37 ? 23  LEU A CD1 1 
ATOM   183  C CD2 . LEU A 1 23 ? 2.372   -5.674  0.504   1.00 15.94 ? 23  LEU A CD2 1 
ATOM   184  N N   . LEU A 1 24 ? -0.781  -6.403  4.406   1.00 12.37 ? 24  LEU A N   1 
ATOM   185  C CA  . LEU A 1 24 ? -1.791  -5.423  4.806   1.00 12.51 ? 24  LEU A CA  1 
ATOM   186  C C   . LEU A 1 24 ? -1.351  -4.158  4.080   1.00 13.54 ? 24  LEU A C   1 
ATOM   187  O O   . LEU A 1 24 ? -0.303  -3.583  4.392   1.00 13.86 ? 24  LEU A O   1 
ATOM   188  C CB  . LEU A 1 24 ? -1.784  -5.226  6.326   1.00 12.37 ? 24  LEU A CB  1 
ATOM   189  C CG  . LEU A 1 24 ? -2.072  -6.487  7.153   1.00 13.28 ? 24  LEU A CG  1 
ATOM   190  C CD1 . LEU A 1 24 ? -2.168  -6.132  8.632   1.00 15.90 ? 24  LEU A CD1 1 
ATOM   191  C CD2 . LEU A 1 24 ? -3.383  -7.130  6.678   1.00 15.07 ? 24  LEU A CD2 1 
ATOM   192  N N   . ASP A 1 25 ? -2.162  -3.729  3.118   1.00 11.51 ? 25  ASP A N   1 
ATOM   193  C CA  . ASP A 1 25 ? -1.823  -2.592  2.256   1.00 9.96  ? 25  ASP A CA  1 
ATOM   194  C C   . ASP A 1 25 ? -2.787  -1.404  2.362   1.00 8.97  ? 25  ASP A C   1 
ATOM   195  O O   . ASP A 1 25 ? -3.837  -1.410  1.726   1.00 11.15 ? 25  ASP A O   1 
ATOM   196  C CB  . ASP A 1 25 ? -1.796  -3.118  0.814   1.00 9.06  ? 25  ASP A CB  1 
ATOM   197  C CG  . ASP A 1 25 ? -1.176  -2.147  -0.178  1.00 13.24 ? 25  ASP A CG  1 
ATOM   198  O OD1 . ASP A 1 25 ? -1.185  -0.921  0.059   1.00 11.67 ? 25  ASP A OD1 1 
ATOM   199  O OD2 . ASP A 1 25 ? -0.693  -2.635  -1.224  1.00 14.33 ? 25  ASP A OD2 1 
ATOM   200  N N   . THR A 1 26 ? -2.426  -0.384  3.142   1.00 7.75  ? 26  THR A N   1 
ATOM   201  C CA  . THR A 1 26 ? -3.294  0.789   3.303   1.00 6.92  ? 26  THR A CA  1 
ATOM   202  C C   . THR A 1 26 ? -3.403  1.625   2.033   1.00 7.82  ? 26  THR A C   1 
ATOM   203  O O   . THR A 1 26 ? -4.298  2.465   1.916   1.00 8.18  ? 26  THR A O   1 
ATOM   204  C CB  . THR A 1 26 ? -2.816  1.715   4.453   1.00 8.72  ? 26  THR A CB  1 
ATOM   205  O OG1 . THR A 1 26 ? -1.494  2.205   4.170   1.00 6.12  ? 26  THR A OG1 1 
ATOM   206  C CG2 . THR A 1 26 ? -2.821  0.964   5.773   1.00 7.70  ? 26  THR A CG2 1 
ATOM   207  N N   . GLY A 1 27 ? -2.505  1.391   1.082   1.00 7.35  ? 27  GLY A N   1 
ATOM   208  C CA  . GLY A 1 27 ? -2.550  2.138   -0.166  1.00 9.53  ? 27  GLY A CA  1 
ATOM   209  C C   . GLY A 1 27 ? -3.499  1.534   -1.191  1.00 10.37 ? 27  GLY A C   1 
ATOM   210  O O   . GLY A 1 27 ? -3.832  2.168   -2.196  1.00 10.81 ? 27  GLY A O   1 
ATOM   211  N N   . ALA A 1 28 ? -3.943  0.309   -0.932  1.00 8.25  ? 28  ALA A N   1 
ATOM   212  C CA  . ALA A 1 28 ? -4.841  -0.406  -1.836  1.00 8.77  ? 28  ALA A CA  1 
ATOM   213  C C   . ALA A 1 28 ? -6.325  -0.203  -1.503  1.00 7.88  ? 28  ALA A C   1 
ATOM   214  O O   . ALA A 1 28 ? -6.741  -0.460  -0.377  1.00 9.02  ? 28  ALA A O   1 
ATOM   215  C CB  . ALA A 1 28 ? -4.506  -1.892  -1.794  1.00 9.53  ? 28  ALA A CB  1 
ATOM   216  N N   . ASP A 1 29 ? -7.120  0.251   -2.477  1.00 9.25  ? 29  ASP A N   1 
ATOM   217  C CA  . ASP A 1 29 ? -8.562  0.444   -2.244  1.00 12.76 ? 29  ASP A CA  1 
ATOM   218  C C   . ASP A 1 29 ? -9.252  -0.892  -2.018  1.00 11.79 ? 29  ASP A C   1 
ATOM   219  O O   . ASP A 1 29 ? -10.117 -1.029  -1.145  1.00 12.75 ? 29  ASP A O   1 
ATOM   220  C CB  . ASP A 1 29 ? -9.260  1.092   -3.446  1.00 13.97 ? 29  ASP A CB  1 
ATOM   221  C CG  . ASP A 1 29 ? -8.819  2.517   -3.702  1.00 15.58 ? 29  ASP A CG  1 
ATOM   222  O OD1 . ASP A 1 29 ? -8.334  3.188   -2.770  1.00 13.95 ? 29  ASP A OD1 1 
ATOM   223  O OD2 . ASP A 1 29 ? -8.988  2.967   -4.854  1.00 18.41 ? 29  ASP A OD2 1 
ATOM   224  N N   . ASP A 1 30 ? -8.888  -1.870  -2.836  1.00 11.55 ? 30  ASP A N   1 
ATOM   225  C CA  . ASP A 1 30 ? -9.481  -3.190  -2.748  1.00 13.22 ? 30  ASP A CA  1 
ATOM   226  C C   . ASP A 1 30 ? -8.464  -4.287  -2.474  1.00 12.22 ? 30  ASP A C   1 
ATOM   227  O O   . ASP A 1 30 ? -7.259  -4.047  -2.427  1.00 12.09 ? 30  ASP A O   1 
ATOM   228  C CB  . ASP A 1 30 ? -10.254 -3.503  -4.031  1.00 17.44 ? 30  ASP A CB  1 
ATOM   229  C CG  . ASP A 1 30 ? -11.574 -2.752  -4.111  1.00 23.05 ? 30  ASP A CG  1 
ATOM   230  O OD1 . ASP A 1 30 ? -12.426 -2.945  -3.216  1.00 24.74 ? 30  ASP A OD1 1 
ATOM   231  O OD2 . ASP A 1 30 ? -11.759 -1.969  -5.065  1.00 25.71 ? 30  ASP A OD2 1 
ATOM   232  N N   . THR A 1 31 ? -8.980  -5.493  -2.291  1.00 11.54 ? 31  THR A N   1 
ATOM   233  C CA  . THR A 1 31 ? -8.178  -6.668  -2.001  1.00 10.84 ? 31  THR A CA  1 
ATOM   234  C C   . THR A 1 31 ? -7.938  -7.483  -3.273  1.00 11.77 ? 31  THR A C   1 
ATOM   235  O O   . THR A 1 31 ? -8.869  -7.753  -4.035  1.00 11.57 ? 31  THR A O   1 
ATOM   236  C CB  . THR A 1 31 ? -8.899  -7.519  -0.937  1.00 10.44 ? 31  THR A CB  1 
ATOM   237  O OG1 . THR A 1 31 ? -8.902  -6.798  0.299   1.00 9.89  ? 31  THR A OG1 1 
ATOM   238  C CG2 . THR A 1 31 ? -8.212  -8.867  -0.739  1.00 9.75  ? 31  THR A CG2 1 
ATOM   239  N N   . VAL A 1 32 ? -6.686  -7.862  -3.504  1.00 11.33 ? 32  VAL A N   1 
ATOM   240  C CA  . VAL A 1 32 ? -6.342  -8.635  -4.695  1.00 13.38 ? 32  VAL A CA  1 
ATOM   241  C C   . VAL A 1 32 ? -5.502  -9.856  -4.336  1.00 13.96 ? 32  VAL A C   1 
ATOM   242  O O   . VAL A 1 32 ? -4.474  -9.744  -3.660  1.00 12.23 ? 32  VAL A O   1 
ATOM   243  C CB  . VAL A 1 32 ? -5.586  -7.755  -5.730  1.00 14.51 ? 32  VAL A CB  1 
ATOM   244  C CG1 . VAL A 1 32 ? -4.299  -7.226  -5.131  1.00 20.79 ? 32  VAL A CG1 1 
ATOM   245  C CG2 . VAL A 1 32 ? -5.301  -8.556  -6.993  1.00 16.04 ? 32  VAL A CG2 1 
ATOM   246  N N   . LEU A 1 33 ? -5.956  -11.023 -4.789  1.00 12.12 ? 33  LEU A N   1 
ATOM   247  C CA  . LEU A 1 33 ? -5.264  -12.271 -4.508  1.00 12.58 ? 33  LEU A CA  1 
ATOM   248  C C   . LEU A 1 33 ? -4.810  -12.975 -5.785  1.00 12.87 ? 33  LEU A C   1 
ATOM   249  O O   . LEU A 1 33 ? -5.389  -12.789 -6.861  1.00 11.06 ? 33  LEU A O   1 
ATOM   250  C CB  . LEU A 1 33 ? -6.176  -13.207 -3.709  1.00 14.28 ? 33  LEU A CB  1 
ATOM   251  C CG  . LEU A 1 33 ? -6.865  -12.646 -2.459  1.00 16.02 ? 33  LEU A CG  1 
ATOM   252  C CD1 . LEU A 1 33 ? -7.631  -13.769 -1.775  1.00 18.58 ? 33  LEU A CD1 1 
ATOM   253  C CD2 . LEU A 1 33 ? -5.837  -12.050 -1.504  1.00 17.03 ? 33  LEU A CD2 1 
ATOM   254  N N   . GLU A 1 34 ? -3.763  -13.782 -5.653  1.00 11.57 ? 34  GLU A N   1 
ATOM   255  C CA  . GLU A 1 34 ? -3.215  -14.535 -6.773  1.00 14.36 ? 34  GLU A CA  1 
ATOM   256  C C   . GLU A 1 34 ? -4.280  -15.488 -7.315  1.00 14.74 ? 34  GLU A C   1 
ATOM   257  O O   . GLU A 1 34 ? -5.246  -15.806 -6.617  1.00 13.21 ? 34  GLU A O   1 
ATOM   258  C CB  . GLU A 1 34 ? -1.985  -15.322 -6.303  1.00 17.64 ? 34  GLU A CB  1 
ATOM   259  C CG  . GLU A 1 34 ? -2.283  -16.401 -5.272  1.00 21.20 ? 34  GLU A CG  1 
ATOM   260  C CD  . GLU A 1 34 ? -1.055  -16.782 -4.457  1.00 25.01 ? 34  GLU A CD  1 
ATOM   261  O OE1 . GLU A 1 34 ? 0.061   -16.789 -5.023  1.00 28.94 ? 34  GLU A OE1 1 
ATOM   262  O OE2 . GLU A 1 34 ? -1.206  -17.083 -3.254  1.00 28.77 ? 34  GLU A OE2 1 
ATOM   263  N N   . GLU A 1 35 ? -4.102  -15.930 -8.558  1.00 15.89 ? 35  GLU A N   1 
ATOM   264  C CA  . GLU A 1 35 ? -5.047  -16.843 -9.206  1.00 19.26 ? 35  GLU A CA  1 
ATOM   265  C C   . GLU A 1 35 ? -5.478  -17.979 -8.297  1.00 19.71 ? 35  GLU A C   1 
ATOM   266  O O   . GLU A 1 35 ? -4.644  -18.659 -7.703  1.00 20.58 ? 35  GLU A O   1 
ATOM   267  C CB  . GLU A 1 35 ? -4.436  -17.460 -10.466 1.00 21.17 ? 35  GLU A CB  1 
ATOM   268  C CG  . GLU A 1 35 ? -4.490  -16.595 -11.696 1.00 27.46 ? 35  GLU A CG  1 
ATOM   269  C CD  . GLU A 1 35 ? -5.907  -16.270 -12.123 1.00 28.27 ? 35  GLU A CD  1 
ATOM   270  O OE1 . GLU A 1 35 ? -6.828  -17.052 -11.797 1.00 27.53 ? 35  GLU A OE1 1 
ATOM   271  O OE2 . GLU A 1 35 ? -6.092  -15.239 -12.798 1.00 29.19 ? 35  GLU A OE2 1 
ATOM   272  N N   . MET A 1 36 ? -6.787  -18.183 -8.211  1.00 20.28 ? 36  MET A N   1 
ATOM   273  C CA  . MET A 1 36 ? -7.355  -19.243 -7.393  1.00 22.37 ? 36  MET A CA  1 
ATOM   274  C C   . MET A 1 36 ? -8.817  -19.403 -7.781  1.00 22.85 ? 36  MET A C   1 
ATOM   275  O O   . MET A 1 36 ? -9.393  -18.533 -8.432  1.00 22.02 ? 36  MET A O   1 
ATOM   276  C CB  . MET A 1 36 ? -7.243  -18.900 -5.903  1.00 22.53 ? 36  MET A CB  1 
ATOM   277  C CG  . MET A 1 36 ? -8.159  -17.781 -5.447  1.00 25.24 ? 36  MET A CG  1 
ATOM   278  S SD  . MET A 1 36 ? -8.041  -17.494 -3.663  1.00 27.17 ? 36  MET A SD  1 
ATOM   279  C CE  . MET A 1 36 ? -8.795  -19.001 -3.022  1.00 25.60 ? 36  MET A CE  1 
ATOM   280  N N   . SER A 1 37 ? -9.420  -20.512 -7.379  1.00 25.70 ? 37  SER A N   1 
ATOM   281  C CA  . SER A 1 37 ? -10.812 -20.751 -7.715  1.00 27.73 ? 37  SER A CA  1 
ATOM   282  C C   . SER A 1 37 ? -11.759 -20.342 -6.592  1.00 27.86 ? 37  SER A C   1 
ATOM   283  O O   . SER A 1 37 ? -11.554 -20.697 -5.431  1.00 29.03 ? 37  SER A O   1 
ATOM   284  C CB  . SER A 1 37 ? -11.021 -22.228 -8.053  1.00 29.64 ? 37  SER A CB  1 
ATOM   285  O OG  . SER A 1 37 ? -12.319 -22.438 -8.572  1.00 34.03 ? 37  SER A OG  1 
ATOM   286  N N   . LEU A 1 38 ? -12.791 -19.583 -6.948  1.00 27.77 ? 38  LEU A N   1 
ATOM   287  C CA  . LEU A 1 38 ? -13.797 -19.137 -5.989  1.00 28.38 ? 38  LEU A CA  1 
ATOM   288  C C   . LEU A 1 38 ? -15.189 -19.405 -6.551  1.00 29.89 ? 38  LEU A C   1 
ATOM   289  O O   . LEU A 1 38 ? -15.392 -19.378 -7.762  1.00 30.32 ? 38  LEU A O   1 
ATOM   290  C CB  . LEU A 1 38 ? -13.638 -17.645 -5.685  1.00 27.41 ? 38  LEU A CB  1 
ATOM   291  C CG  . LEU A 1 38 ? -12.446 -17.278 -4.798  1.00 27.90 ? 38  LEU A CG  1 
ATOM   292  C CD1 . LEU A 1 38 ? -12.386 -15.766 -4.599  1.00 26.92 ? 38  LEU A CD1 1 
ATOM   293  C CD2 . LEU A 1 38 ? -12.577 -17.993 -3.460  1.00 28.36 ? 38  LEU A CD2 1 
ATOM   294  N N   . PRO A 1 39 ? -16.166 -19.678 -5.673  1.00 32.00 ? 39  PRO A N   1 
ATOM   295  C CA  . PRO A 1 39 ? -17.541 -19.954 -6.097  1.00 33.33 ? 39  PRO A CA  1 
ATOM   296  C C   . PRO A 1 39 ? -18.322 -18.687 -6.435  1.00 34.10 ? 39  PRO A C   1 
ATOM   297  O O   . PRO A 1 39 ? -18.002 -17.601 -5.953  1.00 34.59 ? 39  PRO A O   1 
ATOM   298  C CB  . PRO A 1 39 ? -18.121 -20.682 -4.894  1.00 34.14 ? 39  PRO A CB  1 
ATOM   299  C CG  . PRO A 1 39 ? -17.468 -19.964 -3.754  1.00 34.59 ? 39  PRO A CG  1 
ATOM   300  C CD  . PRO A 1 39 ? -16.023 -19.857 -4.216  1.00 33.06 ? 39  PRO A CD  1 
ATOM   301  N N   . GLY A 1 40 ? -19.349 -18.836 -7.266  1.00 34.97 ? 40  GLY A N   1 
ATOM   302  C CA  . GLY A 1 40 ? -20.165 -17.697 -7.639  1.00 34.60 ? 40  GLY A CA  1 
ATOM   303  C C   . GLY A 1 40 ? -19.774 -17.102 -8.975  1.00 34.30 ? 40  GLY A C   1 
ATOM   304  O O   . GLY A 1 40 ? -18.819 -17.552 -9.611  1.00 32.79 ? 40  GLY A O   1 
ATOM   305  N N   . ARG A 1 41 ? -20.517 -16.088 -9.405  1.00 33.94 ? 41  ARG A N   1 
ATOM   306  C CA  . ARG A 1 41 ? -20.232 -15.437 -10.674 1.00 34.58 ? 41  ARG A CA  1 
ATOM   307  C C   . ARG A 1 41 ? -19.251 -14.295 -10.430 1.00 32.57 ? 41  ARG A C   1 
ATOM   308  O O   . ARG A 1 41 ? -19.080 -13.842 -9.298  1.00 31.15 ? 41  ARG A O   1 
ATOM   309  C CB  . ARG A 1 41 ? -21.520 -14.896 -11.305 1.00 38.09 ? 41  ARG A CB  1 
ATOM   310  C CG  . ARG A 1 41 ? -21.390 -14.622 -12.798 1.00 42.16 ? 41  ARG A CG  1 
ATOM   311  C CD  . ARG A 1 41 ? -22.652 -14.007 -13.386 1.00 45.83 ? 41  ARG A CD  1 
ATOM   312  N NE  . ARG A 1 41 ? -22.866 -12.639 -12.918 1.00 48.71 ? 41  ARG A NE  1 
ATOM   313  C CZ  . ARG A 1 41 ? -23.835 -11.840 -13.357 1.00 49.67 ? 41  ARG A CZ  1 
ATOM   314  N NH1 . ARG A 1 41 ? -24.685 -12.272 -14.281 1.00 51.51 ? 41  ARG A NH1 1 
ATOM   315  N NH2 . ARG A 1 41 ? -23.955 -10.612 -12.874 1.00 49.65 ? 41  ARG A NH2 1 
ATOM   316  N N   . TRP A 1 42 ? -18.602 -13.839 -11.495 1.00 30.72 ? 42  TRP A N   1 
ATOM   317  C CA  . TRP A 1 42 ? -17.632 -12.759 -11.382 1.00 28.43 ? 42  TRP A CA  1 
ATOM   318  C C   . TRP A 1 42 ? -17.740 -11.787 -12.549 1.00 27.05 ? 42  TRP A C   1 
ATOM   319  O O   . TRP A 1 42 ? -18.397 -12.071 -13.553 1.00 25.57 ? 42  TRP A O   1 
ATOM   320  C CB  . TRP A 1 42 ? -16.219 -13.334 -11.328 1.00 28.65 ? 42  TRP A CB  1 
ATOM   321  C CG  . TRP A 1 42 ? -15.922 -14.270 -12.455 1.00 30.02 ? 42  TRP A CG  1 
ATOM   322  C CD1 . TRP A 1 42 ? -16.137 -15.618 -12.482 1.00 31.21 ? 42  TRP A CD1 1 
ATOM   323  C CD2 . TRP A 1 42 ? -15.396 -13.922 -13.740 1.00 31.22 ? 42  TRP A CD2 1 
ATOM   324  N NE1 . TRP A 1 42 ? -15.777 -16.133 -13.704 1.00 31.57 ? 42  TRP A NE1 1 
ATOM   325  C CE2 . TRP A 1 42 ? -15.320 -15.113 -14.497 1.00 32.07 ? 42  TRP A CE2 1 
ATOM   326  C CE3 . TRP A 1 42 ? -14.983 -12.717 -14.328 1.00 31.85 ? 42  TRP A CE3 1 
ATOM   327  C CZ2 . TRP A 1 42 ? -14.845 -15.136 -15.812 1.00 33.72 ? 42  TRP A CZ2 1 
ATOM   328  C CZ3 . TRP A 1 42 ? -14.509 -12.739 -15.637 1.00 32.87 ? 42  TRP A CZ3 1 
ATOM   329  C CH2 . TRP A 1 42 ? -14.445 -13.942 -16.365 1.00 33.85 ? 42  TRP A CH2 1 
ATOM   330  N N   . LYS A 1 43 ? -17.080 -10.641 -12.408 1.00 24.52 ? 43  LYS A N   1 
ATOM   331  C CA  . LYS A 1 43 ? -17.077 -9.604  -13.433 1.00 23.66 ? 43  LYS A CA  1 
ATOM   332  C C   . LYS A 1 43 ? -15.638 -9.193  -13.713 1.00 21.46 ? 43  LYS A C   1 
ATOM   333  O O   . LYS A 1 43 ? -14.836 -9.060  -12.788 1.00 20.74 ? 43  LYS A O   1 
ATOM   334  C CB  . LYS A 1 43 ? -17.851 -8.380  -12.944 1.00 26.16 ? 43  LYS A CB  1 
ATOM   335  C CG  . LYS A 1 43 ? -19.315 -8.629  -12.636 1.00 30.27 ? 43  LYS A CG  1 
ATOM   336  C CD  . LYS A 1 43 ? -19.854 -7.566  -11.683 1.00 32.19 ? 43  LYS A CD  1 
ATOM   337  C CE  . LYS A 1 43 ? -19.621 -6.159  -12.208 1.00 33.83 ? 43  LYS A CE  1 
ATOM   338  N NZ  . LYS A 1 43 ? -20.102 -5.134  -11.239 1.00 35.51 ? 43  LYS A NZ  1 
ATOM   339  N N   . PRO A 1 44 ? -15.289 -8.991  -14.992 1.00 19.02 ? 44  PRO A N   1 
ATOM   340  C CA  . PRO A 1 44 ? -13.917 -8.592  -15.309 1.00 18.32 ? 44  PRO A CA  1 
ATOM   341  C C   . PRO A 1 44 ? -13.675 -7.141  -14.907 1.00 16.96 ? 44  PRO A C   1 
ATOM   342  O O   . PRO A 1 44 ? -14.588 -6.314  -14.941 1.00 15.80 ? 44  PRO A O   1 
ATOM   343  C CB  . PRO A 1 44 ? -13.839 -8.808  -16.818 1.00 18.87 ? 44  PRO A CB  1 
ATOM   344  C CG  . PRO A 1 44 ? -15.224 -8.496  -17.263 1.00 20.32 ? 44  PRO A CG  1 
ATOM   345  C CD  . PRO A 1 44 ? -16.076 -9.185  -16.222 1.00 19.95 ? 44  PRO A CD  1 
ATOM   346  N N   . LYS A 1 45 ? -12.446 -6.841  -14.514 1.00 15.53 ? 45  LYS A N   1 
ATOM   347  C CA  . LYS A 1 45 ? -12.096 -5.490  -14.105 1.00 16.30 ? 45  LYS A CA  1 
ATOM   348  C C   . LYS A 1 45 ? -10.614 -5.279  -14.364 1.00 15.23 ? 45  LYS A C   1 
ATOM   349  O O   . LYS A 1 45 ? -9.847  -6.240  -14.425 1.00 14.73 ? 45  LYS A O   1 
ATOM   350  C CB  . LYS A 1 45 ? -12.390 -5.299  -12.610 1.00 18.96 ? 45  LYS A CB  1 
ATOM   351  C CG  . LYS A 1 45 ? -12.182 -3.880  -12.114 1.00 20.78 ? 45  LYS A CG  1 
ATOM   352  C CD  . LYS A 1 45 ? -12.486 -3.752  -10.629 1.00 23.09 ? 45  LYS A CD  1 
ATOM   353  C CE  . LYS A 1 45 ? -12.400 -2.300  -10.187 1.00 25.94 ? 45  LYS A CE  1 
ATOM   354  N NZ  . LYS A 1 45 ? -12.787 -2.116  -8.766  1.00 28.84 ? 45  LYS A NZ  1 
ATOM   355  N N   . MET A 1 46 ? -10.219 -4.022  -14.525 1.00 14.89 ? 46  MET A N   1 
ATOM   356  C CA  . MET A 1 46 ? -8.822  -3.685  -14.755 1.00 15.93 ? 46  MET A CA  1 
ATOM   357  C C   . MET A 1 46 ? -8.365  -2.777  -13.616 1.00 14.60 ? 46  MET A C   1 
ATOM   358  O O   . MET A 1 46 ? -9.011  -1.768  -13.332 1.00 13.26 ? 46  MET A O   1 
ATOM   359  C CB  . MET A 1 46 ? -8.674  -2.942  -16.083 1.00 19.62 ? 46  MET A CB  1 
ATOM   360  C CG  . MET A 1 46 ? -7.329  -3.106  -16.733 1.00 27.16 ? 46  MET A CG  1 
ATOM   361  S SD  . MET A 1 46 ? -7.235  -4.687  -17.599 1.00 30.41 ? 46  MET A SD  1 
ATOM   362  C CE  . MET A 1 46 ? -7.841  -4.204  -19.219 1.00 31.51 ? 46  MET A CE  1 
ATOM   363  N N   . ILE A 1 47 ? -7.269  -3.138  -12.952 1.00 12.15 ? 47  ILE A N   1 
ATOM   364  C CA  . ILE A 1 47 ? -6.748  -2.310  -11.866 1.00 11.89 ? 47  ILE A CA  1 
ATOM   365  C C   . ILE A 1 47 ? -5.295  -1.954  -12.163 1.00 12.66 ? 47  ILE A C   1 
ATOM   366  O O   . ILE A 1 47 ? -4.551  -2.759  -12.715 1.00 13.00 ? 47  ILE A O   1 
ATOM   367  C CB  . ILE A 1 47 ? -6.837  -3.015  -10.488 1.00 12.16 ? 47  ILE A CB  1 
ATOM   368  C CG1 . ILE A 1 47 ? -6.099  -4.354  -10.523 1.00 10.69 ? 47  ILE A CG1 1 
ATOM   369  C CG2 . ILE A 1 47 ? -8.303  -3.205  -10.093 1.00 13.52 ? 47  ILE A CG2 1 
ATOM   370  C CD1 . ILE A 1 47 ? -6.110  -5.081  -9.195  1.00 15.67 ? 47  ILE A CD1 1 
ATOM   371  N N   . GLY A 1 48 ? -4.897  -0.741  -11.802 1.00 13.31 ? 48  GLY A N   1 
ATOM   372  C CA  . GLY A 1 48 ? -3.540  -0.320  -12.087 1.00 14.24 ? 48  GLY A CA  1 
ATOM   373  C C   . GLY A 1 48 ? -2.783  0.303   -10.937 1.00 14.09 ? 48  GLY A C   1 
ATOM   374  O O   . GLY A 1 48 ? -3.363  0.839   -9.997  1.00 14.84 ? 48  GLY A O   1 
ATOM   375  N N   . GLY A 1 49 ? -1.463  0.223   -11.033 1.00 14.78 ? 49  GLY A N   1 
ATOM   376  C CA  . GLY A 1 49 ? -0.596  0.787   -10.018 1.00 15.38 ? 49  GLY A CA  1 
ATOM   377  C C   . GLY A 1 49 ? 0.755   0.984   -10.662 1.00 14.65 ? 49  GLY A C   1 
ATOM   378  O O   . GLY A 1 49 ? 0.853   1.132   -11.880 1.00 15.05 ? 49  GLY A O   1 
ATOM   379  N N   . ILE A 1 50 ? 1.804   0.994   -9.855  1.00 14.77 ? 50  ILE A N   1 
ATOM   380  C CA  . ILE A 1 50 ? 3.137   1.152   -10.404 1.00 15.46 ? 50  ILE A CA  1 
ATOM   381  C C   . ILE A 1 50 ? 3.375   -0.003  -11.373 1.00 16.00 ? 50  ILE A C   1 
ATOM   382  O O   . ILE A 1 50 ? 3.146   -1.161  -11.036 1.00 16.29 ? 50  ILE A O   1 
ATOM   383  C CB  . ILE A 1 50 ? 4.188   1.131   -9.283  1.00 15.45 ? 50  ILE A CB  1 
ATOM   384  C CG1 . ILE A 1 50 ? 4.003   2.372   -8.404  1.00 18.93 ? 50  ILE A CG1 1 
ATOM   385  C CG2 . ILE A 1 50 ? 5.596   1.089   -9.875  1.00 15.51 ? 50  ILE A CG2 1 
ATOM   386  C CD1 . ILE A 1 50 ? 4.982   2.474   -7.252  1.00 20.86 ? 50  ILE A CD1 1 
ATOM   387  N N   . GLY A 1 51 ? 3.808   0.315   -12.586 1.00 16.59 ? 51  GLY A N   1 
ATOM   388  C CA  . GLY A 1 51 ? 4.060   -0.732  -13.558 1.00 17.02 ? 51  GLY A CA  1 
ATOM   389  C C   . GLY A 1 51 ? 2.945   -0.914  -14.570 1.00 16.40 ? 51  GLY A C   1 
ATOM   390  O O   . GLY A 1 51 ? 3.156   -1.514  -15.621 1.00 18.14 ? 51  GLY A O   1 
ATOM   391  N N   . GLY A 1 52 ? 1.757   -0.406  -14.263 1.00 15.28 ? 52  GLY A N   1 
ATOM   392  C CA  . GLY A 1 52 ? 0.652   -0.537  -15.195 1.00 15.48 ? 52  GLY A CA  1 
ATOM   393  C C   . GLY A 1 52 ? -0.563  -1.271  -14.655 1.00 13.67 ? 52  GLY A C   1 
ATOM   394  O O   . GLY A 1 52 ? -0.732  -1.417  -13.448 1.00 12.45 ? 52  GLY A O   1 
ATOM   395  N N   . PHE A 1 53 ? -1.398  -1.752  -15.572 1.00 13.96 ? 53  PHE A N   1 
ATOM   396  C CA  . PHE A 1 53 ? -2.631  -2.447  -15.220 1.00 13.92 ? 53  PHE A CA  1 
ATOM   397  C C   . PHE A 1 53 ? -2.631  -3.953  -15.474 1.00 13.14 ? 53  PHE A C   1 
ATOM   398  O O   . PHE A 1 53 ? -1.871  -4.460  -16.300 1.00 13.73 ? 53  PHE A O   1 
ATOM   399  C CB  . PHE A 1 53 ? -3.802  -1.850  -16.003 1.00 14.64 ? 53  PHE A CB  1 
ATOM   400  C CG  . PHE A 1 53 ? -4.163  -0.455  -15.605 1.00 15.67 ? 53  PHE A CG  1 
ATOM   401  C CD1 . PHE A 1 53 ? -3.317  0.613   -15.900 1.00 17.00 ? 53  PHE A CD1 1 
ATOM   402  C CD2 . PHE A 1 53 ? -5.364  -0.203  -14.956 1.00 14.59 ? 53  PHE A CD2 1 
ATOM   403  C CE1 . PHE A 1 53 ? -3.673  1.915   -15.553 1.00 17.55 ? 53  PHE A CE1 1 
ATOM   404  C CE2 . PHE A 1 53 ? -5.728  1.092   -14.605 1.00 17.09 ? 53  PHE A CE2 1 
ATOM   405  C CZ  . PHE A 1 53 ? -4.877  2.155   -14.906 1.00 17.71 ? 53  PHE A CZ  1 
ATOM   406  N N   . ILE A 1 54 ? -3.502  -4.656  -14.757 1.00 13.42 ? 54  ILE A N   1 
ATOM   407  C CA  . ILE A 1 54 ? -3.667  -6.097  -14.926 1.00 13.95 ? 54  ILE A CA  1 
ATOM   408  C C   . ILE A 1 54 ? -5.162  -6.381  -14.913 1.00 15.52 ? 54  ILE A C   1 
ATOM   409  O O   . ILE A 1 54 ? -5.947  -5.610  -14.359 1.00 14.01 ? 54  ILE A O   1 
ATOM   410  C CB  . ILE A 1 54 ? -3.000  -6.932  -13.791 1.00 14.99 ? 54  ILE A CB  1 
ATOM   411  C CG1 . ILE A 1 54 ? -3.567  -6.522  -12.430 1.00 16.36 ? 54  ILE A CG1 1 
ATOM   412  C CG2 . ILE A 1 54 ? -1.490  -6.771  -13.845 1.00 17.38 ? 54  ILE A CG2 1 
ATOM   413  C CD1 . ILE A 1 54 ? -3.284  -7.529  -11.320 1.00 16.85 ? 54  ILE A CD1 1 
ATOM   414  N N   . LYS A 1 55 ? -5.555  -7.478  -15.545 1.00 14.79 ? 55  LYS A N   1 
ATOM   415  C CA  . LYS A 1 55 ? -6.957  -7.852  -15.589 1.00 14.61 ? 55  LYS A CA  1 
ATOM   416  C C   . LYS A 1 55 ? -7.229  -8.812  -14.439 1.00 14.53 ? 55  LYS A C   1 
ATOM   417  O O   . LYS A 1 55 ? -6.460  -9.749  -14.200 1.00 15.32 ? 55  LYS A O   1 
ATOM   418  C CB  . LYS A 1 55 ? -7.278  -8.528  -16.923 1.00 17.38 ? 55  LYS A CB  1 
ATOM   419  C CG  . LYS A 1 55 ? -8.739  -8.908  -17.087 1.00 20.83 ? 55  LYS A CG  1 
ATOM   420  C CD  . LYS A 1 55 ? -8.982  -9.559  -18.443 1.00 26.80 ? 55  LYS A CD  1 
ATOM   421  C CE  . LYS A 1 55 ? -10.430 -10.005 -18.593 1.00 29.86 ? 55  LYS A CE  1 
ATOM   422  N NZ  . LYS A 1 55 ? -10.677 -10.622 -19.927 1.00 34.23 ? 55  LYS A NZ  1 
ATOM   423  N N   . VAL A 1 56 ? -8.317  -8.570  -13.722 1.00 13.58 ? 56  VAL A N   1 
ATOM   424  C CA  . VAL A 1 56 ? -8.684  -9.413  -12.596 1.00 13.17 ? 56  VAL A CA  1 
ATOM   425  C C   . VAL A 1 56 ? -10.159 -9.785  -12.677 1.00 15.00 ? 56  VAL A C   1 
ATOM   426  O O   . VAL A 1 56 ? -10.921 -9.207  -13.458 1.00 15.36 ? 56  VAL A O   1 
ATOM   427  C CB  . VAL A 1 56 ? -8.428  -8.692  -11.242 1.00 13.12 ? 56  VAL A CB  1 
ATOM   428  C CG1 . VAL A 1 56 ? -6.949  -8.348  -11.093 1.00 13.71 ? 56  VAL A CG1 1 
ATOM   429  C CG2 . VAL A 1 56 ? -9.270  -7.430  -11.162 1.00 14.08 ? 56  VAL A CG2 1 
ATOM   430  N N   . ARG A 1 57 ? -10.547 -10.765 -11.874 1.00 13.89 ? 57  ARG A N   1 
ATOM   431  C CA  . ARG A 1 57 ? -11.934 -11.207 -11.807 1.00 15.59 ? 57  ARG A CA  1 
ATOM   432  C C   . ARG A 1 57 ? -12.459 -10.718 -10.468 1.00 14.76 ? 57  ARG A C   1 
ATOM   433  O O   . ARG A 1 57 ? -11.852 -10.968 -9.434  1.00 14.62 ? 57  ARG A O   1 
ATOM   434  C CB  . ARG A 1 57 ? -12.015 -12.731 -11.877 1.00 17.55 ? 57  ARG A CB  1 
ATOM   435  C CG  . ARG A 1 57 ? -11.631 -13.309 -13.228 1.00 21.67 ? 57  ARG A CG  1 
ATOM   436  C CD  . ARG A 1 57 ? -11.838 -14.813 -13.238 1.00 25.39 ? 57  ARG A CD  1 
ATOM   437  N NE  . ARG A 1 57 ? -10.963 -15.475 -12.276 1.00 29.68 ? 57  ARG A NE  1 
ATOM   438  C CZ  . ARG A 1 57 ? -11.072 -16.747 -11.918 1.00 32.22 ? 57  ARG A CZ  1 
ATOM   439  N NH1 . ARG A 1 57 ? -12.025 -17.508 -12.442 1.00 35.14 ? 57  ARG A NH1 1 
ATOM   440  N NH2 . ARG A 1 57 ? -10.219 -17.264 -11.042 1.00 32.80 ? 57  ARG A NH2 1 
ATOM   441  N N   . GLN A 1 58 ? -13.586 -10.019 -10.488 1.00 14.33 ? 58  GLN A N   1 
ATOM   442  C CA  . GLN A 1 58 ? -14.157 -9.475  -9.267  1.00 15.74 ? 58  GLN A CA  1 
ATOM   443  C C   . GLN A 1 58 ? -15.232 -10.365 -8.657  1.00 15.91 ? 58  GLN A C   1 
ATOM   444  O O   . GLN A 1 58 ? -16.255 -10.622 -9.288  1.00 16.52 ? 58  GLN A O   1 
ATOM   445  C CB  . GLN A 1 58 ? -14.757 -8.100  -9.558  1.00 16.67 ? 58  GLN A CB  1 
ATOM   446  C CG  . GLN A 1 58 ? -15.313 -7.378  -8.351  1.00 18.61 ? 58  GLN A CG  1 
ATOM   447  C CD  . GLN A 1 58 ? -16.122 -6.159  -8.743  1.00 22.97 ? 58  GLN A CD  1 
ATOM   448  O OE1 . GLN A 1 58 ? -15.793 -5.470  -9.709  1.00 24.54 ? 58  GLN A OE1 1 
ATOM   449  N NE2 . GLN A 1 58 ? -17.182 -5.880  -7.990  1.00 23.79 ? 58  GLN A NE2 1 
ATOM   450  N N   . TYR A 1 59 ? -14.991 -10.835 -7.436  1.00 15.88 ? 59  TYR A N   1 
ATOM   451  C CA  . TYR A 1 59 ? -15.963 -11.659 -6.723  1.00 17.83 ? 59  TYR A CA  1 
ATOM   452  C C   . TYR A 1 59 ? -16.496 -10.836 -5.558  1.00 18.89 ? 59  TYR A C   1 
ATOM   453  O O   . TYR A 1 59 ? -15.723 -10.213 -4.836  1.00 17.60 ? 59  TYR A O   1 
ATOM   454  C CB  . TYR A 1 59 ? -15.319 -12.935 -6.172  1.00 17.29 ? 59  TYR A CB  1 
ATOM   455  C CG  . TYR A 1 59 ? -14.929 -13.951 -7.220  1.00 20.49 ? 59  TYR A CG  1 
ATOM   456  C CD1 . TYR A 1 59 ? -13.717 -13.850 -7.902  1.00 18.52 ? 59  TYR A CD1 1 
ATOM   457  C CD2 . TYR A 1 59 ? -15.771 -15.028 -7.520  1.00 20.05 ? 59  TYR A CD2 1 
ATOM   458  C CE1 . TYR A 1 59 ? -13.347 -14.795 -8.853  1.00 20.51 ? 59  TYR A CE1 1 
ATOM   459  C CE2 . TYR A 1 59 ? -15.409 -15.979 -8.473  1.00 21.38 ? 59  TYR A CE2 1 
ATOM   460  C CZ  . TYR A 1 59 ? -14.196 -15.855 -9.132  1.00 20.55 ? 59  TYR A CZ  1 
ATOM   461  O OH  . TYR A 1 59 ? -13.827 -16.789 -10.068 1.00 23.90 ? 59  TYR A OH  1 
ATOM   462  N N   . ASP A 1 60 ? -17.812 -10.833 -5.365  1.00 20.06 ? 60  ASP A N   1 
ATOM   463  C CA  . ASP A 1 60 ? -18.396 -10.070 -4.267  1.00 22.27 ? 60  ASP A CA  1 
ATOM   464  C C   . ASP A 1 60 ? -18.873 -10.983 -3.141  1.00 22.42 ? 60  ASP A C   1 
ATOM   465  O O   . ASP A 1 60 ? -19.076 -12.182 -3.340  1.00 22.00 ? 60  ASP A O   1 
ATOM   466  C CB  . ASP A 1 60 ? -19.573 -9.219  -4.762  1.00 23.50 ? 60  ASP A CB  1 
ATOM   467  C CG  . ASP A 1 60 ? -19.170 -8.221  -5.836  1.00 27.58 ? 60  ASP A CG  1 
ATOM   468  O OD1 . ASP A 1 60 ? -18.211 -7.448  -5.619  1.00 28.46 ? 60  ASP A OD1 1 
ATOM   469  O OD2 . ASP A 1 60 ? -19.824 -8.201  -6.898  1.00 29.04 ? 60  ASP A OD2 1 
ATOM   470  N N   . GLN A 1 61 ? -19.038 -10.403 -1.958  1.00 23.32 ? 61  GLN A N   1 
ATOM   471  C CA  . GLN A 1 61 ? -19.508 -11.135 -0.789  1.00 25.76 ? 61  GLN A CA  1 
ATOM   472  C C   . GLN A 1 61 ? -18.707 -12.386 -0.463  1.00 25.46 ? 61  GLN A C   1 
ATOM   473  O O   . GLN A 1 61 ? -19.270 -13.468 -0.266  1.00 26.42 ? 61  GLN A O   1 
ATOM   474  C CB  . GLN A 1 61 ? -20.989 -11.491 -0.962  1.00 28.07 ? 61  GLN A CB  1 
ATOM   475  C CG  . GLN A 1 61 ? -21.946 -10.326 -0.713  1.00 33.65 ? 61  GLN A CG  1 
ATOM   476  C CD  . GLN A 1 61 ? -21.550 -9.057  -1.451  1.00 37.14 ? 61  GLN A CD  1 
ATOM   477  O OE1 . GLN A 1 61 ? -20.516 -8.447  -1.158  1.00 38.89 ? 61  GLN A OE1 1 
ATOM   478  N NE2 . GLN A 1 61 ? -22.373 -8.652  -2.416  1.00 38.74 ? 61  GLN A NE2 1 
ATOM   479  N N   . ILE A 1 62 ? -17.391 -12.234 -0.397  1.00 23.81 ? 62  ILE A N   1 
ATOM   480  C CA  . ILE A 1 62 ? -16.516 -13.346 -0.067  1.00 22.79 ? 62  ILE A CA  1 
ATOM   481  C C   . ILE A 1 62 ? -16.132 -13.238 1.404   1.00 21.94 ? 62  ILE A C   1 
ATOM   482  O O   . ILE A 1 62 ? -15.855 -12.146 1.901   1.00 21.84 ? 62  ILE A O   1 
ATOM   483  C CB  . ILE A 1 62 ? -15.224 -13.323 -0.917  1.00 22.25 ? 62  ILE A CB  1 
ATOM   484  C CG1 . ILE A 1 62 ? -15.569 -13.456 -2.404  1.00 23.13 ? 62  ILE A CG1 1 
ATOM   485  C CG2 . ILE A 1 62 ? -14.286 -14.428 -0.464  1.00 22.38 ? 62  ILE A CG2 1 
ATOM   486  C CD1 . ILE A 1 62 ? -16.317 -14.730 -2.770  1.00 24.37 ? 62  ILE A CD1 1 
ATOM   487  N N   . LEU A 1 63 ? -16.127 -14.371 2.101   1.00 22.16 ? 63  LEU A N   1 
ATOM   488  C CA  . LEU A 1 63 ? -15.758 -14.394 3.511   1.00 23.56 ? 63  LEU A CA  1 
ATOM   489  C C   . LEU A 1 63 ? -14.270 -14.681 3.675   1.00 23.76 ? 63  LEU A C   1 
ATOM   490  O O   . LEU A 1 63 ? -13.741 -15.617 3.082   1.00 23.62 ? 63  LEU A O   1 
ATOM   491  C CB  . LEU A 1 63 ? -16.569 -15.458 4.260   1.00 24.97 ? 63  LEU A CB  1 
ATOM   492  C CG  . LEU A 1 63 ? -16.092 -15.791 5.680   1.00 27.99 ? 63  LEU A CG  1 
ATOM   493  C CD1 . LEU A 1 63 ? -16.026 -14.527 6.529   1.00 29.60 ? 63  LEU A CD1 1 
ATOM   494  C CD2 . LEU A 1 63 ? -17.039 -16.803 6.308   1.00 29.73 ? 63  LEU A CD2 1 
ATOM   495  N N   . ILE A 1 64 ? -13.597 -13.865 4.478   1.00 23.94 ? 64  ILE A N   1 
ATOM   496  C CA  . ILE A 1 64 ? -12.174 -14.047 4.723   1.00 25.58 ? 64  ILE A CA  1 
ATOM   497  C C   . ILE A 1 64 ? -11.856 -13.827 6.192   1.00 26.07 ? 64  ILE A C   1 
ATOM   498  O O   . ILE A 1 64 ? -12.436 -12.956 6.841   1.00 27.00 ? 64  ILE A O   1 
ATOM   499  C CB  . ILE A 1 64 ? -11.317 -13.060 3.891   1.00 27.20 ? 64  ILE A CB  1 
ATOM   500  C CG1 . ILE A 1 64 ? -11.494 -13.340 2.397   1.00 29.33 ? 64  ILE A CG1 1 
ATOM   501  C CG2 . ILE A 1 64 ? -9.845  -13.194 4.278   1.00 27.53 ? 64  ILE A CG2 1 
ATOM   502  C CD1 . ILE A 1 64 ? -10.661 -12.433 1.501   1.00 30.78 ? 64  ILE A CD1 1 
ATOM   503  N N   . GLU A 1 65 ? -10.932 -14.627 6.710   1.00 25.73 ? 65  GLU A N   1 
ATOM   504  C CA  . GLU A 1 65 ? -10.513 -14.512 8.097   1.00 26.38 ? 65  GLU A CA  1 
ATOM   505  C C   . GLU A 1 65 ? -9.095  -13.959 8.140   1.00 26.30 ? 65  GLU A C   1 
ATOM   506  O O   . GLU A 1 65 ? -8.167  -14.559 7.601   1.00 25.36 ? 65  GLU A O   1 
ATOM   507  C CB  . GLU A 1 65 ? -10.563 -15.879 8.773   1.00 28.21 ? 65  GLU A CB  1 
ATOM   508  C CG  . GLU A 1 65 ? -11.960 -16.443 8.876   1.00 32.25 ? 65  GLU A CG  1 
ATOM   509  C CD  . GLU A 1 65 ? -11.972 -17.863 9.396   1.00 34.77 ? 65  GLU A CD  1 
ATOM   510  O OE1 . GLU A 1 65 ? -11.350 -18.109 10.452  1.00 34.32 ? 65  GLU A OE1 1 
ATOM   511  O OE2 . GLU A 1 65 ? -12.606 -18.725 8.747   1.00 35.13 ? 65  GLU A OE2 1 
ATOM   512  N N   . ILE A 1 66 ? -8.938  -12.806 8.778   1.00 26.81 ? 66  ILE A N   1 
ATOM   513  C CA  . ILE A 1 66 ? -7.635  -12.170 8.890   1.00 28.84 ? 66  ILE A CA  1 
ATOM   514  C C   . ILE A 1 66 ? -7.227  -12.150 10.357  1.00 30.19 ? 66  ILE A C   1 
ATOM   515  O O   . ILE A 1 66 ? -7.830  -11.450 11.165  1.00 28.95 ? 66  ILE A O   1 
ATOM   516  C CB  . ILE A 1 66 ? -7.684  -10.727 8.360   1.00 29.59 ? 66  ILE A CB  1 
ATOM   517  C CG1 . ILE A 1 66 ? -8.358  -10.703 6.987   1.00 30.22 ? 66  ILE A CG1 1 
ATOM   518  C CG2 . ILE A 1 66 ? -6.272  -10.164 8.250   1.00 30.48 ? 66  ILE A CG2 1 
ATOM   519  C CD1 . ILE A 1 66 ? -8.655  -9.317  6.479   1.00 31.84 ? 66  ILE A CD1 1 
ATOM   520  N N   . CYS A 1 67 ? -6.200  -12.926 10.693  1.00 33.00 ? 67  CYS A N   1 
ATOM   521  C CA  . CYS A 1 67 ? -5.711  -13.005 12.067  1.00 35.56 ? 67  CYS A CA  1 
ATOM   522  C C   . CYS A 1 67 ? -6.834  -13.274 13.058  1.00 35.60 ? 67  CYS A C   1 
ATOM   523  O O   . CYS A 1 67 ? -6.890  -12.660 14.123  1.00 37.01 ? 67  CYS A O   1 
ATOM   524  C CB  . CYS A 1 67 ? -4.994  -11.713 12.455  1.00 36.39 ? 67  CYS A CB  1 
ATOM   525  S SG  . CYS A 1 67 ? -3.465  -11.418 11.557  1.00 42.22 ? 67  CYS A SG  1 
ATOM   526  N N   . GLY A 1 68 ? -7.735  -14.184 12.700  1.00 36.10 ? 68  GLY A N   1 
ATOM   527  C CA  . GLY A 1 68 ? -8.834  -14.522 13.586  1.00 35.11 ? 68  GLY A CA  1 
ATOM   528  C C   . GLY A 1 68 ? -10.067 -13.642 13.486  1.00 35.14 ? 68  GLY A C   1 
ATOM   529  O O   . GLY A 1 68 ? -11.074 -13.914 14.140  1.00 36.07 ? 68  GLY A O   1 
ATOM   530  N N   . HIS A 1 69 ? -10.003 -12.588 12.678  1.00 34.04 ? 69  HIS A N   1 
ATOM   531  C CA  . HIS A 1 69 ? -11.147 -11.692 12.522  1.00 32.63 ? 69  HIS A CA  1 
ATOM   532  C C   . HIS A 1 69 ? -11.882 -11.957 11.213  1.00 31.83 ? 69  HIS A C   1 
ATOM   533  O O   . HIS A 1 69 ? -11.318 -11.797 10.131  1.00 31.30 ? 69  HIS A O   1 
ATOM   534  C CB  . HIS A 1 69 ? -10.692 -10.229 12.553  1.00 33.33 ? 69  HIS A CB  1 
ATOM   535  C CG  . HIS A 1 69 ? -10.029 -9.824  13.832  1.00 34.81 ? 69  HIS A CG  1 
ATOM   536  N ND1 . HIS A 1 69 ? -8.796  -10.304 14.218  1.00 36.05 ? 69  HIS A ND1 1 
ATOM   537  C CD2 . HIS A 1 69 ? -10.429 -8.984  14.817  1.00 35.33 ? 69  HIS A CD2 1 
ATOM   538  C CE1 . HIS A 1 69 ? -8.465  -9.780  15.384  1.00 35.69 ? 69  HIS A CE1 1 
ATOM   539  N NE2 . HIS A 1 69 ? -9.440  -8.975  15.770  1.00 35.98 ? 69  HIS A NE2 1 
ATOM   540  N N   . LYS A 1 70 ? -13.143 -12.365 11.312  1.00 30.73 ? 70  LYS A N   1 
ATOM   541  C CA  . LYS A 1 70 ? -13.937 -12.631 10.121  1.00 29.73 ? 70  LYS A CA  1 
ATOM   542  C C   . LYS A 1 70 ? -14.347 -11.325 9.452   1.00 29.03 ? 70  LYS A C   1 
ATOM   543  O O   . LYS A 1 70 ? -14.659 -10.339 10.122  1.00 28.95 ? 70  LYS A O   1 
ATOM   544  C CB  . LYS A 1 70 ? -15.190 -13.437 10.475  1.00 31.21 ? 70  LYS A CB  1 
ATOM   545  C CG  . LYS A 1 70 ? -14.920 -14.883 10.861  1.00 32.45 ? 70  LYS A CG  1 
ATOM   546  C CD  . LYS A 1 70 ? -16.222 -15.630 11.122  1.00 35.41 ? 70  LYS A CD  1 
ATOM   547  C CE  . LYS A 1 70 ? -15.974 -17.093 11.464  1.00 35.77 ? 70  LYS A CE  1 
ATOM   548  N NZ  . LYS A 1 70 ? -15.167 -17.251 12.709  1.00 38.54 ? 70  LYS A NZ  1 
ATOM   549  N N   . ALA A 1 71 ? -14.345 -11.327 8.123   1.00 26.64 ? 71  ALA A N   1 
ATOM   550  C CA  . ALA A 1 71 ? -14.725 -10.153 7.353   1.00 25.32 ? 71  ALA A CA  1 
ATOM   551  C C   . ALA A 1 71 ? -15.360 -10.582 6.033   1.00 24.78 ? 71  ALA A C   1 
ATOM   552  O O   . ALA A 1 71 ? -15.071 -11.664 5.514   1.00 25.10 ? 71  ALA A O   1 
ATOM   553  C CB  . ALA A 1 71 ? -13.501 -9.287  7.089   1.00 26.11 ? 71  ALA A CB  1 
ATOM   554  N N   . ILE A 1 72 ? -16.231 -9.732  5.499   1.00 21.86 ? 72  ILE A N   1 
ATOM   555  C CA  . ILE A 1 72 ? -16.908 -10.014 4.241   1.00 20.19 ? 72  ILE A CA  1 
ATOM   556  C C   . ILE A 1 72 ? -16.655 -8.865  3.277   1.00 18.29 ? 72  ILE A C   1 
ATOM   557  O O   . ILE A 1 72 ? -16.684 -7.704  3.674   1.00 17.19 ? 72  ILE A O   1 
ATOM   558  C CB  . ILE A 1 72 ? -18.432 -10.151 4.441   1.00 22.05 ? 72  ILE A CB  1 
ATOM   559  C CG1 . ILE A 1 72 ? -18.729 -11.284 5.424   1.00 25.35 ? 72  ILE A CG1 1 
ATOM   560  C CG2 . ILE A 1 72 ? -19.106 -10.423 3.103   1.00 23.84 ? 72  ILE A CG2 1 
ATOM   561  C CD1 . ILE A 1 72 ? -20.198 -11.429 5.752   1.00 26.23 ? 72  ILE A CD1 1 
ATOM   562  N N   . GLY A 1 73 ? -16.410 -9.184  2.011   1.00 16.63 ? 73  GLY A N   1 
ATOM   563  C CA  . GLY A 1 73 ? -16.174 -8.127  1.048   1.00 16.17 ? 73  GLY A CA  1 
ATOM   564  C C   . GLY A 1 73 ? -15.785 -8.604  -0.333  1.00 16.40 ? 73  GLY A C   1 
ATOM   565  O O   . GLY A 1 73 ? -15.716 -9.806  -0.604  1.00 15.66 ? 73  GLY A O   1 
ATOM   566  N N   . THR A 1 74 ? -15.537 -7.641  -1.214  1.00 16.06 ? 74  THR A N   1 
ATOM   567  C CA  . THR A 1 74 ? -15.141 -7.934  -2.581  1.00 16.57 ? 74  THR A CA  1 
ATOM   568  C C   . THR A 1 74 ? -13.676 -8.356  -2.628  1.00 14.98 ? 74  THR A C   1 
ATOM   569  O O   . THR A 1 74 ? -12.828 -7.790  -1.941  1.00 15.03 ? 74  THR A O   1 
ATOM   570  C CB  . THR A 1 74 ? -15.341 -6.696  -3.482  1.00 17.39 ? 74  THR A CB  1 
ATOM   571  O OG1 . THR A 1 74 ? -16.739 -6.403  -3.575  1.00 20.54 ? 74  THR A OG1 1 
ATOM   572  C CG2 . THR A 1 74 ? -14.784 -6.942  -4.876  1.00 18.68 ? 74  THR A CG2 1 
ATOM   573  N N   . VAL A 1 75 ? -13.391 -9.368  -3.434  1.00 13.06 ? 75  VAL A N   1 
ATOM   574  C CA  . VAL A 1 75 ? -12.035 -9.857  -3.592  1.00 12.06 ? 75  VAL A CA  1 
ATOM   575  C C   . VAL A 1 75 ? -11.751 -9.919  -5.083  1.00 12.02 ? 75  VAL A C   1 
ATOM   576  O O   . VAL A 1 75 ? -12.573 -10.420 -5.855  1.00 13.96 ? 75  VAL A O   1 
ATOM   577  C CB  . VAL A 1 75 ? -11.866 -11.266 -2.972  1.00 12.38 ? 75  VAL A CB  1 
ATOM   578  C CG1 . VAL A 1 75 ? -10.484 -11.816 -3.280  1.00 16.14 ? 75  VAL A CG1 1 
ATOM   579  C CG2 . VAL A 1 75 ? -12.072 -11.190 -1.468  1.00 14.55 ? 75  VAL A CG2 1 
ATOM   580  N N   . LEU A 1 76 ? -10.603 -9.385  -5.488  1.00 11.39 ? 76  LEU A N   1 
ATOM   581  C CA  . LEU A 1 76 ? -10.212 -9.395  -6.895  1.00 11.62 ? 76  LEU A CA  1 
ATOM   582  C C   . LEU A 1 76 ? -9.178  -10.500 -7.071  1.00 14.24 ? 76  LEU A C   1 
ATOM   583  O O   . LEU A 1 76 ? -8.256  -10.621 -6.269  1.00 13.93 ? 76  LEU A O   1 
ATOM   584  C CB  . LEU A 1 76 ? -9.607  -8.046  -7.294  1.00 11.40 ? 76  LEU A CB  1 
ATOM   585  C CG  . LEU A 1 76 ? -10.502 -6.833  -7.021  1.00 12.78 ? 76  LEU A CG  1 
ATOM   586  C CD1 . LEU A 1 76 ? -9.820  -5.568  -7.518  1.00 12.93 ? 76  LEU A CD1 1 
ATOM   587  C CD2 . LEU A 1 76 ? -11.852 -7.017  -7.711  1.00 12.78 ? 76  LEU A CD2 1 
ATOM   588  N N   . VAL A 1 77 ? -9.333  -11.299 -8.122  1.00 12.63 ? 77  VAL A N   1 
ATOM   589  C CA  . VAL A 1 77 ? -8.414  -12.401 -8.373  1.00 13.01 ? 77  VAL A CA  1 
ATOM   590  C C   . VAL A 1 77 ? -7.710  -12.243 -9.708  1.00 11.74 ? 77  VAL A C   1 
ATOM   591  O O   . VAL A 1 77 ? -8.355  -12.055 -10.743 1.00 12.96 ? 77  VAL A O   1 
ATOM   592  C CB  . VAL A 1 77 ? -9.172  -13.746 -8.349  1.00 14.03 ? 77  VAL A CB  1 
ATOM   593  C CG1 . VAL A 1 77 ? -8.211  -14.898 -8.599  1.00 17.36 ? 77  VAL A CG1 1 
ATOM   594  C CG2 . VAL A 1 77 ? -9.880  -13.906 -7.003  1.00 16.36 ? 77  VAL A CG2 1 
ATOM   595  N N   . GLY A 1 78 ? -6.384  -12.327 -9.682  1.00 11.07 ? 78  GLY A N   1 
ATOM   596  C CA  . GLY A 1 78 ? -5.625  -12.175 -10.905 1.00 13.93 ? 78  GLY A CA  1 
ATOM   597  C C   . GLY A 1 78 ? -4.132  -12.384 -10.733 1.00 14.34 ? 78  GLY A C   1 
ATOM   598  O O   . GLY A 1 78 ? -3.678  -12.790 -9.657  1.00 15.44 ? 78  GLY A O   1 
ATOM   599  N N   . PRO A 1 79 ? -3.339  -12.091 -11.777 1.00 13.35 ? 79  PRO A N   1 
ATOM   600  C CA  . PRO A 1 79 ? -1.882  -12.252 -11.758 1.00 16.01 ? 79  PRO A CA  1 
ATOM   601  C C   . PRO A 1 79 ? -1.074  -11.259 -10.929 1.00 16.22 ? 79  PRO A C   1 
ATOM   602  O O   . PRO A 1 79 ? -0.097  -10.689 -11.410 1.00 15.79 ? 79  PRO A O   1 
ATOM   603  C CB  . PRO A 1 79 ? -1.517  -12.213 -13.242 1.00 15.79 ? 79  PRO A CB  1 
ATOM   604  C CG  . PRO A 1 79 ? -2.522  -11.265 -13.802 1.00 15.79 ? 79  PRO A CG  1 
ATOM   605  C CD  . PRO A 1 79 ? -3.804  -11.689 -13.118 1.00 15.83 ? 79  PRO A CD  1 
ATOM   606  N N   . THR A 1 80 ? -1.475  -11.060 -9.678  1.00 16.92 ? 80  THR A N   1 
ATOM   607  C CA  . THR A 1 80 ? -0.745  -10.156 -8.800  1.00 16.53 ? 80  THR A CA  1 
ATOM   608  C C   . THR A 1 80 ? 0.447   -10.923 -8.229  1.00 18.54 ? 80  THR A C   1 
ATOM   609  O O   . THR A 1 80 ? 0.334   -12.108 -7.914  1.00 18.07 ? 80  THR A O   1 
ATOM   610  C CB  . THR A 1 80 ? -1.628  -9.665  -7.638  1.00 14.86 ? 80  THR A CB  1 
ATOM   611  O OG1 . THR A 1 80 ? -0.844  -8.870  -6.741  1.00 15.35 ? 80  THR A OG1 1 
ATOM   612  C CG2 . THR A 1 80 ? -2.229  -10.853 -6.888  1.00 13.64 ? 80  THR A CG2 1 
ATOM   613  N N   . PRO A 1 81 ? 1.607   -10.260 -8.096  1.00 20.17 ? 81  PRO A N   1 
ATOM   614  C CA  . PRO A 1 81 ? 2.810   -10.906 -7.558  1.00 21.57 ? 81  PRO A CA  1 
ATOM   615  C C   . PRO A 1 81 ? 2.730   -11.237 -6.065  1.00 22.42 ? 81  PRO A C   1 
ATOM   616  O O   . PRO A 1 81 ? 3.468   -12.091 -5.571  1.00 24.17 ? 81  PRO A O   1 
ATOM   617  C CB  . PRO A 1 81 ? 3.911   -9.899  -7.882  1.00 21.82 ? 81  PRO A CB  1 
ATOM   618  C CG  . PRO A 1 81 ? 3.201   -8.592  -7.790  1.00 23.15 ? 81  PRO A CG  1 
ATOM   619  C CD  . PRO A 1 81 ? 1.887   -8.870  -8.492  1.00 21.66 ? 81  PRO A CD  1 
ATOM   620  N N   . VAL A 1 82 ? 1.825   -10.571 -5.350  1.00 20.47 ? 82  VAL A N   1 
ATOM   621  C CA  . VAL A 1 82 ? 1.662   -10.809 -3.918  1.00 18.37 ? 82  VAL A CA  1 
ATOM   622  C C   . VAL A 1 82 ? 0.202   -10.604 -3.498  1.00 16.20 ? 82  VAL A C   1 
ATOM   623  O O   . VAL A 1 82 ? -0.506  -9.793  -4.094  1.00 15.44 ? 82  VAL A O   1 
ATOM   624  C CB  . VAL A 1 82 ? 2.551   -9.848  -3.100  1.00 20.50 ? 82  VAL A CB  1 
ATOM   625  C CG1 . VAL A 1 82 ? 2.115   -8.421  -3.334  1.00 22.64 ? 82  VAL A CG1 1 
ATOM   626  C CG2 . VAL A 1 82 ? 2.487   -10.197 -1.618  1.00 21.99 ? 82  VAL A CG2 1 
ATOM   627  N N   . ASN A 1 83 ? -0.244  -11.346 -2.485  1.00 13.28 ? 83  ASN A N   1 
ATOM   628  C CA  . ASN A 1 83 ? -1.614  -11.213 -1.992  1.00 12.37 ? 83  ASN A CA  1 
ATOM   629  C C   . ASN A 1 83 ? -1.705  -9.905  -1.227  1.00 11.48 ? 83  ASN A C   1 
ATOM   630  O O   . ASN A 1 83 ? -0.889  -9.638  -0.348  1.00 11.66 ? 83  ASN A O   1 
ATOM   631  C CB  . ASN A 1 83 ? -1.985  -12.387 -1.081  1.00 13.38 ? 83  ASN A CB  1 
ATOM   632  C CG  . ASN A 1 83 ? -2.042  -13.709 -1.832  1.00 20.30 ? 83  ASN A CG  1 
ATOM   633  O OD1 . ASN A 1 83 ? -2.597  -13.789 -2.932  1.00 20.75 ? 83  ASN A OD1 1 
ATOM   634  N ND2 . ASN A 1 83 ? -1.476  -14.755 -1.235  1.00 19.41 ? 83  ASN A ND2 1 
ATOM   635  N N   . ILE A 1 84 ? -2.702  -9.095  -1.571  1.00 10.61 ? 84  ILE A N   1 
ATOM   636  C CA  . ILE A 1 84 ? -2.883  -7.785  -0.958  1.00 10.01 ? 84  ILE A CA  1 
ATOM   637  C C   . ILE A 1 84 ? -4.233  -7.614  -0.265  1.00 10.49 ? 84  ILE A C   1 
ATOM   638  O O   . ILE A 1 84 ? -5.275  -7.827  -0.875  1.00 9.85  ? 84  ILE A O   1 
ATOM   639  C CB  . ILE A 1 84 ? -2.762  -6.684  -2.038  1.00 13.87 ? 84  ILE A CB  1 
ATOM   640  C CG1 . ILE A 1 84 ? -1.348  -6.686  -2.618  1.00 14.86 ? 84  ILE A CG1 1 
ATOM   641  C CG2 . ILE A 1 84 ? -3.156  -5.321  -1.460  1.00 12.52 ? 84  ILE A CG2 1 
ATOM   642  C CD1 . ILE A 1 84 ? -1.183  -5.763  -3.806  1.00 18.01 ? 84  ILE A CD1 1 
ATOM   643  N N   . ILE A 1 85 ? -4.210  -7.239  1.012   1.00 8.89  ? 85  ILE A N   1 
ATOM   644  C CA  . ILE A 1 85 ? -5.448  -6.989  1.746   1.00 9.24  ? 85  ILE A CA  1 
ATOM   645  C C   . ILE A 1 85 ? -5.606  -5.471  1.704   1.00 9.13  ? 85  ILE A C   1 
ATOM   646  O O   . ILE A 1 85 ? -4.793  -4.748  2.276   1.00 8.26  ? 85  ILE A O   1 
ATOM   647  C CB  . ILE A 1 85 ? -5.359  -7.425  3.224   1.00 10.71 ? 85  ILE A CB  1 
ATOM   648  C CG1 . ILE A 1 85 ? -5.052  -8.925  3.321   1.00 11.72 ? 85  ILE A CG1 1 
ATOM   649  C CG2 . ILE A 1 85 ? -6.657  -7.055  3.948   1.00 11.35 ? 85  ILE A CG2 1 
ATOM   650  C CD1 . ILE A 1 85 ? -5.962  -9.815  2.512   1.00 16.08 ? 85  ILE A CD1 1 
ATOM   651  N N   . GLY A 1 86 ? -6.640  -4.997  1.012   1.00 7.65  ? 86  GLY A N   1 
ATOM   652  C CA  . GLY A 1 86 ? -6.853  -3.563  0.890   1.00 9.15  ? 86  GLY A CA  1 
ATOM   653  C C   . GLY A 1 86 ? -7.811  -2.971  1.909   1.00 8.40  ? 86  GLY A C   1 
ATOM   654  O O   . GLY A 1 86 ? -8.312  -3.666  2.790   1.00 7.78  ? 86  GLY A O   1 
ATOM   655  N N   . ARG A 1 87 ? -8.070  -1.676  1.773   1.00 8.21  ? 87  ARG A N   1 
ATOM   656  C CA  . ARG A 1 87 ? -8.941  -0.968  2.696   1.00 8.92  ? 87  ARG A CA  1 
ATOM   657  C C   . ARG A 1 87 ? -10.337 -1.549  2.851   1.00 10.30 ? 87  ARG A C   1 
ATOM   658  O O   . ARG A 1 87 ? -10.878 -1.543  3.956   1.00 11.18 ? 87  ARG A O   1 
ATOM   659  C CB  . ARG A 1 87 ? -9.047  0.511   2.301   1.00 7.13  ? 87  ARG A CB  1 
ATOM   660  C CG  . ARG A 1 87 ? -7.757  1.302   2.524   1.00 7.49  ? 87  ARG A CG  1 
ATOM   661  C CD  . ARG A 1 87 ? -7.937  2.811   2.303   1.00 8.10  ? 87  ARG A CD  1 
ATOM   662  N NE  . ARG A 1 87 ? -8.433  3.133   0.965   1.00 10.94 ? 87  ARG A NE  1 
ATOM   663  C CZ  . ARG A 1 87 ? -9.695  3.441   0.680   1.00 11.51 ? 87  ARG A CZ  1 
ATOM   664  N NH1 . ARG A 1 87 ? -10.608 3.477   1.641   1.00 10.72 ? 87  ARG A NH1 1 
ATOM   665  N NH2 . ARG A 1 87 ? -10.044 3.716   -0.572  1.00 12.27 ? 87  ARG A NH2 1 
ATOM   666  N N   . ASN A 1 88 ? -10.922 -2.053  1.767   1.00 9.91  ? 88  ASN A N   1 
ATOM   667  C CA  . ASN A 1 88 ? -12.280 -2.600  1.845   1.00 11.18 ? 88  ASN A CA  1 
ATOM   668  C C   . ASN A 1 88 ? -12.427 -3.655  2.941   1.00 11.09 ? 88  ASN A C   1 
ATOM   669  O O   . ASN A 1 88 ? -13.497 -3.788  3.538   1.00 12.22 ? 88  ASN A O   1 
ATOM   670  C CB  . ASN A 1 88 ? -12.720 -3.172  0.489   1.00 12.93 ? 88  ASN A CB  1 
ATOM   671  C CG  . ASN A 1 88 ? -12.019 -4.469  0.137   1.00 15.20 ? 88  ASN A CG  1 
ATOM   672  O OD1 . ASN A 1 88 ? -10.792 -4.552  0.164   1.00 13.47 ? 88  ASN A OD1 1 
ATOM   673  N ND2 . ASN A 1 88 ? -12.804 -5.494  -0.206  1.00 14.80 ? 88  ASN A ND2 1 
ATOM   674  N N   . LEU A 1 89 ? -11.359 -4.399  3.219   1.00 9.73  ? 89  LEU A N   1 
ATOM   675  C CA  . LEU A 1 89 ? -11.416 -5.410  4.266   1.00 10.32 ? 89  LEU A CA  1 
ATOM   676  C C   . LEU A 1 89 ? -10.755 -4.946  5.567   1.00 10.66 ? 89  LEU A C   1 
ATOM   677  O O   . LEU A 1 89 ? -11.167 -5.355  6.653   1.00 11.98 ? 89  LEU A O   1 
ATOM   678  C CB  . LEU A 1 89 ? -10.774 -6.719  3.791   1.00 12.26 ? 89  LEU A CB  1 
ATOM   679  C CG  . LEU A 1 89 ? -11.483 -7.413  2.619   1.00 12.97 ? 89  LEU A CG  1 
ATOM   680  C CD1 . LEU A 1 89 ? -10.731 -8.688  2.252   1.00 16.99 ? 89  LEU A CD1 1 
ATOM   681  C CD2 . LEU A 1 89 ? -12.919 -7.738  3.003   1.00 14.56 ? 89  LEU A CD2 1 
ATOM   682  N N   . LEU A 1 90 ? -9.733  -4.096  5.466   1.00 10.39 ? 90  LEU A N   1 
ATOM   683  C CA  . LEU A 1 90 ? -9.062  -3.603  6.666   1.00 9.08  ? 90  LEU A CA  1 
ATOM   684  C C   . LEU A 1 90 ? -10.026 -2.837  7.572   1.00 10.57 ? 90  LEU A C   1 
ATOM   685  O O   . LEU A 1 90 ? -9.909  -2.890  8.797   1.00 11.87 ? 90  LEU A O   1 
ATOM   686  C CB  . LEU A 1 90 ? -7.877  -2.703  6.293   1.00 12.07 ? 90  LEU A CB  1 
ATOM   687  C CG  . LEU A 1 90 ? -6.688  -3.372  5.594   1.00 13.16 ? 90  LEU A CG  1 
ATOM   688  C CD1 . LEU A 1 90 ? -5.675  -2.306  5.175   1.00 13.09 ? 90  LEU A CD1 1 
ATOM   689  C CD2 . LEU A 1 90 ? -6.041  -4.381  6.523   1.00 16.14 ? 90  LEU A CD2 1 
ATOM   690  N N   . THR A 1 91 ? -10.981 -2.128  6.981   1.00 9.09  ? 91  THR A N   1 
ATOM   691  C CA  . THR A 1 91 ? -11.941 -1.379  7.793   1.00 11.90 ? 91  THR A CA  1 
ATOM   692  C C   . THR A 1 91 ? -12.813 -2.318  8.614   1.00 12.07 ? 91  THR A C   1 
ATOM   693  O O   . THR A 1 91 ? -13.199 -1.992  9.739   1.00 11.82 ? 91  THR A O   1 
ATOM   694  C CB  . THR A 1 91 ? -12.889 -0.524  6.932   1.00 11.58 ? 91  THR A CB  1 
ATOM   695  O OG1 . THR A 1 91 ? -13.564 -1.366  5.988   1.00 12.92 ? 91  THR A OG1 1 
ATOM   696  C CG2 . THR A 1 91 ? -12.120 0.556   6.196   1.00 12.96 ? 91  THR A CG2 1 
ATOM   697  N N   . GLN A 1 92 ? -13.116 -3.486  8.051   1.00 11.42 ? 92  GLN A N   1 
ATOM   698  C CA  . GLN A 1 92 ? -13.980 -4.453  8.724   1.00 11.50 ? 92  GLN A CA  1 
ATOM   699  C C   . GLN A 1 92 ? -13.368 -5.067  9.979   1.00 13.91 ? 92  GLN A C   1 
ATOM   700  O O   . GLN A 1 92 ? -14.093 -5.511  10.872  1.00 13.17 ? 92  GLN A O   1 
ATOM   701  C CB  . GLN A 1 92 ? -14.400 -5.553  7.743   1.00 10.82 ? 92  GLN A CB  1 
ATOM   702  C CG  . GLN A 1 92 ? -15.142 -5.036  6.501   1.00 10.11 ? 92  GLN A CG  1 
ATOM   703  C CD  . GLN A 1 92 ? -16.406 -4.254  6.848   1.00 12.63 ? 92  GLN A CD  1 
ATOM   704  O OE1 . GLN A 1 92 ? -16.397 -3.018  6.926   1.00 14.11 ? 92  GLN A OE1 1 
ATOM   705  N NE2 . GLN A 1 92 ? -17.495 -4.973  7.070   1.00 9.71  ? 92  GLN A NE2 1 
ATOM   706  N N   . ILE A 1 93 ? -12.041 -5.098  10.065  1.00 14.40 ? 93  ILE A N   1 
ATOM   707  C CA  . ILE A 1 93 ? -11.408 -5.652  11.252  1.00 13.88 ? 93  ILE A CA  1 
ATOM   708  C C   . ILE A 1 93 ? -10.975 -4.546  12.215  1.00 14.55 ? 93  ILE A C   1 
ATOM   709  O O   . ILE A 1 93 ? -10.342 -4.814  13.233  1.00 15.95 ? 93  ILE A O   1 
ATOM   710  C CB  . ILE A 1 93 ? -10.200 -6.549  10.890  1.00 15.72 ? 93  ILE A CB  1 
ATOM   711  C CG1 . ILE A 1 93 ? -9.124  -5.743  10.163  1.00 15.59 ? 93  ILE A CG1 1 
ATOM   712  C CG2 . ILE A 1 93 ? -10.670 -7.710  10.016  1.00 16.79 ? 93  ILE A CG2 1 
ATOM   713  C CD1 . ILE A 1 93 ? -7.894  -6.559  9.827   1.00 18.93 ? 93  ILE A CD1 1 
ATOM   714  N N   . GLY A 1 94 ? -11.333 -3.307  11.886  1.00 13.76 ? 94  GLY A N   1 
ATOM   715  C CA  . GLY A 1 94 ? -11.015 -2.174  12.736  1.00 14.00 ? 94  GLY A CA  1 
ATOM   716  C C   . GLY A 1 94 ? -9.571  -1.726  12.723  1.00 15.60 ? 94  GLY A C   1 
ATOM   717  O O   . GLY A 1 94 ? -9.066  -1.188  13.716  1.00 14.91 ? 94  GLY A O   1 
ATOM   718  N N   . CYS A 1 95 ? -8.907  -1.927  11.592  1.00 14.59 ? 95  CYS A N   1 
ATOM   719  C CA  . CYS A 1 95 ? -7.508  -1.556  11.451  1.00 15.25 ? 95  CYS A CA  1 
ATOM   720  C C   . CYS A 1 95 ? -7.321  -0.054  11.240  1.00 14.53 ? 95  CYS A C   1 
ATOM   721  O O   . CYS A 1 95 ? -7.987  0.553   10.397  1.00 15.57 ? 95  CYS A O   1 
ATOM   722  C CB  . CYS A 1 95 ? -6.897  -2.332  10.280  1.00 16.43 ? 95  CYS A CB  1 
ATOM   723  S SG  . CYS A 1 95 ? -5.123  -2.115  10.089  1.00 21.29 ? 95  CYS A SG  1 
ATOM   724  N N   . THR A 1 96 ? -6.414  0.544   12.007  1.00 13.75 ? 96  THR A N   1 
ATOM   725  C CA  . THR A 1 96 ? -6.133  1.971   11.889  1.00 12.90 ? 96  THR A CA  1 
ATOM   726  C C   . THR A 1 96 ? -4.628  2.222   11.824  1.00 13.82 ? 96  THR A C   1 
ATOM   727  O O   . THR A 1 96 ? -3.833  1.391   12.266  1.00 13.72 ? 96  THR A O   1 
ATOM   728  C CB  . THR A 1 96 ? -6.688  2.769   13.093  1.00 14.33 ? 96  THR A CB  1 
ATOM   729  O OG1 . THR A 1 96 ? -6.070  2.303   14.298  1.00 16.51 ? 96  THR A OG1 1 
ATOM   730  C CG2 . THR A 1 96 ? -8.195  2.598   13.203  1.00 16.48 ? 96  THR A CG2 1 
ATOM   731  N N   . LEU A 1 97 ? -4.259  3.369   11.265  1.00 11.74 ? 97  LEU A N   1 
ATOM   732  C CA  . LEU A 1 97 ? -2.867  3.796   11.155  1.00 13.88 ? 97  LEU A CA  1 
ATOM   733  C C   . LEU A 1 97 ? -2.697  4.765   12.327  1.00 14.88 ? 97  LEU A C   1 
ATOM   734  O O   . LEU A 1 97 ? -3.540  5.642   12.525  1.00 14.87 ? 97  LEU A O   1 
ATOM   735  C CB  . LEU A 1 97 ? -2.663  4.524   9.821   1.00 15.81 ? 97  LEU A CB  1 
ATOM   736  C CG  . LEU A 1 97 ? -1.503  4.166   8.886   1.00 20.93 ? 97  LEU A CG  1 
ATOM   737  C CD1 . LEU A 1 97 ? -1.184  2.686   8.937   1.00 19.75 ? 97  LEU A CD1 1 
ATOM   738  C CD2 . LEU A 1 97 ? -1.881  4.593   7.467   1.00 20.59 ? 97  LEU A CD2 1 
ATOM   739  N N   . ASN A 1 98 ? -1.632  4.608   13.112  1.00 15.71 ? 98  ASN A N   1 
ATOM   740  C CA  . ASN A 1 98 ? -1.422  5.486   14.265  1.00 17.22 ? 98  ASN A CA  1 
ATOM   741  C C   . ASN A 1 98 ? 0.001   6.022   14.413  1.00 18.52 ? 98  ASN A C   1 
ATOM   742  O O   . ASN A 1 98 ? 0.970   5.282   14.260  1.00 16.21 ? 98  ASN A O   1 
ATOM   743  C CB  . ASN A 1 98 ? -1.790  4.758   15.563  1.00 19.39 ? 98  ASN A CB  1 
ATOM   744  C CG  . ASN A 1 98 ? -3.211  4.222   15.554  1.00 20.80 ? 98  ASN A CG  1 
ATOM   745  O OD1 . ASN A 1 98 ? -3.509  3.219   14.905  1.00 24.04 ? 98  ASN A OD1 1 
ATOM   746  N ND2 . ASN A 1 98 ? -4.096  4.895   16.275  1.00 21.92 ? 98  ASN A ND2 1 
ATOM   747  N N   . PHE A 1 99 ? 0.110   7.316   14.714  1.00 20.22 ? 99  PHE A N   1 
ATOM   748  C CA  . PHE A 1 99 ? 1.399   7.963   14.931  1.00 22.98 ? 99  PHE A CA  1 
ATOM   749  C C   . PHE A 1 99 ? 1.207   9.305   15.642  1.00 25.10 ? 99  PHE A C   1 
ATOM   750  O O   . PHE A 1 99 ? 2.162   10.109  15.675  1.00 27.14 ? 99  PHE A O   1 
ATOM   751  C CB  . PHE A 1 99 ? 2.160   8.166   13.607  1.00 23.14 ? 99  PHE A CB  1 
ATOM   752  C CG  . PHE A 1 99 ? 1.511   9.136   12.651  1.00 24.22 ? 99  PHE A CG  1 
ATOM   753  C CD1 . PHE A 1 99 ? 0.449   8.741   11.846  1.00 26.29 ? 99  PHE A CD1 1 
ATOM   754  C CD2 . PHE A 1 99 ? 1.986   10.441  12.536  1.00 25.47 ? 99  PHE A CD2 1 
ATOM   755  C CE1 . PHE A 1 99 ? -0.131  9.629   10.937  1.00 25.82 ? 99  PHE A CE1 1 
ATOM   756  C CE2 . PHE A 1 99 ? 1.417   11.337  11.633  1.00 26.49 ? 99  PHE A CE2 1 
ATOM   757  C CZ  . PHE A 1 99 ? 0.354   10.929  10.829  1.00 27.27 ? 99  PHE A CZ  1 
ATOM   758  O OXT . PHE A 1 99 ? 0.104   9.525   16.183  1.00 26.35 ? 99  PHE A OXT 1 
ATOM   759  N N   . PRO B 1 1  ? -1.826  11.116  15.373  1.00 31.31 ? 1   PRO B N   1 
ATOM   760  C CA  . PRO B 1 1  ? -3.289  10.903  15.347  1.00 29.86 ? 1   PRO B CA  1 
ATOM   761  C C   . PRO B 1 1  ? -3.614  9.457   14.986  1.00 29.58 ? 1   PRO B C   1 
ATOM   762  O O   . PRO B 1 1  ? -2.714  8.639   14.805  1.00 28.36 ? 1   PRO B O   1 
ATOM   763  C CB  . PRO B 1 1  ? -3.837  11.842  14.292  1.00 30.76 ? 1   PRO B CB  1 
ATOM   764  C CG  . PRO B 1 1  ? -2.675  11.874  13.312  1.00 30.58 ? 1   PRO B CG  1 
ATOM   765  C CD  . PRO B 1 1  ? -1.422  11.928  14.210  1.00 30.02 ? 1   PRO B CD  1 
ATOM   766  N N   . GLN B 1 2  ? -4.906  9.156   14.893  1.00 28.17 ? 2   GLN B N   1 
ATOM   767  C CA  . GLN B 1 2  ? -5.370  7.827   14.517  1.00 26.46 ? 2   GLN B CA  1 
ATOM   768  C C   . GLN B 1 2  ? -6.161  7.994   13.228  1.00 24.62 ? 2   GLN B C   1 
ATOM   769  O O   . GLN B 1 2  ? -7.149  8.725   13.190  1.00 25.85 ? 2   GLN B O   1 
ATOM   770  C CB  . GLN B 1 2  ? -6.268  7.226   15.598  1.00 28.38 ? 2   GLN B CB  1 
ATOM   771  C CG  . GLN B 1 2  ? -6.979  5.958   15.140  1.00 30.12 ? 2   GLN B CG  1 
ATOM   772  C CD  . GLN B 1 2  ? -7.550  5.154   16.288  1.00 32.13 ? 2   GLN B CD  1 
ATOM   773  O OE1 . GLN B 1 2  ? -6.812  4.648   17.132  1.00 34.03 ? 2   GLN B OE1 1 
ATOM   774  N NE2 . GLN B 1 2  ? -8.871  5.030   16.325  1.00 33.41 ? 2   GLN B NE2 1 
ATOM   775  N N   . ILE B 1 3  ? -5.723  7.317   12.174  1.00 20.89 ? 3   ILE B N   1 
ATOM   776  C CA  . ILE B 1 3  ? -6.374  7.427   10.878  1.00 18.77 ? 3   ILE B CA  1 
ATOM   777  C C   . ILE B 1 3  ? -7.139  6.165   10.491  1.00 18.20 ? 3   ILE B C   1 
ATOM   778  O O   . ILE B 1 3  ? -6.568  5.071   10.444  1.00 16.50 ? 3   ILE B O   1 
ATOM   779  C CB  . ILE B 1 3  ? -5.328  7.755   9.783   1.00 17.61 ? 3   ILE B CB  1 
ATOM   780  C CG1 . ILE B 1 3  ? -4.651  9.092   10.110  1.00 18.75 ? 3   ILE B CG1 1 
ATOM   781  C CG2 . ILE B 1 3  ? -5.986  7.811   8.408   1.00 18.08 ? 3   ILE B CG2 1 
ATOM   782  C CD1 . ILE B 1 3  ? -3.565  9.496   9.141   1.00 20.81 ? 3   ILE B CD1 1 
ATOM   783  N N   . THR B 1 4  ? -8.436  6.320   10.236  1.00 15.56 ? 4   THR B N   1 
ATOM   784  C CA  . THR B 1 4  ? -9.263  5.193   9.824   1.00 15.86 ? 4   THR B CA  1 
ATOM   785  C C   . THR B 1 4  ? -9.093  5.005   8.322   1.00 13.32 ? 4   THR B C   1 
ATOM   786  O O   . THR B 1 4  ? -8.562  5.879   7.634   1.00 13.71 ? 4   THR B O   1 
ATOM   787  C CB  . THR B 1 4  ? -10.756 5.412   10.161  1.00 16.85 ? 4   THR B CB  1 
ATOM   788  O OG1 . THR B 1 4  ? -11.184 6.682   9.663   1.00 18.77 ? 4   THR B OG1 1 
ATOM   789  C CG2 . THR B 1 4  ? -10.973 5.348   11.671  1.00 19.10 ? 4   THR B CG2 1 
ATOM   790  N N   . LEU B 1 5  ? -9.554  3.875   7.803   1.00 11.23 ? 5   LEU B N   1 
ATOM   791  C CA  . LEU B 1 5  ? -9.361  3.595   6.388   1.00 9.51  ? 5   LEU B CA  1 
ATOM   792  C C   . LEU B 1 5  ? -10.615 3.567   5.524   1.00 10.50 ? 5   LEU B C   1 
ATOM   793  O O   . LEU B 1 5  ? -10.614 2.977   4.448   1.00 10.42 ? 5   LEU B O   1 
ATOM   794  C CB  . LEU B 1 5  ? -8.598  2.276   6.262   1.00 9.65  ? 5   LEU B CB  1 
ATOM   795  C CG  . LEU B 1 5  ? -7.258  2.302   7.007   1.00 11.75 ? 5   LEU B CG  1 
ATOM   796  C CD1 . LEU B 1 5  ? -6.656  0.903   7.053   1.00 13.24 ? 5   LEU B CD1 1 
ATOM   797  C CD2 . LEU B 1 5  ? -6.323  3.287   6.313   1.00 13.41 ? 5   LEU B CD2 1 
ATOM   798  N N   . TRP B 1 6  ? -11.685 4.214   5.976   1.00 11.27 ? 6   TRP B N   1 
ATOM   799  C CA  . TRP B 1 6  ? -12.911 4.230   5.188   1.00 11.26 ? 6   TRP B CA  1 
ATOM   800  C C   . TRP B 1 6  ? -12.680 5.015   3.900   1.00 12.74 ? 6   TRP B C   1 
ATOM   801  O O   . TRP B 1 6  ? -13.357 4.798   2.896   1.00 13.74 ? 6   TRP B O   1 
ATOM   802  C CB  . TRP B 1 6  ? -14.057 4.816   6.015   1.00 11.86 ? 6   TRP B CB  1 
ATOM   803  C CG  . TRP B 1 6  ? -14.281 4.023   7.256   1.00 11.05 ? 6   TRP B CG  1 
ATOM   804  C CD1 . TRP B 1 6  ? -13.819 4.313   8.512   1.00 12.25 ? 6   TRP B CD1 1 
ATOM   805  C CD2 . TRP B 1 6  ? -14.954 2.758   7.358   1.00 12.87 ? 6   TRP B CD2 1 
ATOM   806  N NE1 . TRP B 1 6  ? -14.159 3.307   9.385   1.00 14.37 ? 6   TRP B NE1 1 
ATOM   807  C CE2 . TRP B 1 6  ? -14.854 2.340   8.705   1.00 12.42 ? 6   TRP B CE2 1 
ATOM   808  C CE3 . TRP B 1 6  ? -15.628 1.936   6.441   1.00 9.70  ? 6   TRP B CE3 1 
ATOM   809  C CZ2 . TRP B 1 6  ? -15.404 1.131   9.162   1.00 12.81 ? 6   TRP B CZ2 1 
ATOM   810  C CZ3 . TRP B 1 6  ? -16.174 0.738   6.891   1.00 10.67 ? 6   TRP B CZ3 1 
ATOM   811  C CH2 . TRP B 1 6  ? -16.058 0.345   8.242   1.00 11.95 ? 6   TRP B CH2 1 
ATOM   812  N N   . GLN B 1 7  ? -11.707 5.922   3.935   1.00 12.73 ? 7   GLN B N   1 
ATOM   813  C CA  . GLN B 1 7  ? -11.323 6.699   2.759   1.00 14.31 ? 7   GLN B CA  1 
ATOM   814  C C   . GLN B 1 7  ? -9.801  6.568   2.636   1.00 12.99 ? 7   GLN B C   1 
ATOM   815  O O   . GLN B 1 7  ? -9.150  6.095   3.564   1.00 11.95 ? 7   GLN B O   1 
ATOM   816  C CB  . GLN B 1 7  ? -11.737 8.165   2.918   1.00 18.46 ? 7   GLN B CB  1 
ATOM   817  C CG  . GLN B 1 7  ? -11.319 8.793   4.226   1.00 25.33 ? 7   GLN B CG  1 
ATOM   818  C CD  . GLN B 1 7  ? -11.965 10.151  4.453   1.00 31.04 ? 7   GLN B CD  1 
ATOM   819  O OE1 . GLN B 1 7  ? -11.686 11.117  3.739   1.00 33.56 ? 7   GLN B OE1 1 
ATOM   820  N NE2 . GLN B 1 7  ? -12.841 10.226  5.450   1.00 32.66 ? 7   GLN B NE2 1 
ATOM   821  N N   . ARG B 1 8  ? -9.234  6.961   1.499   1.00 12.27 ? 8   ARG B N   1 
ATOM   822  C CA  . ARG B 1 8  ? -7.786  6.856   1.316   1.00 10.96 ? 8   ARG B CA  1 
ATOM   823  C C   . ARG B 1 8  ? -7.043  7.687   2.348   1.00 10.66 ? 8   ARG B C   1 
ATOM   824  O O   . ARG B 1 8  ? -7.430  8.814   2.634   1.00 11.86 ? 8   ARG B O   1 
ATOM   825  C CB  . ARG B 1 8  ? -7.377  7.321   -0.078  1.00 12.10 ? 8   ARG B CB  1 
ATOM   826  C CG  . ARG B 1 8  ? -7.842  6.418   -1.194  1.00 14.33 ? 8   ARG B CG  1 
ATOM   827  C CD  . ARG B 1 8  ? -7.295  6.904   -2.527  1.00 19.03 ? 8   ARG B CD  1 
ATOM   828  N NE  . ARG B 1 8  ? -7.594  5.969   -3.606  1.00 20.86 ? 8   ARG B NE  1 
ATOM   829  C CZ  . ARG B 1 8  ? -7.255  6.164   -4.875  1.00 23.51 ? 8   ARG B CZ  1 
ATOM   830  N NH1 . ARG B 1 8  ? -6.606  7.268   -5.227  1.00 23.05 ? 8   ARG B NH1 1 
ATOM   831  N NH2 . ARG B 1 8  ? -7.560  5.254   -5.793  1.00 23.54 ? 8   ARG B NH2 1 
ATOM   832  N N   . PRO B 1 9  ? -5.968  7.131   2.929   1.00 9.56  ? 9   PRO B N   1 
ATOM   833  C CA  . PRO B 1 9  ? -5.165  7.832   3.938   1.00 10.04 ? 9   PRO B CA  1 
ATOM   834  C C   . PRO B 1 9  ? -4.233  8.865   3.304   1.00 12.04 ? 9   PRO B C   1 
ATOM   835  O O   . PRO B 1 9  ? -3.013  8.681   3.272   1.00 9.92  ? 9   PRO B O   1 
ATOM   836  C CB  . PRO B 1 9  ? -4.406  6.698   4.619   1.00 9.94  ? 9   PRO B CB  1 
ATOM   837  C CG  . PRO B 1 9  ? -4.199  5.715   3.488   1.00 10.37 ? 9   PRO B CG  1 
ATOM   838  C CD  . PRO B 1 9  ? -5.551  5.720   2.806   1.00 10.24 ? 9   PRO B CD  1 
ATOM   839  N N   . LEU B 1 10 ? -4.826  9.943   2.797   1.00 11.73 ? 10  LEU B N   1 
ATOM   840  C CA  . LEU B 1 10 ? -4.085  11.023  2.161   1.00 14.13 ? 10  LEU B CA  1 
ATOM   841  C C   . LEU B 1 10 ? -3.690  12.064  3.186   1.00 13.69 ? 10  LEU B C   1 
ATOM   842  O O   . LEU B 1 10 ? -4.487  12.440  4.046   1.00 16.41 ? 10  LEU B O   1 
ATOM   843  C CB  . LEU B 1 10 ? -4.928  11.685  1.063   1.00 16.59 ? 10  LEU B CB  1 
ATOM   844  C CG  . LEU B 1 10 ? -5.345  10.826  -0.135  1.00 18.81 ? 10  LEU B CG  1 
ATOM   845  C CD1 . LEU B 1 10 ? -6.313  11.611  -1.010  1.00 21.94 ? 10  LEU B CD1 1 
ATOM   846  C CD2 . LEU B 1 10 ? -4.122  10.418  -0.939  1.00 20.23 ? 10  LEU B CD2 1 
ATOM   847  N N   . VAL B 1 11 ? -2.447  12.514  3.114   1.00 13.44 ? 11  VAL B N   1 
ATOM   848  C CA  . VAL B 1 11 ? -1.962  13.525  4.042   1.00 13.31 ? 11  VAL B CA  1 
ATOM   849  C C   . VAL B 1 11 ? -1.168  14.571  3.277   1.00 13.78 ? 11  VAL B C   1 
ATOM   850  O O   . VAL B 1 11 ? -0.784  14.358  2.125   1.00 14.05 ? 11  VAL B O   1 
ATOM   851  C CB  . VAL B 1 11 ? -1.049  12.921  5.131   1.00 14.48 ? 11  VAL B CB  1 
ATOM   852  C CG1 . VAL B 1 11 ? -1.810  11.870  5.933   1.00 15.84 ? 11  VAL B CG1 1 
ATOM   853  C CG2 . VAL B 1 11 ? 0.196   12.321  4.490   1.00 17.76 ? 11  VAL B CG2 1 
ATOM   854  N N   . THR B 1 12 ? -0.933  15.708  3.915   1.00 13.47 ? 12  THR B N   1 
ATOM   855  C CA  . THR B 1 12 ? -0.165  16.758  3.272   1.00 14.43 ? 12  THR B CA  1 
ATOM   856  C C   . THR B 1 12 ? 1.292   16.626  3.679   1.00 13.47 ? 12  THR B C   1 
ATOM   857  O O   . THR B 1 12 ? 1.604   16.425  4.855   1.00 15.56 ? 12  THR B O   1 
ATOM   858  C CB  . THR B 1 12 ? -0.684  18.163  3.678   1.00 16.79 ? 12  THR B CB  1 
ATOM   859  O OG1 . THR B 1 12 ? -2.013  18.339  3.174   1.00 18.03 ? 12  THR B OG1 1 
ATOM   860  C CG2 . THR B 1 12 ? 0.220   19.255  3.112   1.00 17.63 ? 12  THR B CG2 1 
ATOM   861  N N   . ILE B 1 13 ? 2.184   16.706  2.703   1.00 11.74 ? 13  ILE B N   1 
ATOM   862  C CA  . ILE B 1 13 ? 3.606   16.639  2.990   1.00 13.18 ? 13  ILE B CA  1 
ATOM   863  C C   . ILE B 1 13 ? 4.220   17.935  2.485   1.00 12.72 ? 13  ILE B C   1 
ATOM   864  O O   . ILE B 1 13 ? 3.635   18.630  1.653   1.00 12.94 ? 13  ILE B O   1 
ATOM   865  C CB  . ILE B 1 13 ? 4.305   15.443  2.281   1.00 14.67 ? 13  ILE B CB  1 
ATOM   866  C CG1 . ILE B 1 13 ? 4.185   15.583  0.762   1.00 14.02 ? 13  ILE B CG1 1 
ATOM   867  C CG2 . ILE B 1 13 ? 3.696   14.126  2.763   1.00 14.38 ? 13  ILE B CG2 1 
ATOM   868  C CD1 . ILE B 1 13 ? 5.129   14.674  -0.026  1.00 16.26 ? 13  ILE B CD1 1 
ATOM   869  N N   . LYS B 1 14 ? 5.388   18.271  3.011   1.00 12.98 ? 14  LYS B N   1 
ATOM   870  C CA  . LYS B 1 14 ? 6.093   19.466  2.582   1.00 13.26 ? 14  LYS B CA  1 
ATOM   871  C C   . LYS B 1 14 ? 7.474   19.010  2.135   1.00 12.57 ? 14  LYS B C   1 
ATOM   872  O O   . LYS B 1 14 ? 8.188   18.344  2.880   1.00 12.53 ? 14  LYS B O   1 
ATOM   873  C CB  . LYS B 1 14 ? 6.219   20.464  3.737   1.00 13.58 ? 14  LYS B CB  1 
ATOM   874  C CG  . LYS B 1 14 ? 6.812   21.809  3.335   1.00 17.16 ? 14  LYS B CG  1 
ATOM   875  C CD  . LYS B 1 14 ? 6.898   22.743  4.541   1.00 19.14 ? 14  LYS B CD  1 
ATOM   876  C CE  . LYS B 1 14 ? 7.456   24.103  4.155   1.00 24.32 ? 14  LYS B CE  1 
ATOM   877  N NZ  . LYS B 1 14 ? 7.532   25.010  5.342   1.00 28.13 ? 14  LYS B NZ  1 
ATOM   878  N N   . ILE B 1 15 ? 7.835   19.346  0.905   1.00 13.39 ? 15  ILE B N   1 
ATOM   879  C CA  . ILE B 1 15 ? 9.135   18.963  0.379   1.00 15.47 ? 15  ILE B CA  1 
ATOM   880  C C   . ILE B 1 15 ? 9.596   20.054  -0.580  1.00 17.40 ? 15  ILE B C   1 
ATOM   881  O O   . ILE B 1 15 ? 8.826   20.524  -1.417  1.00 17.98 ? 15  ILE B O   1 
ATOM   882  C CB  . ILE B 1 15 ? 9.058   17.577  -0.327  1.00 16.73 ? 15  ILE B CB  1 
ATOM   883  C CG1 . ILE B 1 15 ? 10.454  17.123  -0.753  1.00 18.23 ? 15  ILE B CG1 1 
ATOM   884  C CG2 . ILE B 1 15 ? 8.103   17.634  -1.509  1.00 18.68 ? 15  ILE B CG2 1 
ATOM   885  C CD1 . ILE B 1 15 ? 10.533  15.639  -1.088  1.00 20.06 ? 15  ILE B CD1 1 
ATOM   886  N N   . GLY B 1 16 ? 10.848  20.474  -0.433  1.00 18.35 ? 16  GLY B N   1 
ATOM   887  C CA  . GLY B 1 16 ? 11.367  21.525  -1.285  1.00 20.15 ? 16  GLY B CA  1 
ATOM   888  C C   . GLY B 1 16 ? 10.547  22.792  -1.120  1.00 21.78 ? 16  GLY B C   1 
ATOM   889  O O   . GLY B 1 16 ? 10.366  23.550  -2.071  1.00 23.14 ? 16  GLY B O   1 
ATOM   890  N N   . GLY B 1 17 ? 10.038  23.014  0.088   1.00 21.56 ? 17  GLY B N   1 
ATOM   891  C CA  . GLY B 1 17 ? 9.249   24.203  0.359   1.00 21.58 ? 17  GLY B CA  1 
ATOM   892  C C   . GLY B 1 17 ? 7.839   24.212  -0.205  1.00 22.31 ? 17  GLY B C   1 
ATOM   893  O O   . GLY B 1 17 ? 7.131   25.216  -0.086  1.00 22.35 ? 17  GLY B O   1 
ATOM   894  N N   . GLN B 1 18 ? 7.417   23.106  -0.813  1.00 20.18 ? 18  GLN B N   1 
ATOM   895  C CA  . GLN B 1 18 ? 6.079   23.037  -1.385  1.00 20.93 ? 18  GLN B CA  1 
ATOM   896  C C   . GLN B 1 18 ? 5.199   21.979  -0.734  1.00 18.55 ? 18  GLN B C   1 
ATOM   897  O O   . GLN B 1 18 ? 5.685   20.937  -0.294  1.00 18.29 ? 18  GLN B O   1 
ATOM   898  C CB  . GLN B 1 18 ? 6.160   22.760  -2.884  1.00 23.37 ? 18  GLN B CB  1 
ATOM   899  C CG  . GLN B 1 18 ? 6.865   23.841  -3.674  1.00 31.20 ? 18  GLN B CG  1 
ATOM   900  C CD  . GLN B 1 18 ? 6.889   23.542  -5.158  1.00 33.82 ? 18  GLN B CD  1 
ATOM   901  O OE1 . GLN B 1 18 ? 7.433   22.524  -5.590  1.00 37.89 ? 18  GLN B OE1 1 
ATOM   902  N NE2 . GLN B 1 18 ? 6.292   24.429  -5.951  1.00 37.24 ? 18  GLN B NE2 1 
ATOM   903  N N   . LEU B 1 19 ? 3.900   22.259  -0.690  1.00 17.42 ? 19  LEU B N   1 
ATOM   904  C CA  . LEU B 1 19 ? 2.920   21.343  -0.118  1.00 15.72 ? 19  LEU B CA  1 
ATOM   905  C C   . LEU B 1 19 ? 2.369   20.430  -1.208  1.00 16.02 ? 19  LEU B C   1 
ATOM   906  O O   . LEU B 1 19 ? 2.053   20.881  -2.310  1.00 16.04 ? 19  LEU B O   1 
ATOM   907  C CB  . LEU B 1 19 ? 1.762   22.119  0.514   1.00 16.33 ? 19  LEU B CB  1 
ATOM   908  C CG  . LEU B 1 19 ? 2.099   23.090  1.646   1.00 19.09 ? 19  LEU B CG  1 
ATOM   909  C CD1 . LEU B 1 19 ? 0.825   23.796  2.107   1.00 21.38 ? 19  LEU B CD1 1 
ATOM   910  C CD2 . LEU B 1 19 ? 2.744   22.330  2.797   1.00 18.28 ? 19  LEU B CD2 1 
ATOM   911  N N   . LYS B 1 20 ? 2.259   19.145  -0.890  1.00 15.65 ? 20  LYS B N   1 
ATOM   912  C CA  . LYS B 1 20 ? 1.743   18.151  -1.827  1.00 15.66 ? 20  LYS B CA  1 
ATOM   913  C C   . LYS B 1 20 ? 0.918   17.131  -1.040  1.00 14.18 ? 20  LYS B C   1 
ATOM   914  O O   . LYS B 1 20 ? 1.028   17.051  0.180   1.00 14.90 ? 20  LYS B O   1 
ATOM   915  C CB  . LYS B 1 20 ? 2.904   17.427  -2.527  1.00 17.29 ? 20  LYS B CB  1 
ATOM   916  C CG  . LYS B 1 20 ? 3.763   18.285  -3.453  1.00 21.89 ? 20  LYS B CG  1 
ATOM   917  C CD  . LYS B 1 20 ? 5.048   17.550  -3.829  1.00 24.57 ? 20  LYS B CD  1 
ATOM   918  C CE  . LYS B 1 20 ? 5.916   18.344  -4.805  1.00 27.39 ? 20  LYS B CE  1 
ATOM   919  N NZ  . LYS B 1 20 ? 5.327   18.400  -6.173  1.00 29.31 ? 20  LYS B NZ  1 
ATOM   920  N N   . GLU B 1 21 ? 0.083   16.370  -1.740  1.00 14.24 ? 21  GLU B N   1 
ATOM   921  C CA  . GLU B 1 21 ? -0.723  15.330  -1.103  1.00 14.83 ? 21  GLU B CA  1 
ATOM   922  C C   . GLU B 1 21 ? -0.036  13.997  -1.353  1.00 11.85 ? 21  GLU B C   1 
ATOM   923  O O   . GLU B 1 21 ? 0.464   13.749  -2.448  1.00 12.47 ? 21  GLU B O   1 
ATOM   924  C CB  . GLU B 1 21 ? -2.129  15.258  -1.697  1.00 18.26 ? 21  GLU B CB  1 
ATOM   925  C CG  . GLU B 1 21 ? -3.114  16.275  -1.173  1.00 27.79 ? 21  GLU B CG  1 
ATOM   926  C CD  . GLU B 1 21 ? -4.540  15.757  -1.247  1.00 30.97 ? 21  GLU B CD  1 
ATOM   927  O OE1 . GLU B 1 21 ? -4.936  15.259  -2.323  1.00 34.69 ? 21  GLU B OE1 1 
ATOM   928  O OE2 . GLU B 1 21 ? -5.260  15.840  -0.228  1.00 34.81 ? 21  GLU B OE2 1 
ATOM   929  N N   . ALA B 1 22 ? -0.024  13.135  -0.344  1.00 10.86 ? 22  ALA B N   1 
ATOM   930  C CA  . ALA B 1 22 ? 0.613   11.831  -0.484  1.00 11.00 ? 22  ALA B CA  1 
ATOM   931  C C   . ALA B 1 22 ? -0.202  10.757  0.231   1.00 10.63 ? 22  ALA B C   1 
ATOM   932  O O   . ALA B 1 22 ? -0.968  11.050  1.142   1.00 10.84 ? 22  ALA B O   1 
ATOM   933  C CB  . ALA B 1 22 ? 2.027   11.886  0.068   1.00 10.77 ? 22  ALA B CB  1 
ATOM   934  N N   . LEU B 1 23 ? -0.026  9.512   -0.194  1.00 9.14  ? 23  LEU B N   1 
ATOM   935  C CA  . LEU B 1 23 ? -0.755  8.386   0.374   1.00 10.38 ? 23  LEU B CA  1 
ATOM   936  C C   . LEU B 1 23 ? 0.109   7.584   1.346   1.00 10.74 ? 23  LEU B C   1 
ATOM   937  O O   . LEU B 1 23 ? 1.213   7.166   0.988   1.00 10.91 ? 23  LEU B O   1 
ATOM   938  C CB  . LEU B 1 23 ? -1.212  7.485   -0.775  1.00 13.47 ? 23  LEU B CB  1 
ATOM   939  C CG  . LEU B 1 23 ? -2.008  6.209   -0.532  1.00 15.46 ? 23  LEU B CG  1 
ATOM   940  C CD1 . LEU B 1 23 ? -3.343  6.538   0.117   1.00 15.70 ? 23  LEU B CD1 1 
ATOM   941  C CD2 . LEU B 1 23 ? -2.223  5.510   -1.878  1.00 17.18 ? 23  LEU B CD2 1 
ATOM   942  N N   . LEU B 1 24 ? -0.379  7.379   2.570   1.00 9.06  ? 24  LEU B N   1 
ATOM   943  C CA  . LEU B 1 24 ? 0.358   6.579   3.556   1.00 9.15  ? 24  LEU B CA  1 
ATOM   944  C C   . LEU B 1 24 ? 0.111   5.140   3.100   1.00 8.72  ? 24  LEU B C   1 
ATOM   945  O O   . LEU B 1 24 ? -1.003  4.635   3.176   1.00 10.83 ? 24  LEU B O   1 
ATOM   946  C CB  . LEU B 1 24 ? -0.193  6.820   4.963   1.00 9.39  ? 24  LEU B CB  1 
ATOM   947  C CG  . LEU B 1 24 ? -0.104  8.280   5.418   1.00 11.52 ? 24  LEU B CG  1 
ATOM   948  C CD1 . LEU B 1 24 ? -0.643  8.393   6.837   1.00 13.37 ? 24  LEU B CD1 1 
ATOM   949  C CD2 . LEU B 1 24 ? 1.345   8.771   5.351   1.00 14.02 ? 24  LEU B CD2 1 
ATOM   950  N N   . ASP B 1 25 ? 1.172   4.494   2.631   1.00 8.37  ? 25  ASP B N   1 
ATOM   951  C CA  . ASP B 1 25 ? 1.091   3.165   2.040   1.00 8.28  ? 25  ASP B CA  1 
ATOM   952  C C   . ASP B 1 25 ? 1.933   2.103   2.753   1.00 8.18  ? 25  ASP B C   1 
ATOM   953  O O   . ASP B 1 25 ? 3.145   2.040   2.545   1.00 7.55  ? 25  ASP B O   1 
ATOM   954  C CB  . ASP B 1 25 ? 1.565   3.307   0.594   1.00 9.68  ? 25  ASP B CB  1 
ATOM   955  C CG  . ASP B 1 25 ? 1.135   2.167   -0.293  1.00 11.53 ? 25  ASP B CG  1 
ATOM   956  O OD1 . ASP B 1 25 ? 1.064   1.013   0.175   1.00 11.08 ? 25  ASP B OD1 1 
ATOM   957  O OD2 . ASP B 1 25 ? 0.887   2.441   -1.486  1.00 13.67 ? 25  ASP B OD2 1 
ATOM   958  N N   . THR B 1 26 ? 1.300   1.259   3.562   1.00 7.57  ? 26  THR B N   1 
ATOM   959  C CA  . THR B 1 26 ? 2.036   0.224   4.284   1.00 7.50  ? 26  THR B CA  1 
ATOM   960  C C   . THR B 1 26 ? 2.521   -0.923  3.383   1.00 8.63  ? 26  THR B C   1 
ATOM   961  O O   . THR B 1 26 ? 3.382   -1.712  3.788   1.00 9.08  ? 26  THR B O   1 
ATOM   962  C CB  . THR B 1 26 ? 1.192   -0.367  5.437   1.00 8.30  ? 26  THR B CB  1 
ATOM   963  O OG1 . THR B 1 26 ? -0.042  -0.872  4.925   1.00 7.26  ? 26  THR B OG1 1 
ATOM   964  C CG2 . THR B 1 26 ? 0.906   0.698   6.495   1.00 9.56  ? 26  THR B CG2 1 
ATOM   965  N N   . GLY B 1 27 ? 1.974   -1.016  2.174   1.00 8.52  ? 27  GLY B N   1 
ATOM   966  C CA  . GLY B 1 27 ? 2.391   -2.065  1.253   1.00 9.99  ? 27  GLY B CA  1 
ATOM   967  C C   . GLY B 1 27 ? 3.620   -1.669  0.442   1.00 9.39  ? 27  GLY B C   1 
ATOM   968  O O   . GLY B 1 27 ? 4.185   -2.472  -0.300  1.00 12.92 ? 27  GLY B O   1 
ATOM   969  N N   . ALA B 1 28 ? 4.037   -0.418  0.582   1.00 8.47  ? 28  ALA B N   1 
ATOM   970  C CA  . ALA B 1 28 ? 5.195   0.085   -0.147  1.00 7.80  ? 28  ALA B CA  1 
ATOM   971  C C   . ALA B 1 28 ? 6.455   0.099   0.726   1.00 6.95  ? 28  ALA B C   1 
ATOM   972  O O   . ALA B 1 28 ? 6.452   0.684   1.808   1.00 8.09  ? 28  ALA B O   1 
ATOM   973  C CB  . ALA B 1 28 ? 4.894   1.492   -0.657  1.00 7.78  ? 28  ALA B CB  1 
ATOM   974  N N   . ASP B 1 29 ? 7.536   -0.534  0.261   1.00 7.65  ? 29  ASP B N   1 
ATOM   975  C CA  . ASP B 1 29 ? 8.778   -0.550  1.044   1.00 10.02 ? 29  ASP B CA  1 
ATOM   976  C C   . ASP B 1 29 ? 9.433   0.815   1.047   1.00 9.37  ? 29  ASP B C   1 
ATOM   977  O O   . ASP B 1 29 ? 10.027  1.229   2.043   1.00 9.65  ? 29  ASP B O   1 
ATOM   978  C CB  . ASP B 1 29 ? 9.819   -1.521  0.472   1.00 10.46 ? 29  ASP B CB  1 
ATOM   979  C CG  . ASP B 1 29 ? 9.338   -2.955  0.425   1.00 13.69 ? 29  ASP B CG  1 
ATOM   980  O OD1 . ASP B 1 29 ? 8.561   -3.359  1.304   1.00 14.99 ? 29  ASP B OD1 1 
ATOM   981  O OD2 . ASP B 1 29 ? 9.768   -3.685  -0.492  1.00 17.14 ? 29  ASP B OD2 1 
ATOM   982  N N   . ASP B 1 30 ? 9.348   1.491   -0.095  1.00 9.71  ? 30  ASP B N   1 
ATOM   983  C CA  . ASP B 1 30 ? 9.973   2.795   -0.272  1.00 9.27  ? 30  ASP B CA  1 
ATOM   984  C C   . ASP B 1 30 ? 8.968   3.891   -0.577  1.00 10.00 ? 30  ASP B C   1 
ATOM   985  O O   . ASP B 1 30 ? 7.797   3.625   -0.848  1.00 11.17 ? 30  ASP B O   1 
ATOM   986  C CB  . ASP B 1 30 ? 10.980  2.735   -1.423  1.00 12.45 ? 30  ASP B CB  1 
ATOM   987  C CG  . ASP B 1 30 ? 11.886  1.519   -1.348  1.00 15.91 ? 30  ASP B CG  1 
ATOM   988  O OD1 . ASP B 1 30 ? 12.615  1.383   -0.353  1.00 14.53 ? 30  ASP B OD1 1 
ATOM   989  O OD2 . ASP B 1 30 ? 11.863  0.700   -2.291  1.00 20.16 ? 30  ASP B OD2 1 
ATOM   990  N N   . THR B 1 31 ? 9.461   5.126   -0.567  1.00 8.64  ? 31  THR B N   1 
ATOM   991  C CA  . THR B 1 31 ? 8.654   6.311   -0.833  1.00 6.97  ? 31  THR B CA  1 
ATOM   992  C C   . THR B 1 31 ? 8.898   6.732   -2.285  1.00 8.64  ? 31  THR B C   1 
ATOM   993  O O   . THR B 1 31 ? 10.046  6.862   -2.711  1.00 8.96  ? 31  THR B O   1 
ATOM   994  C CB  . THR B 1 31 ? 9.067   7.430   0.154   1.00 7.06  ? 31  THR B CB  1 
ATOM   995  O OG1 . THR B 1 31 ? 8.708   7.028   1.484   1.00 8.60  ? 31  THR B OG1 1 
ATOM   996  C CG2 . THR B 1 31 ? 8.396   8.757   -0.185  1.00 7.67  ? 31  THR B CG2 1 
ATOM   997  N N   . VAL B 1 32 ? 7.818   6.913   -3.047  1.00 7.59  ? 32  VAL B N   1 
ATOM   998  C CA  . VAL B 1 32 ? 7.924   7.292   -4.457  1.00 9.57  ? 32  VAL B CA  1 
ATOM   999  C C   . VAL B 1 32 ? 7.064   8.508   -4.761  1.00 8.29  ? 32  VAL B C   1 
ATOM   1000 O O   . VAL B 1 32 ? 5.856   8.501   -4.527  1.00 8.64  ? 32  VAL B O   1 
ATOM   1001 C CB  . VAL B 1 32 ? 7.450   6.157   -5.391  1.00 11.42 ? 32  VAL B CB  1 
ATOM   1002 C CG1 . VAL B 1 32 ? 7.931   6.432   -6.817  1.00 13.51 ? 32  VAL B CG1 1 
ATOM   1003 C CG2 . VAL B 1 32 ? 7.952   4.819   -4.894  1.00 15.58 ? 32  VAL B CG2 1 
ATOM   1004 N N   . LEU B 1 33 ? 7.689   9.541   -5.316  1.00 8.92  ? 33  LEU B N   1 
ATOM   1005 C CA  . LEU B 1 33 ? 6.983   10.775  -5.638  1.00 10.02 ? 33  LEU B CA  1 
ATOM   1006 C C   . LEU B 1 33 ? 6.933   11.052  -7.127  1.00 11.01 ? 33  LEU B C   1 
ATOM   1007 O O   . LEU B 1 33 ? 7.774   10.581  -7.892  1.00 8.74  ? 33  LEU B O   1 
ATOM   1008 C CB  . LEU B 1 33 ? 7.657   11.965  -4.956  1.00 12.11 ? 33  LEU B CB  1 
ATOM   1009 C CG  . LEU B 1 33 ? 7.741   11.933  -3.429  1.00 13.20 ? 33  LEU B CG  1 
ATOM   1010 C CD1 . LEU B 1 33 ? 8.442   13.189  -2.940  1.00 15.07 ? 33  LEU B CD1 1 
ATOM   1011 C CD2 . LEU B 1 33 ? 6.344   11.836  -2.843  1.00 14.26 ? 33  LEU B CD2 1 
ATOM   1012 N N   . GLU B 1 34 ? 5.934   11.836  -7.521  1.00 10.33 ? 34  GLU B N   1 
ATOM   1013 C CA  . GLU B 1 34 ? 5.760   12.233  -8.910  1.00 13.89 ? 34  GLU B CA  1 
ATOM   1014 C C   . GLU B 1 34 ? 6.947   13.091  -9.343  1.00 15.09 ? 34  GLU B C   1 
ATOM   1015 O O   . GLU B 1 34 ? 7.601   13.730  -8.515  1.00 15.50 ? 34  GLU B O   1 
ATOM   1016 C CB  . GLU B 1 34 ? 4.452   13.022  -9.057  1.00 14.26 ? 34  GLU B CB  1 
ATOM   1017 C CG  . GLU B 1 34 ? 3.210   12.185  -8.774  1.00 20.77 ? 34  GLU B CG  1 
ATOM   1018 C CD  . GLU B 1 34 ? 1.948   13.023  -8.580  1.00 23.84 ? 34  GLU B CD  1 
ATOM   1019 O OE1 . GLU B 1 34 ? 1.809   14.069  -9.246  1.00 26.83 ? 34  GLU B OE1 1 
ATOM   1020 O OE2 . GLU B 1 34 ? 1.086   12.623  -7.769  1.00 27.18 ? 34  GLU B OE2 1 
ATOM   1021 N N   . GLU B 1 35 ? 7.214   13.110  -10.645 1.00 15.71 ? 35  GLU B N   1 
ATOM   1022 C CA  . GLU B 1 35 ? 8.321   13.878  -11.199 1.00 17.80 ? 35  GLU B CA  1 
ATOM   1023 C C   . GLU B 1 35 ? 8.446   15.267  -10.578 1.00 18.72 ? 35  GLU B C   1 
ATOM   1024 O O   . GLU B 1 35 ? 7.481   16.030  -10.513 1.00 18.95 ? 35  GLU B O   1 
ATOM   1025 C CB  . GLU B 1 35 ? 8.161   13.994  -12.720 1.00 19.78 ? 35  GLU B CB  1 
ATOM   1026 C CG  . GLU B 1 35 ? 9.249   14.794  -13.401 1.00 23.74 ? 35  GLU B CG  1 
ATOM   1027 C CD  . GLU B 1 35 ? 10.635  14.280  -13.073 1.00 23.70 ? 35  GLU B CD  1 
ATOM   1028 O OE1 . GLU B 1 35 ? 10.875  13.068  -13.247 1.00 26.18 ? 35  GLU B OE1 1 
ATOM   1029 O OE2 . GLU B 1 35 ? 11.484  15.089  -12.643 1.00 26.79 ? 35  GLU B OE2 1 
ATOM   1030 N N   . MET B 1 36 ? 9.646   15.579  -10.107 1.00 19.16 ? 36  MET B N   1 
ATOM   1031 C CA  . MET B 1 36 ? 9.922   16.867  -9.497  1.00 21.15 ? 36  MET B CA  1 
ATOM   1032 C C   . MET B 1 36 ? 11.427  17.053  -9.437  1.00 22.39 ? 36  MET B C   1 
ATOM   1033 O O   . MET B 1 36 ? 12.186  16.128  -9.722  1.00 22.28 ? 36  MET B O   1 
ATOM   1034 C CB  . MET B 1 36 ? 9.336   16.935  -8.084  1.00 23.33 ? 36  MET B CB  1 
ATOM   1035 C CG  . MET B 1 36 ? 10.034  16.036  -7.077  1.00 23.43 ? 36  MET B CG  1 
ATOM   1036 S SD  . MET B 1 36 ? 9.362   16.251  -5.424  1.00 26.78 ? 36  MET B SD  1 
ATOM   1037 C CE  . MET B 1 36 ? 9.871   17.923  -5.062  1.00 24.59 ? 36  MET B CE  1 
ATOM   1038 N N   . SER B 1 37 ? 11.859  18.250  -9.065  1.00 23.14 ? 37  SER B N   1 
ATOM   1039 C CA  . SER B 1 37 ? 13.283  18.526  -8.976  1.00 24.08 ? 37  SER B CA  1 
ATOM   1040 C C   . SER B 1 37 ? 13.780  18.452  -7.536  1.00 23.00 ? 37  SER B C   1 
ATOM   1041 O O   . SER B 1 37 ? 13.232  19.099  -6.640  1.00 23.58 ? 37  SER B O   1 
ATOM   1042 C CB  . SER B 1 37 ? 13.586  19.906  -9.559  1.00 26.16 ? 37  SER B CB  1 
ATOM   1043 O OG  . SER B 1 37 ? 14.983  20.146  -9.570  1.00 32.21 ? 37  SER B OG  1 
ATOM   1044 N N   . LEU B 1 38 ? 14.812  17.643  -7.320  1.00 20.93 ? 38  LEU B N   1 
ATOM   1045 C CA  . LEU B 1 38 ? 15.410  17.496  -6.002  1.00 19.83 ? 38  LEU B CA  1 
ATOM   1046 C C   . LEU B 1 38 ? 16.908  17.773  -6.127  1.00 19.61 ? 38  LEU B C   1 
ATOM   1047 O O   . LEU B 1 38 ? 17.482  17.646  -7.204  1.00 19.10 ? 38  LEU B O   1 
ATOM   1048 C CB  . LEU B 1 38 ? 15.157  16.089  -5.451  1.00 19.15 ? 38  LEU B CB  1 
ATOM   1049 C CG  . LEU B 1 38 ? 13.699  15.746  -5.099  1.00 20.81 ? 38  LEU B CG  1 
ATOM   1050 C CD1 . LEU B 1 38 ? 13.605  14.295  -4.639  1.00 19.67 ? 38  LEU B CD1 1 
ATOM   1051 C CD2 . LEU B 1 38 ? 13.195  16.674  -4.003  1.00 19.96 ? 38  LEU B CD2 1 
ATOM   1052 N N   . PRO B 1 39 ? 17.556  18.169  -5.023  1.00 21.46 ? 39  PRO B N   1 
ATOM   1053 C CA  . PRO B 1 39 ? 18.992  18.467  -5.038  1.00 21.88 ? 39  PRO B CA  1 
ATOM   1054 C C   . PRO B 1 39 ? 19.914  17.249  -5.015  1.00 21.05 ? 39  PRO B C   1 
ATOM   1055 O O   . PRO B 1 39 ? 19.501  16.152  -4.649  1.00 20.99 ? 39  PRO B O   1 
ATOM   1056 C CB  . PRO B 1 39 ? 19.165  19.335  -3.796  1.00 22.77 ? 39  PRO B CB  1 
ATOM   1057 C CG  . PRO B 1 39 ? 18.190  18.722  -2.844  1.00 24.51 ? 39  PRO B CG  1 
ATOM   1058 C CD  . PRO B 1 39 ? 16.962  18.521  -3.720  1.00 22.52 ? 39  PRO B CD  1 
ATOM   1059 N N   . GLY B 1 40 ? 21.163  17.464  -5.422  1.00 21.01 ? 40  GLY B N   1 
ATOM   1060 C CA  . GLY B 1 40 ? 22.159  16.407  -5.408  1.00 20.16 ? 40  GLY B CA  1 
ATOM   1061 C C   . GLY B 1 40 ? 22.185  15.424  -6.562  1.00 19.55 ? 40  GLY B C   1 
ATOM   1062 O O   . GLY B 1 40 ? 21.560  15.628  -7.605  1.00 20.12 ? 40  GLY B O   1 
ATOM   1063 N N   . ARG B 1 41 ? 22.939  14.346  -6.366  1.00 18.07 ? 41  ARG B N   1 
ATOM   1064 C CA  . ARG B 1 41 ? 23.060  13.302  -7.369  1.00 15.92 ? 41  ARG B CA  1 
ATOM   1065 C C   . ARG B 1 41 ? 22.039  12.218  -7.063  1.00 15.91 ? 41  ARG B C   1 
ATOM   1066 O O   . ARG B 1 41 ? 21.589  12.082  -5.924  1.00 16.29 ? 41  ARG B O   1 
ATOM   1067 C CB  . ARG B 1 41 ? 24.470  12.700  -7.347  1.00 16.34 ? 41  ARG B CB  1 
ATOM   1068 C CG  . ARG B 1 41 ? 25.563  13.617  -7.894  1.00 16.80 ? 41  ARG B CG  1 
ATOM   1069 C CD  . ARG B 1 41 ? 26.940  12.957  -7.787  1.00 17.23 ? 41  ARG B CD  1 
ATOM   1070 N NE  . ARG B 1 41 ? 27.038  11.727  -8.570  1.00 13.62 ? 41  ARG B NE  1 
ATOM   1071 C CZ  . ARG B 1 41 ? 27.236  11.673  -9.886  1.00 15.31 ? 41  ARG B CZ  1 
ATOM   1072 N NH1 . ARG B 1 41 ? 27.365  12.788  -10.597 1.00 12.35 ? 41  ARG B NH1 1 
ATOM   1073 N NH2 . ARG B 1 41 ? 27.303  10.494  -10.495 1.00 13.89 ? 41  ARG B NH2 1 
ATOM   1074 N N   . TRP B 1 42 ? 21.656  11.465  -8.087  1.00 14.12 ? 42  TRP B N   1 
ATOM   1075 C CA  . TRP B 1 42 ? 20.712  10.375  -7.906  1.00 13.49 ? 42  TRP B CA  1 
ATOM   1076 C C   . TRP B 1 42 ? 21.324  9.084   -8.436  1.00 14.27 ? 42  TRP B C   1 
ATOM   1077 O O   . TRP B 1 42 ? 22.297  9.108   -9.205  1.00 11.93 ? 42  TRP B O   1 
ATOM   1078 C CB  . TRP B 1 42 ? 19.385  10.665  -8.624  1.00 13.46 ? 42  TRP B CB  1 
ATOM   1079 C CG  . TRP B 1 42 ? 19.497  10.903  -10.103 1.00 12.95 ? 42  TRP B CG  1 
ATOM   1080 C CD1 . TRP B 1 42 ? 19.774  12.089  -10.726 1.00 11.33 ? 42  TRP B CD1 1 
ATOM   1081 C CD2 . TRP B 1 42 ? 19.300  9.940   -11.145 1.00 14.03 ? 42  TRP B CD2 1 
ATOM   1082 N NE1 . TRP B 1 42 ? 19.754  11.924  -12.088 1.00 12.68 ? 42  TRP B NE1 1 
ATOM   1083 C CE2 . TRP B 1 42 ? 19.464  10.615  -12.375 1.00 12.95 ? 42  TRP B CE2 1 
ATOM   1084 C CE3 . TRP B 1 42 ? 18.995  8.571   -11.160 1.00 13.19 ? 42  TRP B CE3 1 
ATOM   1085 C CZ2 . TRP B 1 42 ? 19.335  9.969   -13.608 1.00 12.56 ? 42  TRP B CZ2 1 
ATOM   1086 C CZ3 . TRP B 1 42 ? 18.864  7.930   -12.384 1.00 13.09 ? 42  TRP B CZ3 1 
ATOM   1087 C CH2 . TRP B 1 42 ? 19.034  8.632   -13.593 1.00 13.09 ? 42  TRP B CH2 1 
ATOM   1088 N N   . LYS B 1 43 ? 20.763  7.960   -8.001  1.00 13.25 ? 43  LYS B N   1 
ATOM   1089 C CA  . LYS B 1 43 ? 21.218  6.638   -8.420  1.00 15.04 ? 43  LYS B CA  1 
ATOM   1090 C C   . LYS B 1 43 ? 20.008  5.911   -8.989  1.00 14.37 ? 43  LYS B C   1 
ATOM   1091 O O   . LYS B 1 43 ? 18.866  6.247   -8.667  1.00 14.28 ? 43  LYS B O   1 
ATOM   1092 C CB  . LYS B 1 43 ? 21.771  5.857   -7.228  1.00 17.70 ? 43  LYS B CB  1 
ATOM   1093 C CG  . LYS B 1 43 ? 22.898  6.562   -6.488  1.00 25.65 ? 43  LYS B CG  1 
ATOM   1094 C CD  . LYS B 1 43 ? 23.306  5.794   -5.241  1.00 27.54 ? 43  LYS B CD  1 
ATOM   1095 C CE  . LYS B 1 43 ? 24.339  6.570   -4.432  1.00 31.74 ? 43  LYS B CE  1 
ATOM   1096 N NZ  . LYS B 1 43 ? 24.805  5.802   -3.242  1.00 32.78 ? 43  LYS B NZ  1 
ATOM   1097 N N   . PRO B 1 44 ? 20.237  4.899   -9.835  1.00 14.65 ? 44  PRO B N   1 
ATOM   1098 C CA  . PRO B 1 44 ? 19.118  4.159   -10.423 1.00 14.65 ? 44  PRO B CA  1 
ATOM   1099 C C   . PRO B 1 44 ? 18.546  3.062   -9.524  1.00 15.92 ? 44  PRO B C   1 
ATOM   1100 O O   . PRO B 1 44 ? 19.251  2.484   -8.689  1.00 14.68 ? 44  PRO B O   1 
ATOM   1101 C CB  . PRO B 1 44 ? 19.733  3.590   -11.696 1.00 16.77 ? 44  PRO B CB  1 
ATOM   1102 C CG  . PRO B 1 44 ? 21.118  3.236   -11.230 1.00 14.40 ? 44  PRO B CG  1 
ATOM   1103 C CD  . PRO B 1 44 ? 21.524  4.443   -10.396 1.00 14.75 ? 44  PRO B CD  1 
ATOM   1104 N N   . LYS B 1 45 ? 17.255  2.791   -9.688  1.00 15.31 ? 45  LYS B N   1 
ATOM   1105 C CA  . LYS B 1 45 ? 16.603  1.732   -8.936  1.00 17.63 ? 45  LYS B CA  1 
ATOM   1106 C C   . LYS B 1 45 ? 15.365  1.247   -9.668  1.00 18.65 ? 45  LYS B C   1 
ATOM   1107 O O   . LYS B 1 45 ? 14.690  2.019   -10.343 1.00 20.28 ? 45  LYS B O   1 
ATOM   1108 C CB  . LYS B 1 45 ? 16.214  2.184   -7.526  1.00 16.51 ? 45  LYS B CB  1 
ATOM   1109 C CG  . LYS B 1 45 ? 15.717  1.019   -6.674  1.00 19.11 ? 45  LYS B CG  1 
ATOM   1110 C CD  . LYS B 1 45 ? 15.455  1.397   -5.228  1.00 20.31 ? 45  LYS B CD  1 
ATOM   1111 C CE  . LYS B 1 45 ? 15.090  0.163   -4.418  1.00 21.24 ? 45  LYS B CE  1 
ATOM   1112 N NZ  . LYS B 1 45 ? 14.745  0.486   -3.016  1.00 26.22 ? 45  LYS B NZ  1 
ATOM   1113 N N   . MET B 1 46 ? 15.093  -0.045  -9.538  1.00 17.90 ? 46  MET B N   1 
ATOM   1114 C CA  . MET B 1 46 ? 13.932  -0.667  -10.161 1.00 20.51 ? 46  MET B CA  1 
ATOM   1115 C C   . MET B 1 46 ? 12.988  -1.070  -9.043  1.00 19.19 ? 46  MET B C   1 
ATOM   1116 O O   . MET B 1 46 ? 13.411  -1.688  -8.068  1.00 18.34 ? 46  MET B O   1 
ATOM   1117 C CB  . MET B 1 46 ? 14.347  -1.924  -10.925 1.00 25.44 ? 46  MET B CB  1 
ATOM   1118 C CG  . MET B 1 46 ? 15.338  -1.685  -12.036 1.00 30.17 ? 46  MET B CG  1 
ATOM   1119 S SD  . MET B 1 46 ? 14.604  -0.729  -13.352 1.00 38.19 ? 46  MET B SD  1 
ATOM   1120 C CE  . MET B 1 46 ? 13.675  -2.021  -14.215 1.00 34.55 ? 46  MET B CE  1 
ATOM   1121 N N   . ILE B 1 47 ? 11.718  -0.700  -9.166  1.00 18.90 ? 47  ILE B N   1 
ATOM   1122 C CA  . ILE B 1 47 ? 10.741  -1.071  -8.154  1.00 18.71 ? 47  ILE B CA  1 
ATOM   1123 C C   . ILE B 1 47 ? 9.581   -1.766  -8.842  1.00 19.36 ? 47  ILE B C   1 
ATOM   1124 O O   . ILE B 1 47 ? 9.270   -1.479  -10.001 1.00 21.11 ? 47  ILE B O   1 
ATOM   1125 C CB  . ILE B 1 47 ? 10.218  0.150   -7.364  1.00 18.32 ? 47  ILE B CB  1 
ATOM   1126 C CG1 . ILE B 1 47 ? 9.560   1.155   -8.310  1.00 17.89 ? 47  ILE B CG1 1 
ATOM   1127 C CG2 . ILE B 1 47 ? 11.365  0.783   -6.581  1.00 18.20 ? 47  ILE B CG2 1 
ATOM   1128 C CD1 . ILE B 1 47 ? 8.900   2.330   -7.599  1.00 18.34 ? 47  ILE B CD1 1 
ATOM   1129 N N   . GLY B 1 48 ? 8.950   -2.687  -8.126  1.00 19.50 ? 48  GLY B N   1 
ATOM   1130 C CA  . GLY B 1 48 ? 7.845   -3.421  -8.704  1.00 18.59 ? 48  GLY B CA  1 
ATOM   1131 C C   . GLY B 1 48 ? 6.494   -3.132  -8.090  1.00 17.60 ? 48  GLY B C   1 
ATOM   1132 O O   . GLY B 1 48 ? 6.346   -3.028  -6.871  1.00 17.97 ? 48  GLY B O   1 
ATOM   1133 N N   . GLY B 1 49 ? 5.503   -2.990  -8.958  1.00 17.06 ? 49  GLY B N   1 
ATOM   1134 C CA  . GLY B 1 49 ? 4.148   -2.750  -8.508  1.00 17.86 ? 49  GLY B CA  1 
ATOM   1135 C C   . GLY B 1 49 ? 3.302   -3.900  -9.010  1.00 18.31 ? 49  GLY B C   1 
ATOM   1136 O O   . GLY B 1 49 ? 3.826   -4.915  -9.466  1.00 17.76 ? 49  GLY B O   1 
ATOM   1137 N N   . ILE B 1 50 ? 1.990   -3.745  -8.942  1.00 18.84 ? 50  ILE B N   1 
ATOM   1138 C CA  . ILE B 1 50 ? 1.081   -4.781  -9.395  1.00 22.06 ? 50  ILE B CA  1 
ATOM   1139 C C   . ILE B 1 50 ? 1.199   -5.018  -10.905 1.00 22.60 ? 50  ILE B C   1 
ATOM   1140 O O   . ILE B 1 50 ? 1.036   -6.140  -11.376 1.00 24.11 ? 50  ILE B O   1 
ATOM   1141 C CB  . ILE B 1 50 ? -0.373  -4.395  -9.041  1.00 23.88 ? 50  ILE B CB  1 
ATOM   1142 C CG1 . ILE B 1 50 ? -1.330  -5.512  -9.435  1.00 26.79 ? 50  ILE B CG1 1 
ATOM   1143 C CG2 . ILE B 1 50 ? -0.747  -3.092  -9.730  1.00 23.60 ? 50  ILE B CG2 1 
ATOM   1144 C CD1 . ILE B 1 50 ? -2.747  -5.258  -8.976  1.00 29.33 ? 50  ILE B CD1 1 
ATOM   1145 N N   . GLY B 1 51 ? 1.515   -3.967  -11.654 1.00 22.78 ? 51  GLY B N   1 
ATOM   1146 C CA  . GLY B 1 51 ? 1.607   -4.094  -13.100 1.00 23.15 ? 51  GLY B CA  1 
ATOM   1147 C C   . GLY B 1 51 ? 2.964   -4.417  -13.698 1.00 23.18 ? 51  GLY B C   1 
ATOM   1148 O O   . GLY B 1 51 ? 3.064   -4.689  -14.895 1.00 23.88 ? 51  GLY B O   1 
ATOM   1149 N N   . GLY B 1 52 ? 4.007   -4.391  -12.881 1.00 21.85 ? 52  GLY B N   1 
ATOM   1150 C CA  . GLY B 1 52 ? 5.333   -4.681  -13.390 1.00 22.57 ? 52  GLY B CA  1 
ATOM   1151 C C   . GLY B 1 52 ? 6.361   -3.801  -12.716 1.00 22.08 ? 52  GLY B C   1 
ATOM   1152 O O   . GLY B 1 52 ? 6.100   -3.255  -11.651 1.00 19.77 ? 52  GLY B O   1 
ATOM   1153 N N   . PHE B 1 53 ? 7.527   -3.655  -13.338 1.00 23.23 ? 53  PHE B N   1 
ATOM   1154 C CA  . PHE B 1 53 ? 8.589   -2.838  -12.765 1.00 24.23 ? 53  PHE B CA  1 
ATOM   1155 C C   . PHE B 1 53 ? 8.785   -1.534  -13.526 1.00 23.52 ? 53  PHE B C   1 
ATOM   1156 O O   . PHE B 1 53 ? 8.479   -1.441  -14.715 1.00 23.57 ? 53  PHE B O   1 
ATOM   1157 C CB  . PHE B 1 53 ? 9.915   -3.614  -12.749 1.00 25.94 ? 53  PHE B CB  1 
ATOM   1158 C CG  . PHE B 1 53 ? 9.887   -4.854  -11.900 1.00 28.08 ? 53  PHE B CG  1 
ATOM   1159 C CD1 . PHE B 1 53 ? 9.216   -5.995  -12.328 1.00 29.91 ? 53  PHE B CD1 1 
ATOM   1160 C CD2 . PHE B 1 53 ? 10.534  -4.881  -10.666 1.00 29.73 ? 53  PHE B CD2 1 
ATOM   1161 C CE1 . PHE B 1 53 ? 9.189   -7.147  -11.542 1.00 29.98 ? 53  PHE B CE1 1 
ATOM   1162 C CE2 . PHE B 1 53 ? 10.513  -6.028  -9.870  1.00 30.34 ? 53  PHE B CE2 1 
ATOM   1163 C CZ  . PHE B 1 53 ? 9.840   -7.163  -10.309 1.00 31.28 ? 53  PHE B CZ  1 
ATOM   1164 N N   . ILE B 1 54 ? 9.276   -0.516  -12.825 1.00 21.95 ? 54  ILE B N   1 
ATOM   1165 C CA  . ILE B 1 54 ? 9.543   0.770   -13.453 1.00 21.16 ? 54  ILE B CA  1 
ATOM   1166 C C   . ILE B 1 54 ? 10.889  1.283   -12.956 1.00 20.58 ? 54  ILE B C   1 
ATOM   1167 O O   . ILE B 1 54 ? 11.366  0.865   -11.897 1.00 20.36 ? 54  ILE B O   1 
ATOM   1168 C CB  . ILE B 1 54 ? 8.458   1.827   -13.127 1.00 21.05 ? 54  ILE B CB  1 
ATOM   1169 C CG1 . ILE B 1 54 ? 8.502   2.196   -11.642 1.00 21.62 ? 54  ILE B CG1 1 
ATOM   1170 C CG2 . ILE B 1 54 ? 7.075   1.291   -13.501 1.00 23.21 ? 54  ILE B CG2 1 
ATOM   1171 C CD1 . ILE B 1 54 ? 7.697   3.431   -11.299 1.00 21.70 ? 54  ILE B CD1 1 
ATOM   1172 N N   . LYS B 1 55 ? 11.502  2.174   -13.727 1.00 18.38 ? 55  LYS B N   1 
ATOM   1173 C CA  . LYS B 1 55 ? 12.781  2.753   -13.351 1.00 18.04 ? 55  LYS B CA  1 
ATOM   1174 C C   . LYS B 1 55 ? 12.528  4.085   -12.655 1.00 17.07 ? 55  LYS B C   1 
ATOM   1175 O O   . LYS B 1 55 ? 11.731  4.894   -13.125 1.00 17.48 ? 55  LYS B O   1 
ATOM   1176 C CB  . LYS B 1 55 ? 13.646  2.994   -14.591 1.00 20.84 ? 55  LYS B CB  1 
ATOM   1177 C CG  . LYS B 1 55 ? 13.919  1.756   -15.421 1.00 25.52 ? 55  LYS B CG  1 
ATOM   1178 C CD  . LYS B 1 55 ? 14.863  2.058   -16.578 1.00 29.56 ? 55  LYS B CD  1 
ATOM   1179 C CE  . LYS B 1 55 ? 16.208  2.555   -16.067 1.00 30.85 ? 55  LYS B CE  1 
ATOM   1180 N NZ  . LYS B 1 55 ? 16.820  1.573   -15.125 1.00 32.72 ? 55  LYS B NZ  1 
ATOM   1181 N N   . VAL B 1 56 ? 13.196  4.310   -11.531 1.00 15.01 ? 56  VAL B N   1 
ATOM   1182 C CA  . VAL B 1 56 ? 13.030  5.559   -10.809 1.00 14.13 ? 56  VAL B CA  1 
ATOM   1183 C C   . VAL B 1 56 ? 14.383  6.130   -10.432 1.00 12.68 ? 56  VAL B C   1 
ATOM   1184 O O   . VAL B 1 56 ? 15.402  5.451   -10.544 1.00 13.30 ? 56  VAL B O   1 
ATOM   1185 C CB  . VAL B 1 56 ? 12.201  5.366   -9.519  1.00 12.03 ? 56  VAL B CB  1 
ATOM   1186 C CG1 . VAL B 1 56 ? 10.811  4.857   -9.870  1.00 13.81 ? 56  VAL B CG1 1 
ATOM   1187 C CG2 . VAL B 1 56 ? 12.908  4.394   -8.587  1.00 13.87 ? 56  VAL B CG2 1 
ATOM   1188 N N   . ARG B 1 57 ? 14.383  7.381   -9.985  1.00 10.95 ? 57  ARG B N   1 
ATOM   1189 C CA  . ARG B 1 57 ? 15.607  8.049   -9.578  1.00 10.72 ? 57  ARG B CA  1 
ATOM   1190 C C   . ARG B 1 57 ? 15.631  8.068   -8.052  1.00 11.80 ? 57  ARG B C   1 
ATOM   1191 O O   . ARG B 1 57 ? 14.656  8.470   -7.418  1.00 11.95 ? 57  ARG B O   1 
ATOM   1192 C CB  . ARG B 1 57 ? 15.642  9.483   -10.122 1.00 12.26 ? 57  ARG B CB  1 
ATOM   1193 C CG  . ARG B 1 57 ? 15.452  9.585   -11.633 1.00 15.84 ? 57  ARG B CG  1 
ATOM   1194 C CD  . ARG B 1 57 ? 16.021  10.885  -12.192 1.00 16.77 ? 57  ARG B CD  1 
ATOM   1195 N NE  . ARG B 1 57 ? 15.457  12.074  -11.561 1.00 18.13 ? 57  ARG B NE  1 
ATOM   1196 C CZ  . ARG B 1 57 ? 14.242  12.553  -11.814 1.00 19.71 ? 57  ARG B CZ  1 
ATOM   1197 N NH1 . ARG B 1 57 ? 13.451  11.946  -12.692 1.00 19.46 ? 57  ARG B NH1 1 
ATOM   1198 N NH2 . ARG B 1 57 ? 13.817  13.636  -11.181 1.00 19.78 ? 57  ARG B NH2 1 
ATOM   1199 N N   . GLN B 1 58 ? 16.738  7.626   -7.465  1.00 11.94 ? 58  GLN B N   1 
ATOM   1200 C CA  . GLN B 1 58 ? 16.857  7.592   -6.012  1.00 11.52 ? 58  GLN B CA  1 
ATOM   1201 C C   . GLN B 1 58 ? 17.698  8.733   -5.472  1.00 13.43 ? 58  GLN B C   1 
ATOM   1202 O O   . GLN B 1 58 ? 18.868  8.877   -5.847  1.00 13.47 ? 58  GLN B O   1 
ATOM   1203 C CB  . GLN B 1 58 ? 17.479  6.270   -5.554  1.00 12.05 ? 58  GLN B CB  1 
ATOM   1204 C CG  . GLN B 1 58 ? 17.619  6.156   -4.031  1.00 13.16 ? 58  GLN B CG  1 
ATOM   1205 C CD  . GLN B 1 58 ? 18.282  4.860   -3.602  1.00 16.47 ? 58  GLN B CD  1 
ATOM   1206 O OE1 . GLN B 1 58 ? 17.955  3.790   -4.110  1.00 18.51 ? 58  GLN B OE1 1 
ATOM   1207 N NE2 . GLN B 1 58 ? 19.212  4.951   -2.653  1.00 17.62 ? 58  GLN B NE2 1 
ATOM   1208 N N   . TYR B 1 59 ? 17.092  9.542   -4.605  1.00 11.31 ? 59  TYR B N   1 
ATOM   1209 C CA  . TYR B 1 59 ? 17.771  10.657  -3.952  1.00 13.86 ? 59  TYR B CA  1 
ATOM   1210 C C   . TYR B 1 59 ? 17.848  10.328  -2.468  1.00 14.96 ? 59  TYR B C   1 
ATOM   1211 O O   . TYR B 1 59 ? 16.864  9.882   -1.875  1.00 14.79 ? 59  TYR B O   1 
ATOM   1212 C CB  . TYR B 1 59 ? 17.002  11.965  -4.129  1.00 10.82 ? 59  TYR B CB  1 
ATOM   1213 C CG  . TYR B 1 59 ? 16.913  12.442  -5.555  1.00 11.05 ? 59  TYR B CG  1 
ATOM   1214 C CD1 . TYR B 1 59 ? 15.945  11.936  -6.421  1.00 12.98 ? 59  TYR B CD1 1 
ATOM   1215 C CD2 . TYR B 1 59 ? 17.800  13.403  -6.041  1.00 13.07 ? 59  TYR B CD2 1 
ATOM   1216 C CE1 . TYR B 1 59 ? 15.858  12.380  -7.739  1.00 14.34 ? 59  TYR B CE1 1 
ATOM   1217 C CE2 . TYR B 1 59 ? 17.722  13.852  -7.360  1.00 13.24 ? 59  TYR B CE2 1 
ATOM   1218 C CZ  . TYR B 1 59 ? 16.751  13.338  -8.197  1.00 15.41 ? 59  TYR B CZ  1 
ATOM   1219 O OH  . TYR B 1 59 ? 16.662  13.784  -9.497  1.00 16.46 ? 59  TYR B OH  1 
ATOM   1220 N N   . ASP B 1 60 ? 19.011  10.553  -1.866  1.00 15.76 ? 60  ASP B N   1 
ATOM   1221 C CA  . ASP B 1 60 ? 19.187  10.247  -0.453  1.00 15.46 ? 60  ASP B CA  1 
ATOM   1222 C C   . ASP B 1 60 ? 19.232  11.474  0.457   1.00 15.83 ? 60  ASP B C   1 
ATOM   1223 O O   . ASP B 1 60 ? 19.474  12.594  0.005   1.00 14.29 ? 60  ASP B O   1 
ATOM   1224 C CB  . ASP B 1 60 ? 20.455  9.409   -0.263  1.00 18.79 ? 60  ASP B CB  1 
ATOM   1225 C CG  . ASP B 1 60 ? 20.398  8.087   -1.013  1.00 21.40 ? 60  ASP B CG  1 
ATOM   1226 O OD1 . ASP B 1 60 ? 19.412  7.343   -0.845  1.00 22.69 ? 60  ASP B OD1 1 
ATOM   1227 O OD2 . ASP B 1 60 ? 21.343  7.782   -1.768  1.00 23.80 ? 60  ASP B OD2 1 
ATOM   1228 N N   . GLN B 1 61 ? 18.981  11.237  1.745   1.00 15.59 ? 61  GLN B N   1 
ATOM   1229 C CA  . GLN B 1 61 ? 18.986  12.281  2.766   1.00 17.17 ? 61  GLN B CA  1 
ATOM   1230 C C   . GLN B 1 61 ? 18.176  13.519  2.402   1.00 17.19 ? 61  GLN B C   1 
ATOM   1231 O O   . GLN B 1 61 ? 18.654  14.649  2.527   1.00 16.13 ? 61  GLN B O   1 
ATOM   1232 C CB  . GLN B 1 61 ? 20.423  12.693  3.092   1.00 20.44 ? 61  GLN B CB  1 
ATOM   1233 C CG  . GLN B 1 61 ? 21.043  11.905  4.228   1.00 26.05 ? 61  GLN B CG  1 
ATOM   1234 C CD  . GLN B 1 61 ? 22.441  12.386  4.560   1.00 27.79 ? 61  GLN B CD  1 
ATOM   1235 O OE1 . GLN B 1 61 ? 23.351  12.285  3.737   1.00 31.88 ? 61  GLN B OE1 1 
ATOM   1236 N NE2 . GLN B 1 61 ? 22.617  12.923  5.762   1.00 27.21 ? 61  GLN B NE2 1 
ATOM   1237 N N   . ILE B 1 62 ? 16.942  13.293  1.971   1.00 15.27 ? 62  ILE B N   1 
ATOM   1238 C CA  . ILE B 1 62 ? 16.047  14.376  1.589   1.00 15.01 ? 62  ILE B CA  1 
ATOM   1239 C C   . ILE B 1 62 ? 15.140  14.725  2.759   1.00 13.76 ? 62  ILE B C   1 
ATOM   1240 O O   . ILE B 1 62 ? 14.571  13.835  3.393   1.00 12.05 ? 62  ILE B O   1 
ATOM   1241 C CB  . ILE B 1 62 ? 15.158  13.963  0.392   1.00 13.49 ? 62  ILE B CB  1 
ATOM   1242 C CG1 . ILE B 1 62 ? 16.032  13.665  -0.833  1.00 14.43 ? 62  ILE B CG1 1 
ATOM   1243 C CG2 . ILE B 1 62 ? 14.139  15.059  0.096   1.00 16.34 ? 62  ILE B CG2 1 
ATOM   1244 C CD1 . ILE B 1 62 ? 16.804  14.867  -1.372  1.00 16.28 ? 62  ILE B CD1 1 
ATOM   1245 N N   . LEU B 1 63 ? 15.012  16.018  3.048   1.00 15.16 ? 63  LEU B N   1 
ATOM   1246 C CA  . LEU B 1 63 ? 14.143  16.470  4.132   1.00 15.88 ? 63  LEU B CA  1 
ATOM   1247 C C   . LEU B 1 63 ? 12.702  16.511  3.638   1.00 16.82 ? 63  LEU B C   1 
ATOM   1248 O O   . LEU B 1 63 ? 12.408  17.070  2.580   1.00 15.42 ? 63  LEU B O   1 
ATOM   1249 C CB  . LEU B 1 63 ? 14.546  17.871  4.612   1.00 19.08 ? 63  LEU B CB  1 
ATOM   1250 C CG  . LEU B 1 63 ? 13.588  18.487  5.643   1.00 22.54 ? 63  LEU B CG  1 
ATOM   1251 C CD1 . LEU B 1 63 ? 13.542  17.621  6.898   1.00 25.14 ? 63  LEU B CD1 1 
ATOM   1252 C CD2 . LEU B 1 63 ? 14.042  19.902  5.987   1.00 25.63 ? 63  LEU B CD2 1 
ATOM   1253 N N   . ILE B 1 64 ? 11.804  15.921  4.414   1.00 15.82 ? 64  ILE B N   1 
ATOM   1254 C CA  . ILE B 1 64 ? 10.401  15.901  4.051   1.00 18.61 ? 64  ILE B CA  1 
ATOM   1255 C C   . ILE B 1 64 ? 9.558   15.935  5.317   1.00 17.10 ? 64  ILE B C   1 
ATOM   1256 O O   . ILE B 1 64 ? 9.859   15.257  6.299   1.00 18.39 ? 64  ILE B O   1 
ATOM   1257 C CB  . ILE B 1 64 ? 10.074  14.645  3.215   1.00 19.17 ? 64  ILE B CB  1 
ATOM   1258 C CG1 . ILE B 1 64 ? 8.581   14.605  2.883   1.00 22.37 ? 64  ILE B CG1 1 
ATOM   1259 C CG2 . ILE B 1 64 ? 10.517  13.396  3.961   1.00 24.21 ? 64  ILE B CG2 1 
ATOM   1260 C CD1 . ILE B 1 64 ? 8.202   13.464  1.953   1.00 24.18 ? 64  ILE B CD1 1 
ATOM   1261 N N   . GLU B 1 65 ? 8.511   16.749  5.302   1.00 17.04 ? 65  GLU B N   1 
ATOM   1262 C CA  . GLU B 1 65 ? 7.645   16.866  6.463   1.00 18.38 ? 65  GLU B CA  1 
ATOM   1263 C C   . GLU B 1 65 ? 6.335   16.153  6.149   1.00 18.32 ? 65  GLU B C   1 
ATOM   1264 O O   . GLU B 1 65 ? 5.720   16.396  5.112   1.00 18.85 ? 65  GLU B O   1 
ATOM   1265 C CB  . GLU B 1 65 ? 7.405   18.343  6.771   1.00 21.79 ? 65  GLU B CB  1 
ATOM   1266 C CG  . GLU B 1 65 ? 6.976   18.627  8.187   1.00 25.99 ? 65  GLU B CG  1 
ATOM   1267 C CD  . GLU B 1 65 ? 6.764   20.108  8.421   1.00 29.57 ? 65  GLU B CD  1 
ATOM   1268 O OE1 . GLU B 1 65 ? 7.718   20.882  8.189   1.00 29.47 ? 65  GLU B OE1 1 
ATOM   1269 O OE2 . GLU B 1 65 ? 5.646   20.493  8.829   1.00 33.52 ? 65  GLU B OE2 1 
ATOM   1270 N N   . ILE B 1 66 ? 5.923   15.265  7.044   1.00 18.01 ? 66  ILE B N   1 
ATOM   1271 C CA  . ILE B 1 66 ? 4.703   14.487  6.861   1.00 19.48 ? 66  ILE B CA  1 
ATOM   1272 C C   . ILE B 1 66 ? 3.759   14.774  8.017   1.00 21.75 ? 66  ILE B C   1 
ATOM   1273 O O   . ILE B 1 66 ? 4.047   14.421  9.159   1.00 20.68 ? 66  ILE B O   1 
ATOM   1274 C CB  . ILE B 1 66 ? 5.024   12.978  6.835   1.00 19.03 ? 66  ILE B CB  1 
ATOM   1275 C CG1 . ILE B 1 66 ? 6.093   12.704  5.774   1.00 19.36 ? 66  ILE B CG1 1 
ATOM   1276 C CG2 . ILE B 1 66 ? 3.762   12.174  6.549   1.00 16.74 ? 66  ILE B CG2 1 
ATOM   1277 C CD1 . ILE B 1 66 ? 6.658   11.300  5.817   1.00 22.34 ? 66  ILE B CD1 1 
ATOM   1278 N N   . CYS B 1 67 ? 2.634   15.417  7.717   1.00 24.97 ? 67  CYS B N   1 
ATOM   1279 C CA  . CYS B 1 67 ? 1.667   15.769  8.749   1.00 28.75 ? 67  CYS B CA  1 
ATOM   1280 C C   . CYS B 1 67 ? 2.357   16.533  9.868   1.00 28.64 ? 67  CYS B C   1 
ATOM   1281 O O   . CYS B 1 67 ? 2.021   16.368  11.038  1.00 30.69 ? 67  CYS B O   1 
ATOM   1282 C CB  . CYS B 1 67 ? 1.010   14.515  9.328   1.00 30.71 ? 67  CYS B CB  1 
ATOM   1283 S SG  . CYS B 1 67 ? -0.265  13.800  8.287   1.00 38.14 ? 67  CYS B SG  1 
ATOM   1284 N N   . GLY B 1 68 ? 3.333   17.358  9.506   1.00 28.06 ? 68  GLY B N   1 
ATOM   1285 C CA  . GLY B 1 68 ? 4.037   18.136  10.510  1.00 27.23 ? 68  GLY B CA  1 
ATOM   1286 C C   . GLY B 1 68 ? 5.236   17.445  11.136  1.00 26.50 ? 68  GLY B C   1 
ATOM   1287 O O   . GLY B 1 68 ? 6.009   18.082  11.853  1.00 27.16 ? 68  GLY B O   1 
ATOM   1288 N N   . HIS B 1 69 ? 5.387   16.147  10.883  1.00 23.97 ? 69  HIS B N   1 
ATOM   1289 C CA  . HIS B 1 69 ? 6.512   15.391  11.423  1.00 23.30 ? 69  HIS B CA  1 
ATOM   1290 C C   . HIS B 1 69 ? 7.684   15.460  10.452  1.00 22.71 ? 69  HIS B C   1 
ATOM   1291 O O   . HIS B 1 69 ? 7.542   15.117  9.282   1.00 21.73 ? 69  HIS B O   1 
ATOM   1292 C CB  . HIS B 1 69 ? 6.128   13.923  11.639  1.00 23.99 ? 69  HIS B CB  1 
ATOM   1293 C CG  . HIS B 1 69 ? 5.127   13.714  12.730  1.00 26.47 ? 69  HIS B CG  1 
ATOM   1294 N ND1 . HIS B 1 69 ? 3.838   14.198  12.663  1.00 27.80 ? 69  HIS B ND1 1 
ATOM   1295 C CD2 . HIS B 1 69 ? 5.230   13.083  13.924  1.00 25.81 ? 69  HIS B CD2 1 
ATOM   1296 C CE1 . HIS B 1 69 ? 3.191   13.875  13.768  1.00 26.91 ? 69  HIS B CE1 1 
ATOM   1297 N NE2 . HIS B 1 69 ? 4.014   13.198  14.551  1.00 28.29 ? 69  HIS B NE2 1 
ATOM   1298 N N   . LYS B 1 70 ? 8.838   15.898  10.941  1.00 22.85 ? 70  LYS B N   1 
ATOM   1299 C CA  . LYS B 1 70 ? 10.019  16.008  10.099  1.00 23.51 ? 70  LYS B CA  1 
ATOM   1300 C C   . LYS B 1 70 ? 10.758  14.684  9.951   1.00 21.77 ? 70  LYS B C   1 
ATOM   1301 O O   . LYS B 1 70 ? 10.983  13.968  10.927  1.00 22.71 ? 70  LYS B O   1 
ATOM   1302 C CB  . LYS B 1 70 ? 10.973  17.071  10.656  1.00 27.28 ? 70  LYS B CB  1 
ATOM   1303 C CG  . LYS B 1 70 ? 10.399  18.478  10.627  1.00 31.50 ? 70  LYS B CG  1 
ATOM   1304 C CD  . LYS B 1 70 ? 11.388  19.507  11.147  1.00 34.30 ? 70  LYS B CD  1 
ATOM   1305 C CE  . LYS B 1 70 ? 10.749  20.888  11.199  1.00 35.76 ? 70  LYS B CE  1 
ATOM   1306 N NZ  . LYS B 1 70 ? 11.683  21.916  11.733  1.00 39.38 ? 70  LYS B NZ  1 
ATOM   1307 N N   . ALA B 1 71 ? 11.121  14.362  8.716   1.00 17.43 ? 71  ALA B N   1 
ATOM   1308 C CA  . ALA B 1 71 ? 11.855  13.140  8.426   1.00 16.39 ? 71  ALA B CA  1 
ATOM   1309 C C   . ALA B 1 71 ? 12.972  13.478  7.448   1.00 15.41 ? 71  ALA B C   1 
ATOM   1310 O O   . ALA B 1 71 ? 12.919  14.504  6.770   1.00 14.69 ? 71  ALA B O   1 
ATOM   1311 C CB  . ALA B 1 71 ? 10.928  12.096  7.818   1.00 15.48 ? 71  ALA B CB  1 
ATOM   1312 N N   . ILE B 1 72 ? 13.985  12.620  7.395   1.00 13.67 ? 72  ILE B N   1 
ATOM   1313 C CA  . ILE B 1 72 ? 15.110  12.803  6.483   1.00 13.46 ? 72  ILE B CA  1 
ATOM   1314 C C   . ILE B 1 72 ? 15.464  11.425  5.963   1.00 13.10 ? 72  ILE B C   1 
ATOM   1315 O O   . ILE B 1 72 ? 15.966  10.589  6.707   1.00 13.81 ? 72  ILE B O   1 
ATOM   1316 C CB  . ILE B 1 72 ? 16.350  13.393  7.192   1.00 13.05 ? 72  ILE B CB  1 
ATOM   1317 C CG1 . ILE B 1 72 ? 15.994  14.727  7.853   1.00 15.15 ? 72  ILE B CG1 1 
ATOM   1318 C CG2 . ILE B 1 72 ? 17.470  13.600  6.173   1.00 13.06 ? 72  ILE B CG2 1 
ATOM   1319 C CD1 . ILE B 1 72 ? 17.152  15.371  8.609   1.00 17.46 ? 72  ILE B CD1 1 
ATOM   1320 N N   . GLY B 1 73 ? 15.203  11.176  4.685   1.00 11.58 ? 73  GLY B N   1 
ATOM   1321 C CA  . GLY B 1 73 ? 15.509  9.863   4.159   1.00 11.93 ? 73  GLY B CA  1 
ATOM   1322 C C   . GLY B 1 73 ? 15.522  9.762   2.652   1.00 12.43 ? 73  GLY B C   1 
ATOM   1323 O O   . GLY B 1 73 ? 15.540  10.768  1.946   1.00 12.62 ? 73  GLY B O   1 
ATOM   1324 N N   . THR B 1 74 ? 15.511  8.527   2.169   1.00 13.04 ? 74  THR B N   1 
ATOM   1325 C CA  . THR B 1 74 ? 15.542  8.253   0.743   1.00 13.28 ? 74  THR B CA  1 
ATOM   1326 C C   . THR B 1 74 ? 14.194  8.460   0.075   1.00 12.22 ? 74  THR B C   1 
ATOM   1327 O O   . THR B 1 74 ? 13.158  8.010   0.565   1.00 12.18 ? 74  THR B O   1 
ATOM   1328 C CB  . THR B 1 74 ? 16.012  6.814   0.481   1.00 13.66 ? 74  THR B CB  1 
ATOM   1329 O OG1 . THR B 1 74 ? 17.335  6.655   1.002   1.00 17.12 ? 74  THR B OG1 1 
ATOM   1330 C CG2 . THR B 1 74 ? 16.024  6.509   -1.010  1.00 13.36 ? 74  THR B CG2 1 
ATOM   1331 N N   . VAL B 1 75 ? 14.226  9.144   -1.058  1.00 11.97 ? 75  VAL B N   1 
ATOM   1332 C CA  . VAL B 1 75 ? 13.023  9.417   -1.823  1.00 12.99 ? 75  VAL B CA  1 
ATOM   1333 C C   . VAL B 1 75 ? 13.274  8.999   -3.264  1.00 12.31 ? 75  VAL B C   1 
ATOM   1334 O O   . VAL B 1 75 ? 14.332  9.278   -3.827  1.00 11.75 ? 75  VAL B O   1 
ATOM   1335 C CB  . VAL B 1 75 ? 12.673  10.920  -1.787  1.00 14.63 ? 75  VAL B CB  1 
ATOM   1336 C CG1 . VAL B 1 75 ? 11.481  11.204  -2.679  1.00 17.40 ? 75  VAL B CG1 1 
ATOM   1337 C CG2 . VAL B 1 75 ? 12.369  11.349  -0.354  1.00 17.16 ? 75  VAL B CG2 1 
ATOM   1338 N N   . LEU B 1 76 ? 12.299  8.317   -3.849  1.00 11.16 ? 76  LEU B N   1 
ATOM   1339 C CA  . LEU B 1 76 ? 12.399  7.873   -5.231  1.00 11.22 ? 76  LEU B CA  1 
ATOM   1340 C C   . LEU B 1 76 ? 11.468  8.738   -6.072  1.00 13.29 ? 76  LEU B C   1 
ATOM   1341 O O   . LEU B 1 76 ? 10.376  9.100   -5.633  1.00 12.15 ? 76  LEU B O   1 
ATOM   1342 C CB  . LEU B 1 76 ? 11.980  6.406   -5.343  1.00 10.30 ? 76  LEU B CB  1 
ATOM   1343 C CG  . LEU B 1 76 ? 12.641  5.442   -4.355  1.00 9.47  ? 76  LEU B CG  1 
ATOM   1344 C CD1 . LEU B 1 76 ? 12.082  4.047   -4.578  1.00 9.00  ? 76  LEU B CD1 1 
ATOM   1345 C CD2 . LEU B 1 76 ? 14.165  5.464   -4.536  1.00 7.77  ? 76  LEU B CD2 1 
ATOM   1346 N N   . VAL B 1 77 ? 11.902  9.072   -7.282  1.00 12.37 ? 77  VAL B N   1 
ATOM   1347 C CA  . VAL B 1 77 ? 11.090  9.897   -8.161  1.00 13.14 ? 77  VAL B CA  1 
ATOM   1348 C C   . VAL B 1 77 ? 10.856  9.177   -9.476  1.00 13.11 ? 77  VAL B C   1 
ATOM   1349 O O   . VAL B 1 77 ? 11.798  8.727   -10.124 1.00 10.14 ? 77  VAL B O   1 
ATOM   1350 C CB  . VAL B 1 77 ? 11.763  11.262  -8.439  1.00 14.27 ? 77  VAL B CB  1 
ATOM   1351 C CG1 . VAL B 1 77 ? 10.917  12.073  -9.420  1.00 16.10 ? 77  VAL B CG1 1 
ATOM   1352 C CG2 . VAL B 1 77 ? 11.919  12.031  -7.137  1.00 16.93 ? 77  VAL B CG2 1 
ATOM   1353 N N   . GLY B 1 78 ? 9.593   9.067   -9.865  1.00 12.47 ? 78  GLY B N   1 
ATOM   1354 C CA  . GLY B 1 78 ? 9.280   8.389   -11.110 1.00 14.28 ? 78  GLY B CA  1 
ATOM   1355 C C   . GLY B 1 78 ? 7.808   8.429   -11.465 1.00 14.63 ? 78  GLY B C   1 
ATOM   1356 O O   . GLY B 1 78 ? 7.017   9.087   -10.786 1.00 13.55 ? 78  GLY B O   1 
ATOM   1357 N N   . PRO B 1 79 ? 7.409   7.723   -12.534 1.00 15.80 ? 79  PRO B N   1 
ATOM   1358 C CA  . PRO B 1 79 ? 6.017   7.674   -12.993 1.00 16.21 ? 79  PRO B CA  1 
ATOM   1359 C C   . PRO B 1 79 ? 5.088   6.853   -12.107 1.00 16.91 ? 79  PRO B C   1 
ATOM   1360 O O   . PRO B 1 79 ? 4.674   5.755   -12.463 1.00 18.66 ? 79  PRO B O   1 
ATOM   1361 C CB  . PRO B 1 79 ? 6.144   7.103   -14.406 1.00 17.20 ? 79  PRO B CB  1 
ATOM   1362 C CG  . PRO B 1 79 ? 7.346   6.213   -14.301 1.00 15.90 ? 79  PRO B CG  1 
ATOM   1363 C CD  . PRO B 1 79 ? 8.305   7.050   -13.492 1.00 15.97 ? 79  PRO B CD  1 
ATOM   1364 N N   . THR B 1 80 ? 4.760   7.404   -10.947 1.00 17.13 ? 80  THR B N   1 
ATOM   1365 C CA  . THR B 1 80 ? 3.870   6.746   -10.004 1.00 15.51 ? 80  THR B CA  1 
ATOM   1366 C C   . THR B 1 80 ? 2.471   7.352   -10.136 1.00 16.54 ? 80  THR B C   1 
ATOM   1367 O O   . THR B 1 80 ? 2.326   8.526   -10.477 1.00 16.90 ? 80  THR B O   1 
ATOM   1368 C CB  . THR B 1 80 ? 4.388   6.926   -8.558  1.00 13.80 ? 80  THR B CB  1 
ATOM   1369 O OG1 . THR B 1 80 ? 3.463   6.344   -7.637  1.00 12.99 ? 80  THR B OG1 1 
ATOM   1370 C CG2 . THR B 1 80 ? 4.560   8.402   -8.234  1.00 14.48 ? 80  THR B CG2 1 
ATOM   1371 N N   . PRO B 1 81 ? 1.420   6.550   -9.886  1.00 18.09 ? 81  PRO B N   1 
ATOM   1372 C CA  . PRO B 1 81 ? 0.022   6.998   -9.974  1.00 17.53 ? 81  PRO B CA  1 
ATOM   1373 C C   . PRO B 1 81 ? -0.302  8.147   -9.016  1.00 18.21 ? 81  PRO B C   1 
ATOM   1374 O O   . PRO B 1 81 ? -1.109  9.026   -9.327  1.00 18.07 ? 81  PRO B O   1 
ATOM   1375 C CB  . PRO B 1 81 ? -0.765  5.734   -9.630  1.00 19.69 ? 81  PRO B CB  1 
ATOM   1376 C CG  . PRO B 1 81 ? 0.128   4.644   -10.107 1.00 20.98 ? 81  PRO B CG  1 
ATOM   1377 C CD  . PRO B 1 81 ? 1.484   5.102   -9.632  1.00 19.09 ? 81  PRO B CD  1 
ATOM   1378 N N   . VAL B 1 82 ? 0.330   8.126   -7.846  1.00 16.42 ? 82  VAL B N   1 
ATOM   1379 C CA  . VAL B 1 82 ? 0.135   9.154   -6.828  1.00 15.09 ? 82  VAL B CA  1 
ATOM   1380 C C   . VAL B 1 82 ? 1.373   9.166   -5.948  1.00 12.52 ? 82  VAL B C   1 
ATOM   1381 O O   . VAL B 1 82 ? 2.139   8.200   -5.950  1.00 11.14 ? 82  VAL B O   1 
ATOM   1382 C CB  . VAL B 1 82 ? -1.084  8.852   -5.905  1.00 18.22 ? 82  VAL B CB  1 
ATOM   1383 C CG1 . VAL B 1 82 ? -2.380  8.875   -6.702  1.00 21.37 ? 82  VAL B CG1 1 
ATOM   1384 C CG2 . VAL B 1 82 ? -0.900  7.503   -5.224  1.00 20.73 ? 82  VAL B CG2 1 
ATOM   1385 N N   . ASN B 1 83 ? 1.576   10.251  -5.204  1.00 11.44 ? 83  ASN B N   1 
ATOM   1386 C CA  . ASN B 1 83 ? 2.721   10.322  -4.295  1.00 9.98  ? 83  ASN B CA  1 
ATOM   1387 C C   . ASN B 1 83 ? 2.474   9.289   -3.203  1.00 8.97  ? 83  ASN B C   1 
ATOM   1388 O O   . ASN B 1 83 ? 1.409   9.271   -2.588  1.00 8.49  ? 83  ASN B O   1 
ATOM   1389 C CB  . ASN B 1 83 ? 2.851   11.714  -3.668  1.00 11.76 ? 83  ASN B CB  1 
ATOM   1390 C CG  . ASN B 1 83 ? 3.154   12.791  -4.693  1.00 13.83 ? 83  ASN B CG  1 
ATOM   1391 O OD1 . ASN B 1 83 ? 4.025   12.625  -5.547  1.00 15.88 ? 83  ASN B OD1 1 
ATOM   1392 N ND2 . ASN B 1 83 ? 2.442   13.905  -4.607  1.00 14.10 ? 83  ASN B ND2 1 
ATOM   1393 N N   . ILE B 1 84 ? 3.464   8.431   -2.977  1.00 7.24  ? 84  ILE B N   1 
ATOM   1394 C CA  . ILE B 1 84 ? 3.375   7.356   -1.995  1.00 8.25  ? 84  ILE B CA  1 
ATOM   1395 C C   . ILE B 1 84 ? 4.420   7.446   -0.881  1.00 7.52  ? 84  ILE B C   1 
ATOM   1396 O O   . ILE B 1 84 ? 5.612   7.553   -1.149  1.00 7.60  ? 84  ILE B O   1 
ATOM   1397 C CB  . ILE B 1 84 ? 3.528   5.981   -2.701  1.00 9.47  ? 84  ILE B CB  1 
ATOM   1398 C CG1 . ILE B 1 84 ? 2.278   5.694   -3.540  1.00 11.76 ? 84  ILE B CG1 1 
ATOM   1399 C CG2 . ILE B 1 84 ? 3.762   4.871   -1.682  1.00 9.99  ? 84  ILE B CG2 1 
ATOM   1400 C CD1 . ILE B 1 84 ? 2.429   4.496   -4.467  1.00 12.22 ? 84  ILE B CD1 1 
ATOM   1401 N N   . ILE B 1 85 ? 3.960   7.415   0.369   1.00 7.34  ? 85  ILE B N   1 
ATOM   1402 C CA  . ILE B 1 85 ? 4.863   7.442   1.520   1.00 8.03  ? 85  ILE B CA  1 
ATOM   1403 C C   . ILE B 1 85 ? 4.974   5.985   1.970   1.00 9.13  ? 85  ILE B C   1 
ATOM   1404 O O   . ILE B 1 85 ? 3.986   5.390   2.419   1.00 9.29  ? 85  ILE B O   1 
ATOM   1405 C CB  . ILE B 1 85 ? 4.294   8.286   2.690   1.00 8.45  ? 85  ILE B CB  1 
ATOM   1406 C CG1 . ILE B 1 85 ? 4.050   9.724   2.222   1.00 9.25  ? 85  ILE B CG1 1 
ATOM   1407 C CG2 . ILE B 1 85 ? 5.267   8.267   3.870   1.00 8.72  ? 85  ILE B CG2 1 
ATOM   1408 C CD1 . ILE B 1 85 ? 5.277   10.405  1.613   1.00 9.72  ? 85  ILE B CD1 1 
ATOM   1409 N N   . GLY B 1 86 ? 6.175   5.422   1.853   1.00 6.92  ? 86  GLY B N   1 
ATOM   1410 C CA  . GLY B 1 86 ? 6.382   4.023   2.202   1.00 8.26  ? 86  GLY B CA  1 
ATOM   1411 C C   . GLY B 1 86 ? 6.940   3.762   3.585   1.00 6.49  ? 86  GLY B C   1 
ATOM   1412 O O   . GLY B 1 86 ? 7.136   4.685   4.371   1.00 7.02  ? 86  GLY B O   1 
ATOM   1413 N N   . ARG B 1 87 ? 7.208   2.494   3.872   1.00 7.68  ? 87  ARG B N   1 
ATOM   1414 C CA  . ARG B 1 87 ? 7.704   2.094   5.187   1.00 8.66  ? 87  ARG B CA  1 
ATOM   1415 C C   . ARG B 1 87 ? 8.987   2.771   5.641   1.00 8.69  ? 87  ARG B C   1 
ATOM   1416 O O   . ARG B 1 87 ? 9.167   3.013   6.839   1.00 9.42  ? 87  ARG B O   1 
ATOM   1417 C CB  . ARG B 1 87 ? 7.875   0.567   5.247   1.00 7.29  ? 87  ARG B CB  1 
ATOM   1418 C CG  . ARG B 1 87 ? 6.550   -0.193  5.223   1.00 8.49  ? 87  ARG B CG  1 
ATOM   1419 C CD  . ARG B 1 87 ? 6.705   -1.685  5.521   1.00 9.55  ? 87  ARG B CD  1 
ATOM   1420 N NE  . ARG B 1 87 ? 7.608   -2.348  4.581   1.00 9.26  ? 87  ARG B NE  1 
ATOM   1421 C CZ  . ARG B 1 87 ? 8.881   -2.646  4.837   1.00 10.40 ? 87  ARG B CZ  1 
ATOM   1422 N NH1 . ARG B 1 87 ? 9.419   -2.358  6.014   1.00 9.75  ? 87  ARG B NH1 1 
ATOM   1423 N NH2 . ARG B 1 87 ? 9.628   -3.221  3.901   1.00 10.91 ? 87  ARG B NH2 1 
ATOM   1424 N N   . ASN B 1 88 ? 9.877   3.088   4.705   1.00 8.00  ? 88  ASN B N   1 
ATOM   1425 C CA  . ASN B 1 88 ? 11.128  3.726   5.088   1.00 10.03 ? 88  ASN B CA  1 
ATOM   1426 C C   . ASN B 1 88 ? 10.881  5.018   5.869   1.00 10.45 ? 88  ASN B C   1 
ATOM   1427 O O   . ASN B 1 88 ? 11.621  5.331   6.809   1.00 9.59  ? 88  ASN B O   1 
ATOM   1428 C CB  . ASN B 1 88 ? 12.012  3.978   3.851   1.00 9.45  ? 88  ASN B CB  1 
ATOM   1429 C CG  . ASN B 1 88 ? 11.527  5.132   2.995   1.00 10.57 ? 88  ASN B CG  1 
ATOM   1430 O OD1 . ASN B 1 88 ? 10.399  5.131   2.504   1.00 10.71 ? 88  ASN B OD1 1 
ATOM   1431 N ND2 . ASN B 1 88 ? 12.387  6.126   2.808   1.00 10.82 ? 88  ASN B ND2 1 
ATOM   1432 N N   . LEU B 1 89 ? 9.829   5.756   5.507   1.00 8.99  ? 89  LEU B N   1 
ATOM   1433 C CA  . LEU B 1 89 ? 9.501   7.002   6.196   1.00 10.70 ? 89  LEU B CA  1 
ATOM   1434 C C   . LEU B 1 89 ? 8.408   6.849   7.255   1.00 9.84  ? 89  LEU B C   1 
ATOM   1435 O O   . LEU B 1 89 ? 8.348   7.635   8.203   1.00 11.24 ? 89  LEU B O   1 
ATOM   1436 C CB  . LEU B 1 89 ? 9.098   8.082   5.192   1.00 10.11 ? 89  LEU B CB  1 
ATOM   1437 C CG  . LEU B 1 89 ? 10.174  8.444   4.164   1.00 10.53 ? 89  LEU B CG  1 
ATOM   1438 C CD1 . LEU B 1 89 ? 9.644   9.553   3.263   1.00 11.46 ? 89  LEU B CD1 1 
ATOM   1439 C CD2 . LEU B 1 89 ? 11.455  8.896   4.872   1.00 13.63 ? 89  LEU B CD2 1 
ATOM   1440 N N   . LEU B 1 90 ? 7.532   5.858   7.095   1.00 9.67  ? 90  LEU B N   1 
ATOM   1441 C CA  . LEU B 1 90 ? 6.487   5.637   8.089   1.00 9.82  ? 90  LEU B CA  1 
ATOM   1442 C C   . LEU B 1 90 ? 7.139   5.242   9.425   1.00 9.28  ? 90  LEU B C   1 
ATOM   1443 O O   . LEU B 1 90 ? 6.673   5.637   10.493  1.00 10.97 ? 90  LEU B O   1 
ATOM   1444 C CB  . LEU B 1 90 ? 5.518   4.543   7.618   1.00 8.88  ? 90  LEU B CB  1 
ATOM   1445 C CG  . LEU B 1 90 ? 4.682   4.872   6.374   1.00 10.28 ? 90  LEU B CG  1 
ATOM   1446 C CD1 . LEU B 1 90 ? 3.862   3.667   5.945   1.00 9.18  ? 90  LEU B CD1 1 
ATOM   1447 C CD2 . LEU B 1 90 ? 3.777   6.057   6.676   1.00 11.26 ? 90  LEU B CD2 1 
ATOM   1448 N N   . THR B 1 91 ? 8.221   4.470   9.365   1.00 10.10 ? 91  THR B N   1 
ATOM   1449 C CA  . THR B 1 91 ? 8.917   4.056   10.585  1.00 10.93 ? 91  THR B CA  1 
ATOM   1450 C C   . THR B 1 91 ? 9.588   5.252   11.271  1.00 11.71 ? 91  THR B C   1 
ATOM   1451 O O   . THR B 1 91 ? 9.708   5.286   12.496  1.00 11.63 ? 91  THR B O   1 
ATOM   1452 C CB  . THR B 1 91 ? 9.996   2.998   10.287  1.00 12.43 ? 91  THR B CB  1 
ATOM   1453 O OG1 . THR B 1 91 ? 10.906  3.515   9.312   1.00 15.15 ? 91  THR B OG1 1 
ATOM   1454 C CG2 . THR B 1 91 ? 9.363   1.725   9.756   1.00 11.55 ? 91  THR B CG2 1 
ATOM   1455 N N   . GLN B 1 92 ? 10.028  6.228   10.480  1.00 11.95 ? 92  GLN B N   1 
ATOM   1456 C CA  . GLN B 1 92 ? 10.667  7.416   11.036  1.00 13.14 ? 92  GLN B CA  1 
ATOM   1457 C C   . GLN B 1 92 ? 9.697   8.254   11.858  1.00 15.45 ? 92  GLN B C   1 
ATOM   1458 O O   . GLN B 1 92 ? 10.078  8.844   12.874  1.00 16.89 ? 92  GLN B O   1 
ATOM   1459 C CB  . GLN B 1 92 ? 11.270  8.287   9.928   1.00 11.60 ? 92  GLN B CB  1 
ATOM   1460 C CG  . GLN B 1 92 ? 12.566  7.756   9.364   1.00 13.09 ? 92  GLN B CG  1 
ATOM   1461 C CD  . GLN B 1 92 ? 13.375  8.838   8.676   1.00 12.37 ? 92  GLN B CD  1 
ATOM   1462 O OE1 . GLN B 1 92 ? 13.280  10.016  9.028   1.00 13.89 ? 92  GLN B OE1 1 
ATOM   1463 N NE2 . GLN B 1 92 ? 14.194  8.444   7.711   1.00 15.93 ? 92  GLN B NE2 1 
ATOM   1464 N N   . ILE B 1 93 ? 8.442   8.314   11.430  1.00 16.13 ? 93  ILE B N   1 
ATOM   1465 C CA  . ILE B 1 93 ? 7.464   9.099   12.170  1.00 17.40 ? 93  ILE B CA  1 
ATOM   1466 C C   . ILE B 1 93 ? 6.724   8.262   13.217  1.00 17.29 ? 93  ILE B C   1 
ATOM   1467 O O   . ILE B 1 93 ? 5.785   8.735   13.858  1.00 19.07 ? 93  ILE B O   1 
ATOM   1468 C CB  . ILE B 1 93 ? 6.467   9.798   11.212  1.00 17.12 ? 93  ILE B CB  1 
ATOM   1469 C CG1 . ILE B 1 93 ? 5.677   8.766   10.409  1.00 18.90 ? 93  ILE B CG1 1 
ATOM   1470 C CG2 . ILE B 1 93 ? 7.235   10.722  10.268  1.00 17.25 ? 93  ILE B CG2 1 
ATOM   1471 C CD1 . ILE B 1 93 ? 4.644   9.394   9.486   1.00 21.32 ? 93  ILE B CD1 1 
ATOM   1472 N N   . GLY B 1 94 ? 7.161   7.016   13.382  1.00 15.77 ? 94  GLY B N   1 
ATOM   1473 C CA  . GLY B 1 94 ? 6.575   6.132   14.376  1.00 16.76 ? 94  GLY B CA  1 
ATOM   1474 C C   . GLY B 1 94 ? 5.174   5.635   14.092  1.00 16.55 ? 94  GLY B C   1 
ATOM   1475 O O   . GLY B 1 94 ? 4.379   5.444   15.006  1.00 16.06 ? 94  GLY B O   1 
ATOM   1476 N N   . CYS B 1 95 ? 4.876   5.409   12.820  1.00 15.88 ? 95  CYS B N   1 
ATOM   1477 C CA  . CYS B 1 95 ? 3.557   4.941   12.410  1.00 14.99 ? 95  CYS B CA  1 
ATOM   1478 C C   . CYS B 1 95 ? 3.426   3.427   12.555  1.00 14.49 ? 95  CYS B C   1 
ATOM   1479 O O   . CYS B 1 95 ? 4.336   2.681   12.191  1.00 15.07 ? 95  CYS B O   1 
ATOM   1480 C CB  . CYS B 1 95 ? 3.318   5.354   10.949  1.00 16.71 ? 95  CYS B CB  1 
ATOM   1481 S SG  . CYS B 1 95 ? 1.699   4.938   10.292  1.00 19.89 ? 95  CYS B SG  1 
ATOM   1482 N N   . THR B 1 96 ? 2.299   2.975   13.103  1.00 13.36 ? 96  THR B N   1 
ATOM   1483 C CA  . THR B 1 96 ? 2.050   1.546   13.267  1.00 13.14 ? 96  THR B CA  1 
ATOM   1484 C C   . THR B 1 96 ? 0.633   1.222   12.811  1.00 12.93 ? 96  THR B C   1 
ATOM   1485 O O   . THR B 1 96 ? -0.187  2.121   12.637  1.00 13.93 ? 96  THR B O   1 
ATOM   1486 C CB  . THR B 1 96 ? 2.187   1.086   14.748  1.00 13.90 ? 96  THR B CB  1 
ATOM   1487 O OG1 . THR B 1 96 ? 1.233   1.785   15.560  1.00 12.79 ? 96  THR B OG1 1 
ATOM   1488 C CG2 . THR B 1 96 ? 3.591   1.359   15.275  1.00 15.89 ? 96  THR B CG2 1 
ATOM   1489 N N   . LEU B 1 97 ? 0.369   -0.062  12.606  1.00 12.22 ? 97  LEU B N   1 
ATOM   1490 C CA  . LEU B 1 97 ? -0.950  -0.550  12.212  1.00 14.68 ? 97  LEU B CA  1 
ATOM   1491 C C   . LEU B 1 97 ? -1.544  -1.166  13.470  1.00 15.49 ? 97  LEU B C   1 
ATOM   1492 O O   . LEU B 1 97 ? -0.860  -1.914  14.168  1.00 16.66 ? 97  LEU B O   1 
ATOM   1493 C CB  . LEU B 1 97 ? -0.829  -1.627  11.128  1.00 15.88 ? 97  LEU B CB  1 
ATOM   1494 C CG  . LEU B 1 97 ? -0.642  -1.169  9.682   1.00 16.86 ? 97  LEU B CG  1 
ATOM   1495 C CD1 . LEU B 1 97 ? -0.263  -2.353  8.805   1.00 17.73 ? 97  LEU B CD1 1 
ATOM   1496 C CD2 . LEU B 1 97 ? -1.936  -0.527  9.187   1.00 18.07 ? 97  LEU B CD2 1 
ATOM   1497 N N   . ASN B 1 98 ? -2.805  -0.855  13.759  1.00 15.80 ? 98  ASN B N   1 
ATOM   1498 C CA  . ASN B 1 98 ? -3.459  -1.374  14.959  1.00 17.89 ? 98  ASN B CA  1 
ATOM   1499 C C   . ASN B 1 98 ? -4.872  -1.886  14.726  1.00 18.44 ? 98  ASN B C   1 
ATOM   1500 O O   . ASN B 1 98 ? -5.621  -1.334  13.926  1.00 17.19 ? 98  ASN B O   1 
ATOM   1501 C CB  . ASN B 1 98 ? -3.504  -0.284  16.029  1.00 18.71 ? 98  ASN B CB  1 
ATOM   1502 C CG  . ASN B 1 98 ? -2.126  0.192   16.426  1.00 22.28 ? 98  ASN B CG  1 
ATOM   1503 O OD1 . ASN B 1 98 ? -1.485  -0.391  17.298  1.00 26.09 ? 98  ASN B OD1 1 
ATOM   1504 N ND2 . ASN B 1 98 ? -1.653  1.241   15.770  1.00 21.06 ? 98  ASN B ND2 1 
ATOM   1505 N N   . PHE B 1 99 ? -5.227  -2.944  15.448  1.00 21.29 ? 99  PHE B N   1 
ATOM   1506 C CA  . PHE B 1 99 ? -6.559  -3.536  15.361  1.00 23.89 ? 99  PHE B CA  1 
ATOM   1507 C C   . PHE B 1 99 ? -6.721  -4.614  16.428  1.00 24.98 ? 99  PHE B C   1 
ATOM   1508 O O   . PHE B 1 99 ? -7.866  -4.852  16.862  1.00 25.27 ? 99  PHE B O   1 
ATOM   1509 C CB  . PHE B 1 99 ? -6.822  -4.105  13.957  1.00 24.54 ? 99  PHE B CB  1 
ATOM   1510 C CG  . PHE B 1 99 ? -5.932  -5.260  13.574  1.00 27.74 ? 99  PHE B CG  1 
ATOM   1511 C CD1 . PHE B 1 99 ? -6.184  -6.542  14.053  1.00 27.97 ? 99  PHE B CD1 1 
ATOM   1512 C CD2 . PHE B 1 99 ? -4.856  -5.066  12.715  1.00 26.99 ? 99  PHE B CD2 1 
ATOM   1513 C CE1 . PHE B 1 99 ? -5.377  -7.614  13.678  1.00 29.79 ? 99  PHE B CE1 1 
ATOM   1514 C CE2 . PHE B 1 99 ? -4.044  -6.132  12.335  1.00 27.99 ? 99  PHE B CE2 1 
ATOM   1515 C CZ  . PHE B 1 99 ? -4.306  -7.406  12.816  1.00 27.95 ? 99  PHE B CZ  1 
ATOM   1516 O OXT . PHE B 1 99 ? -5.693  -5.208  16.818  1.00 26.41 ? 99  PHE B OXT 1 
HETATM 1517 N N01 . AHF C 2 .  ? -0.550  -0.896  -5.444  1.00 24.37 ? 501 AHF B N01 1 
HETATM 1518 S S02 . AHF C 2 .  ? 0.899   -1.285  -6.243  1.00 23.69 ? 501 AHF B S02 1 
HETATM 1519 N N03 . AHF C 2 .  ? 1.768   -1.667  -4.847  1.00 24.06 ? 501 AHF B N03 1 
HETATM 1520 C C04 . AHF C 2 .  ? 2.374   -0.482  -4.196  1.00 23.34 ? 501 AHF B C04 1 
HETATM 1521 C C05 . AHF C 2 .  ? 1.367   -0.044  -3.062  1.00 23.40 ? 501 AHF B C05 1 
HETATM 1522 C C06 . AHF C 2 .  ? -0.163  -0.257  -3.314  1.00 23.25 ? 501 AHF B C06 1 
HETATM 1523 C C07 . AHF C 2 .  ? -0.819  0.286   -4.577  1.00 24.34 ? 501 AHF B C07 1 
HETATM 1524 C C08 . AHF C 2 .  ? -1.633  -0.981  -6.383  1.00 28.37 ? 501 AHF B C08 1 
HETATM 1525 C C09 . AHF C 2 .  ? -3.052  -1.383  -6.280  1.00 24.76 ? 501 AHF B C09 1 
HETATM 1526 C C10 . AHF C 2 .  ? -4.039  -0.737  -7.101  1.00 26.51 ? 501 AHF B C10 1 
HETATM 1527 C C11 . AHF C 2 .  ? -5.414  -1.111  -7.015  1.00 26.11 ? 501 AHF B C11 1 
HETATM 1528 C C12 . AHF C 2 .  ? -5.823  -2.167  -6.074  1.00 29.46 ? 501 AHF B C12 1 
HETATM 1529 C C13 . AHF C 2 .  ? -4.816  -2.837  -5.226  1.00 26.08 ? 501 AHF B C13 1 
HETATM 1530 C C14 . AHF C 2 .  ? -3.427  -2.434  -5.339  1.00 26.94 ? 501 AHF B C14 1 
HETATM 1531 O O15 . AHF C 2 .  ? 1.403   -0.099  -6.909  1.00 22.54 ? 501 AHF B O15 1 
HETATM 1532 O O16 . AHF C 2 .  ? 4.653   0.385   -4.168  1.00 25.09 ? 501 AHF B O16 1 
HETATM 1533 C C17 . AHF C 2 .  ? 6.023   0.367   -3.948  1.00 26.69 ? 501 AHF B C17 1 
HETATM 1534 C C18 . AHF C 2 .  ? 6.709   1.599   -3.616  1.00 25.62 ? 501 AHF B C18 1 
HETATM 1535 C C19 . AHF C 2 .  ? 8.159   1.599   -3.376  1.00 27.16 ? 501 AHF B C19 1 
HETATM 1536 C C20 . AHF C 2 .  ? 8.926   0.357   -3.469  1.00 24.15 ? 501 AHF B C20 1 
HETATM 1537 C C21 . AHF C 2 .  ? 8.259   -0.881  -3.802  1.00 26.88 ? 501 AHF B C21 1 
HETATM 1538 C C22 . AHF C 2 .  ? 6.811   -0.882  -4.043  1.00 26.21 ? 501 AHF B C22 1 
HETATM 1539 C C23 . AHF C 2 .  ? 1.740   -3.067  -4.282  1.00 26.26 ? 501 AHF B C23 1 
HETATM 1540 C C24 . AHF C 2 .  ? 2.821   -4.087  -4.359  1.00 29.61 ? 501 AHF B C24 1 
HETATM 1541 C C25 . AHF C 2 .  ? 3.099   -4.790  -5.602  1.00 31.33 ? 501 AHF B C25 1 
HETATM 1542 C C26 . AHF C 2 .  ? 4.174   -5.810  -5.648  1.00 33.61 ? 501 AHF B C26 1 
HETATM 1543 C C27 . AHF C 2 .  ? 4.969   -6.123  -4.435  1.00 34.58 ? 501 AHF B C27 1 
HETATM 1544 C C28 . AHF C 2 .  ? 4.672   -5.395  -3.178  1.00 32.20 ? 501 AHF B C28 1 
HETATM 1545 C C29 . AHF C 2 .  ? 3.605   -4.389  -3.153  1.00 30.47 ? 501 AHF B C29 1 
HETATM 1546 O O30 . AHF C 2 .  ? 1.592   -0.697  -1.848  1.00 21.81 ? 501 AHF B O30 1 
HETATM 1547 O O31 . AHF C 2 .  ? -0.825  0.292   -2.253  1.00 23.74 ? 501 AHF B O31 1 
HETATM 1548 C C32 . AHF C 2 .  ? -0.232  1.663   -5.110  1.00 23.58 ? 501 AHF B C32 1 
HETATM 1549 O O33 . AHF C 2 .  ? -0.975  2.031   -6.276  1.00 24.51 ? 501 AHF B O33 1 
HETATM 1550 C C34 . AHF C 2 .  ? -1.981  2.882   -6.379  1.00 23.12 ? 501 AHF B C34 1 
HETATM 1551 C C35 . AHF C 2 .  ? -2.500  3.627   -5.215  1.00 20.58 ? 501 AHF B C35 1 
HETATM 1552 C C36 . AHF C 2 .  ? -3.599  4.551   -5.365  1.00 21.31 ? 501 AHF B C36 1 
HETATM 1553 C C37 . AHF C 2 .  ? -4.190  4.741   -6.675  1.00 23.51 ? 501 AHF B C37 1 
HETATM 1554 C C38 . AHF C 2 .  ? -3.685  4.011   -7.819  1.00 23.01 ? 501 AHF B C38 1 
HETATM 1555 C C39 . AHF C 2 .  ? -2.581  3.084   -7.666  1.00 21.61 ? 501 AHF B C39 1 
HETATM 1556 O O40 . AHF C 2 .  ? 0.747   -2.479  -6.958  1.00 25.65 ? 501 AHF B O40 1 
HETATM 1557 C C41 . AHF C 2 .  ? 3.816   -0.712  -3.630  1.00 26.46 ? 501 AHF B C41 1 
HETATM 1558 C C42 . AHF C 2 .  ? 5.937   -7.046  -4.474  1.00 37.11 ? 501 AHF B C42 1 
HETATM 1559 O O43 . AHF C 2 .  ? 5.937   -7.999  -5.456  1.00 40.31 ? 501 AHF B O43 1 
HETATM 1560 O O44 . AHF C 2 .  ? 6.898   -7.046  -3.546  1.00 39.64 ? 501 AHF B O44 1 
HETATM 1561 C C45 . AHF C 2 .  ? 6.911   -8.967  -5.517  1.00 40.84 ? 501 AHF B C45 1 
HETATM 1562 C C46 . AHF C 2 .  ? -7.026  -2.530  -5.969  1.00 30.91 ? 501 AHF B C46 1 
HETATM 1563 O O47 . AHF C 2 .  ? -7.785  -1.493  -5.584  1.00 35.23 ? 501 AHF B O47 1 
HETATM 1564 O O   . HOH D 3 .  ? -16.025 -4.627  -0.381  1.00 14.58 ? 602 HOH A O   1 
HETATM 1565 O O   . HOH D 3 .  ? -5.887  1.764   -4.646  1.00 16.64 ? 603 HOH A O   1 
HETATM 1566 O O   . HOH D 3 .  ? -17.416 -7.724  7.478   1.00 15.94 ? 609 HOH A O   1 
HETATM 1567 O O   . HOH D 3 .  ? -5.966  3.590   -0.441  1.00 17.16 ? 610 HOH A O   1 
HETATM 1568 O O   . HOH D 3 .  ? -10.260 1.818   9.503   1.00 19.42 ? 613 HOH A O   1 
HETATM 1569 O O   . HOH D 3 .  ? -7.453  0.156   15.719  1.00 18.77 ? 616 HOH A O   1 
HETATM 1570 O O   . HOH D 3 .  ? 10.197  -6.047  14.199  1.00 23.31 ? 618 HOH A O   1 
HETATM 1571 O O   . HOH D 3 .  ? -14.487 -0.325  3.577   1.00 17.91 ? 620 HOH A O   1 
HETATM 1572 O O   . HOH D 3 .  ? 5.413   -5.664  10.069  1.00 26.43 ? 623 HOH A O   1 
HETATM 1573 O O   . HOH D 3 .  ? -3.363  -8.899  -17.001 1.00 23.38 ? 624 HOH A O   1 
HETATM 1574 O O   . HOH D 3 .  ? 10.279  -7.113  5.118   1.00 24.61 ? 625 HOH A O   1 
HETATM 1575 O O   . HOH D 3 .  ? -12.145 0.686   -0.329  1.00 24.38 ? 628 HOH A O   1 
HETATM 1576 O O   . HOH D 3 .  ? -12.686 1.145   2.405   1.00 25.55 ? 629 HOH A O   1 
HETATM 1577 O O   . HOH D 3 .  ? -12.440 0.487   10.959  1.00 20.02 ? 635 HOH A O   1 
HETATM 1578 O O   . HOH D 3 .  ? -1.110  -13.792 11.266  1.00 35.12 ? 638 HOH A O   1 
HETATM 1579 O O   . HOH D 3 .  ? -1.525  -15.696 -10.087 1.00 24.84 ? 639 HOH A O   1 
HETATM 1580 O O   . HOH D 3 .  ? -16.446 -7.840  10.194  1.00 21.26 ? 644 HOH A O   1 
HETATM 1581 O O   . HOH D 3 .  ? 8.010   -4.775  11.993  1.00 33.56 ? 645 HOH A O   1 
HETATM 1582 O O   . HOH D 3 .  ? -7.904  -22.439 -6.176  1.00 33.36 ? 648 HOH A O   1 
HETATM 1583 O O   . HOH D 3 .  ? 4.736   9.859   16.117  1.00 31.17 ? 649 HOH A O   1 
HETATM 1584 O O   . HOH D 3 .  ? -19.420 -12.639 -7.050  1.00 27.75 ? 651 HOH A O   1 
HETATM 1585 O O   . HOH D 3 .  ? -17.382 -16.550 0.767   1.00 36.39 ? 653 HOH A O   1 
HETATM 1586 O O   . HOH D 3 .  ? -13.997 -5.284  13.873  1.00 33.68 ? 656 HOH A O   1 
HETATM 1587 O O   . HOH D 3 .  ? 1.100   -21.107 -18.485 1.00 48.14 ? 658 HOH A O   1 
HETATM 1588 O O   . HOH D 3 .  ? -14.139 -17.878 1.945   1.00 24.82 ? 659 HOH A O   1 
HETATM 1589 O O   . HOH D 3 .  ? -10.789 -7.938  -21.189 1.00 52.34 ? 661 HOH A O   1 
HETATM 1590 O O   . HOH D 3 .  ? 7.489   -9.600  7.029   1.00 31.45 ? 662 HOH A O   1 
HETATM 1591 O O   . HOH D 3 .  ? -18.697 -4.642  -5.205  1.00 44.93 ? 665 HOH A O   1 
HETATM 1592 O O   . HOH D 3 .  ? -15.117 -3.035  -2.442  1.00 34.05 ? 666 HOH A O   1 
HETATM 1593 O O   . HOH D 3 .  ? -16.767 -5.251  -16.405 1.00 33.87 ? 674 HOH A O   1 
HETATM 1594 O O   . HOH D 3 .  ? 0.659   -14.340 -9.365  1.00 35.90 ? 675 HOH A O   1 
HETATM 1595 O O   . HOH D 3 .  ? 5.256   -2.823  -16.467 1.00 41.92 ? 676 HOH A O   1 
HETATM 1596 O O   . HOH D 3 .  ? 0.839   -6.345  19.326  1.00 32.46 ? 678 HOH A O   1 
HETATM 1597 O O   . HOH D 3 .  ? -12.862 4.498   -0.254  1.00 34.32 ? 679 HOH A O   1 
HETATM 1598 O O   . HOH D 3 .  ? -11.588 -6.152  -3.740  1.00 26.25 ? 680 HOH A O   1 
HETATM 1599 O O   . HOH D 3 .  ? 1.641   -13.228 -0.503  1.00 27.04 ? 687 HOH A O   1 
HETATM 1600 O O   . HOH D 3 .  ? -0.540  -9.642  -16.497 1.00 29.68 ? 688 HOH A O   1 
HETATM 1601 O O   . HOH D 3 .  ? -10.946 -11.116 -15.657 1.00 40.13 ? 690 HOH A O   1 
HETATM 1602 O O   . HOH D 3 .  ? -6.645  -12.224 -15.067 1.00 45.19 ? 693 HOH A O   1 
HETATM 1603 O O   . HOH D 3 .  ? -18.962 -17.397 -1.741  1.00 45.01 ? 697 HOH A O   1 
HETATM 1604 O O   . HOH D 3 .  ? -2.817  -6.621  -19.062 1.00 51.62 ? 700 HOH A O   1 
HETATM 1605 O O   . HOH D 3 .  ? -12.649 -16.815 12.190  1.00 51.69 ? 704 HOH A O   1 
HETATM 1606 O O   . HOH D 3 .  ? -12.237 -20.283 4.402   1.00 53.96 ? 706 HOH A O   1 
HETATM 1607 O O   . HOH D 3 .  ? -14.093 -3.442  -6.755  1.00 35.93 ? 716 HOH A O   1 
HETATM 1608 O O   . HOH D 3 .  ? 13.287  -1.144  7.957   1.00 36.16 ? 717 HOH A O   1 
HETATM 1609 O O   . HOH D 3 .  ? 5.869   -9.781  0.991   1.00 31.49 ? 718 HOH A O   1 
HETATM 1610 O O   . HOH D 3 .  ? 4.709   -4.221  17.824  1.00 42.04 ? 719 HOH A O   1 
HETATM 1611 O O   . HOH D 3 .  ? -6.866  1.146   -10.667 1.00 33.22 ? 720 HOH A O   1 
HETATM 1612 O O   . HOH D 3 .  ? 0.539   -17.531 0.258   1.00 36.92 ? 721 HOH A O   1 
HETATM 1613 O O   . HOH D 3 .  ? -18.727 -3.377  -0.693  1.00 42.71 ? 722 HOH A O   1 
HETATM 1614 O O   . HOH D 3 .  ? 4.990   -6.142  14.506  1.00 40.11 ? 723 HOH A O   1 
HETATM 1615 O O   . HOH D 3 .  ? -8.266  -13.924 -12.962 1.00 34.62 ? 724 HOH A O   1 
HETATM 1616 O O   . HOH D 3 .  ? -16.319 -18.909 -10.168 1.00 43.61 ? 726 HOH A O   1 
HETATM 1617 O O   . HOH D 3 .  ? -3.874  7.235   17.855  1.00 37.41 ? 730 HOH A O   1 
HETATM 1618 O O   . HOH D 3 .  ? 3.476   -7.623  16.922  1.00 45.21 ? 731 HOH A O   1 
HETATM 1619 O O   . HOH D 3 .  ? -4.495  -11.603 -16.923 1.00 44.55 ? 732 HOH A O   1 
HETATM 1620 O O   . HOH D 3 .  ? -6.649  -15.930 10.071  1.00 38.85 ? 736 HOH A O   1 
HETATM 1621 O O   . HOH D 3 .  ? 8.130   -10.866 1.941   1.00 39.78 ? 737 HOH A O   1 
HETATM 1622 O O   . HOH D 3 .  ? -18.718 -9.437  -9.249  1.00 40.76 ? 743 HOH A O   1 
HETATM 1623 O O   . HOH D 3 .  ? -0.278  -4.761  21.125  1.00 40.67 ? 744 HOH A O   1 
HETATM 1624 O O   . HOH E 3 .  ? 15.293  6.106   4.166   1.00 11.25 ? 601 HOH B O   1 
HETATM 1625 O O   . HOH E 3 .  ? -14.236 2.795   12.495  1.00 17.16 ? 604 HOH B O   1 
HETATM 1626 O O   . HOH E 3 .  ? 18.703  8.519   2.800   1.00 19.65 ? 605 HOH B O   1 
HETATM 1627 O O   . HOH E 3 .  ? 18.540  10.420  7.033   1.00 17.57 ? 606 HOH B O   1 
HETATM 1628 O O   . HOH E 3 .  ? 12.358  5.558   -0.591  1.00 13.85 ? 607 HOH B O   1 
HETATM 1629 O O   . HOH E 3 .  ? -7.856  7.515   5.690   1.00 19.39 ? 608 HOH B O   1 
HETATM 1630 O O   . HOH E 3 .  ? 5.469   -3.140  2.758   1.00 17.49 ? 611 HOH B O   1 
HETATM 1631 O O   . HOH E 3 .  ? 5.685   11.637  -12.620 1.00 19.34 ? 612 HOH B O   1 
HETATM 1632 O O   . HOH E 3 .  ? 12.839  19.335  1.146   1.00 20.72 ? 614 HOH B O   1 
HETATM 1633 O O   . HOH E 3 .  ? 7.800   -3.939  -4.649  1.00 26.18 ? 615 HOH B O   1 
HETATM 1634 O O   . HOH E 3 .  ? 6.654   1.270   12.741  1.00 16.59 ? 617 HOH B O   1 
HETATM 1635 O O   . HOH E 3 .  ? -11.258 7.947   -0.575  1.00 20.43 ? 619 HOH B O   1 
HETATM 1636 O O   . HOH E 3 .  ? 21.166  8.446   -4.318  1.00 29.37 ? 621 HOH B O   1 
HETATM 1637 O O   . HOH E 3 .  ? 10.738  22.186  2.703   1.00 22.80 ? 622 HOH B O   1 
HETATM 1638 O O   . HOH E 3 .  ? 19.651  17.288  -8.592  1.00 27.55 ? 626 HOH B O   1 
HETATM 1639 O O   . HOH E 3 .  ? 6.071   15.024  -6.296  1.00 23.46 ? 627 HOH B O   1 
HETATM 1640 O O   . HOH E 3 .  ? 10.146  -3.142  -5.526  1.00 27.96 ? 630 HOH B O   1 
HETATM 1641 O O   . HOH E 3 .  ? 7.656   27.849  0.917   1.00 25.28 ? 631 HOH B O   1 
HETATM 1642 O O   . HOH E 3 .  ? 6.784   -2.942  -1.643  1.00 31.07 ? 632 HOH B O   1 
HETATM 1643 O O   . HOH E 3 .  ? 0.044   16.911  -4.743  1.00 25.12 ? 633 HOH B O   1 
HETATM 1644 O O   . HOH E 3 .  ? 16.373  18.115  1.101   1.00 26.51 ? 634 HOH B O   1 
HETATM 1645 O O   . HOH E 3 .  ? 17.221  -1.823  -8.364  1.00 26.05 ? 636 HOH B O   1 
HETATM 1646 O O   . HOH E 3 .  ? 2.889   16.092  -6.436  1.00 24.99 ? 637 HOH B O   1 
HETATM 1647 O O   . HOH E 3 .  ? 19.499  2.344   -5.890  1.00 40.37 ? 640 HOH B O   1 
HETATM 1648 O O   . HOH E 3 .  ? 2.281   4.220   16.718  1.00 28.85 ? 641 HOH B O   1 
HETATM 1649 O O   . HOH E 3 .  ? 14.635  5.440   6.986   1.00 26.09 ? 642 HOH B O   1 
HETATM 1650 O O   . HOH E 3 .  ? 6.241   -6.623  -9.943  1.00 26.48 ? 643 HOH B O   1 
HETATM 1651 O O   . HOH E 3 .  ? 18.478  15.764  -10.327 1.00 32.33 ? 646 HOH B O   1 
HETATM 1652 O O   . HOH E 3 .  ? 7.750   -5.422  -15.800 1.00 30.48 ? 647 HOH B O   1 
HETATM 1653 O O   . HOH E 3 .  ? 2.903   24.990  -1.530  1.00 24.12 ? 650 HOH B O   1 
HETATM 1654 O O   . HOH E 3 .  ? 10.382  19.808  4.029   1.00 31.04 ? 652 HOH B O   1 
HETATM 1655 O O   . HOH E 3 .  ? 7.674   -7.079  -7.827  1.00 50.87 ? 654 HOH B O   1 
HETATM 1656 O O   . HOH E 3 .  ? 11.630  -0.091  3.702   1.00 26.52 ? 655 HOH B O   1 
HETATM 1657 O O   . HOH E 3 .  ? -7.746  10.113  6.284   1.00 30.73 ? 657 HOH B O   1 
HETATM 1658 O O   . HOH E 3 .  ? 14.772  19.197  -0.933  1.00 36.32 ? 660 HOH B O   1 
HETATM 1659 O O   . HOH E 3 .  ? -0.734  12.376  -4.712  1.00 28.37 ? 663 HOH B O   1 
HETATM 1660 O O   . HOH E 3 .  ? 3.830   3.151   -13.326 1.00 24.76 ? 664 HOH B O   1 
HETATM 1661 O O   . HOH E 3 .  ? -7.044  7.535   -8.163  1.00 43.50 ? 667 HOH B O   1 
HETATM 1662 O O   . HOH E 3 .  ? 25.064  8.941   -8.183  1.00 26.40 ? 668 HOH B O   1 
HETATM 1663 O O   . HOH E 3 .  ? 5.775   -4.547  0.233   1.00 30.88 ? 669 HOH B O   1 
HETATM 1664 O O   . HOH E 3 .  ? 13.242  2.018   8.607   1.00 30.42 ? 670 HOH B O   1 
HETATM 1665 O O   . HOH E 3 .  ? 20.332  14.895  -2.567  1.00 41.38 ? 671 HOH B O   1 
HETATM 1666 O O   . HOH E 3 .  ? -2.229  16.359  6.482   1.00 25.44 ? 672 HOH B O   1 
HETATM 1667 O O   . HOH E 3 .  ? 9.773   10.793  -13.888 1.00 36.93 ? 673 HOH B O   1 
HETATM 1668 O O   . HOH E 3 .  ? 26.970  7.179   -9.664  1.00 36.54 ? 677 HOH B O   1 
HETATM 1669 O O   . HOH E 3 .  ? 3.318   18.367  6.627   1.00 29.30 ? 681 HOH B O   1 
HETATM 1670 O O   . HOH E 3 .  ? 15.486  3.516   2.788   1.00 31.38 ? 682 HOH B O   1 
HETATM 1671 O O   . HOH E 3 .  ? 21.028  12.056  -3.292  1.00 29.39 ? 683 HOH B O   1 
HETATM 1672 O O   . HOH E 3 .  ? -8.973  11.018  1.518   1.00 30.85 ? 684 HOH B O   1 
HETATM 1673 O O   . HOH E 3 .  ? 24.497  13.923  -3.830  1.00 29.06 ? 685 HOH B O   1 
HETATM 1674 O O   . HOH E 3 .  ? -3.853  11.789  -4.438  1.00 30.30 ? 686 HOH B O   1 
HETATM 1675 O O   . HOH E 3 .  ? 15.874  2.770   -1.813  1.00 32.10 ? 689 HOH B O   1 
HETATM 1676 O O   . HOH E 3 .  ? -5.810  9.958   -4.215  1.00 31.23 ? 691 HOH B O   1 
HETATM 1677 O O   . HOH E 3 .  ? 10.938  7.440   15.360  1.00 34.93 ? 692 HOH B O   1 
HETATM 1678 O O   . HOH E 3 .  ? 12.283  -3.828  5.056   1.00 33.30 ? 694 HOH B O   1 
HETATM 1679 O O   . HOH E 3 .  ? 11.343  0.219   7.021   1.00 34.40 ? 695 HOH B O   1 
HETATM 1680 O O   . HOH E 3 .  ? 16.027  16.864  -10.051 1.00 40.02 ? 696 HOH B O   1 
HETATM 1681 O O   . HOH E 3 .  ? 8.703   16.671  13.824  1.00 44.48 ? 698 HOH B O   1 
HETATM 1682 O O   . HOH E 3 .  ? -14.425 5.955   12.260  1.00 35.74 ? 699 HOH B O   1 
HETATM 1683 O O   . HOH E 3 .  ? -5.395  18.382  0.656   1.00 49.38 ? 701 HOH B O   1 
HETATM 1684 O O   . HOH E 3 .  ? 5.524   -8.120  -12.384 1.00 50.23 ? 702 HOH B O   1 
HETATM 1685 O O   . HOH E 3 .  ? 11.332  -1.913  -3.049  1.00 45.38 ? 705 HOH B O   1 
HETATM 1686 O O   . HOH E 3 .  ? 9.482   -7.175  -4.106  1.00 42.04 ? 707 HOH B O   1 
HETATM 1687 O O   . HOH E 3 .  ? -11.257 7.291   6.793   1.00 21.52 ? 708 HOH B O   1 
HETATM 1688 O O   . HOH E 3 .  ? 16.750  4.817   -13.099 1.00 32.45 ? 709 HOH B O   1 
HETATM 1689 O O   . HOH E 3 .  ? 13.815  3.458   0.440   1.00 36.72 ? 710 HOH B O   1 
HETATM 1690 O O   . HOH E 3 .  ? -9.531  9.016   10.241  1.00 35.78 ? 711 HOH B O   1 
HETATM 1691 O O   . HOH E 3 .  ? 5.200   16.067  -11.945 1.00 32.38 ? 712 HOH B O   1 
HETATM 1692 O O   . HOH E 3 .  ? -10.065 -3.791  15.983  1.00 40.12 ? 713 HOH B O   1 
HETATM 1693 O O   . HOH E 3 .  ? 8.140   23.509  8.430   1.00 36.02 ? 714 HOH B O   1 
HETATM 1694 O O   . HOH E 3 .  ? 8.829   9.340   15.510  1.00 38.60 ? 715 HOH B O   1 
HETATM 1695 O O   . HOH E 3 .  ? 13.790  10.144  -14.869 1.00 39.26 ? 725 HOH B O   1 
HETATM 1696 O O   . HOH E 3 .  ? 10.212  28.591  0.301   1.00 37.38 ? 727 HOH B O   1 
HETATM 1697 O O   . HOH E 3 .  ? 18.898  17.123  0.817   1.00 41.56 ? 728 HOH B O   1 
HETATM 1698 O O   . HOH E 3 .  ? 3.658   -6.874  -16.632 1.00 38.18 ? 729 HOH B O   1 
HETATM 1699 O O   . HOH E 3 .  ? -3.158  8.373   -10.827 1.00 42.31 ? 733 HOH B O   1 
HETATM 1700 O O   . HOH E 3 .  ? 16.430  3.687   8.061   1.00 38.54 ? 734 HOH B O   1 
HETATM 1701 O O   . HOH E 3 .  ? 3.657   14.156  -12.741 1.00 42.73 ? 735 HOH B O   1 
HETATM 1702 O O   . HOH E 3 .  ? 7.280   10.531  -14.615 1.00 43.23 ? 738 HOH B O   1 
HETATM 1703 O O   . HOH E 3 .  ? 16.554  9.662   -16.104 1.00 42.37 ? 739 HOH B O   1 
HETATM 1704 O O   . HOH E 3 .  ? 0.950   5.926   18.109  1.00 43.02 ? 740 HOH B O   1 
HETATM 1705 O O   . HOH E 3 .  ? -5.376  15.391  2.656   1.00 44.91 ? 741 HOH B O   1 
HETATM 1706 O O   . HOH E 3 .  ? -6.845  11.188  16.182  1.00 42.65 ? 742 HOH B O   1 
# 
loop_
_pdbx_poly_seq_scheme.asym_id 
_pdbx_poly_seq_scheme.entity_id 
_pdbx_poly_seq_scheme.seq_id 
_pdbx_poly_seq_scheme.mon_id 
_pdbx_poly_seq_scheme.ndb_seq_num 
_pdbx_poly_seq_scheme.pdb_seq_num 
_pdbx_poly_seq_scheme.auth_seq_num 
_pdbx_poly_seq_scheme.pdb_mon_id 
_pdbx_poly_seq_scheme.auth_mon_id 
_pdbx_poly_seq_scheme.pdb_strand_id 
_pdbx_poly_seq_scheme.pdb_ins_code 
_pdbx_poly_seq_scheme.hetero 
A 1 1  PRO 1  1  1  PRO PRO A . n 
A 1 2  GLN 2  2  2  GLN GLN A . n 
A 1 3  ILE 3  3  3  ILE ILE A . n 
A 1 4  THR 4  4  4  THR THR A . n 
A 1 5  LEU 5  5  5  LEU LEU A . n 
A 1 6  TRP 6  6  6  TRP TRP A . n 
A 1 7  GLN 7  7  7  GLN GLN A . n 
A 1 8  ARG 8  8  8  ARG ARG A . n 
A 1 9  PRO 9  9  9  PRO PRO A . n 
A 1 10 LEU 10 10 10 LEU LEU A . n 
A 1 11 VAL 11 11 11 VAL VAL A . n 
A 1 12 THR 12 12 12 THR THR A . n 
A 1 13 ILE 13 13 13 ILE ILE A . n 
A 1 14 LYS 14 14 14 LYS LYS A . n 
A 1 15 ILE 15 15 15 ILE ILE A . n 
A 1 16 GLY 16 16 16 GLY GLY A . n 
A 1 17 GLY 17 17 17 GLY GLY A . n 
A 1 18 GLN 18 18 18 GLN GLN A . n 
A 1 19 LEU 19 19 19 LEU LEU A . n 
A 1 20 LYS 20 20 20 LYS LYS A . n 
A 1 21 GLU 21 21 21 GLU GLU A . n 
A 1 22 ALA 22 22 22 ALA ALA A . n 
A 1 23 LEU 23 23 23 LEU LEU A . n 
A 1 24 LEU 24 24 24 LEU LEU A . n 
A 1 25 ASP 25 25 25 ASP ASP A . n 
A 1 26 THR 26 26 26 THR THR A . n 
A 1 27 GLY 27 27 27 GLY GLY A . n 
A 1 28 ALA 28 28 28 ALA ALA A . n 
A 1 29 ASP 29 29 29 ASP ASP A . n 
A 1 30 ASP 30 30 30 ASP ASP A . n 
A 1 31 THR 31 31 31 THR THR A . n 
A 1 32 VAL 32 32 32 VAL VAL A . n 
A 1 33 LEU 33 33 33 LEU LEU A . n 
A 1 34 GLU 34 34 34 GLU GLU A . n 
A 1 35 GLU 35 35 35 GLU GLU A . n 
A 1 36 MET 36 36 36 MET MET A . n 
A 1 37 SER 37 37 37 SER SER A . n 
A 1 38 LEU 38 38 38 LEU LEU A . n 
A 1 39 PRO 39 39 39 PRO PRO A . n 
A 1 40 GLY 40 40 40 GLY GLY A . n 
A 1 41 ARG 41 41 41 ARG ARG A . n 
A 1 42 TRP 42 42 42 TRP TRP A . n 
A 1 43 LYS 43 43 43 LYS LYS A . n 
A 1 44 PRO 44 44 44 PRO PRO A . n 
A 1 45 LYS 45 45 45 LYS LYS A . n 
A 1 46 MET 46 46 46 MET MET A . n 
A 1 47 ILE 47 47 47 ILE ILE A . n 
A 1 48 GLY 48 48 48 GLY GLY A . n 
A 1 49 GLY 49 49 49 GLY GLY A . n 
A 1 50 ILE 50 50 50 ILE ILE A . n 
A 1 51 GLY 51 51 51 GLY GLY A . n 
A 1 52 GLY 52 52 52 GLY GLY A . n 
A 1 53 PHE 53 53 53 PHE PHE A . n 
A 1 54 ILE 54 54 54 ILE ILE A . n 
A 1 55 LYS 55 55 55 LYS LYS A . n 
A 1 56 VAL 56 56 56 VAL VAL A . n 
A 1 57 ARG 57 57 57 ARG ARG A . n 
A 1 58 GLN 58 58 58 GLN GLN A . n 
A 1 59 TYR 59 59 59 TYR TYR A . n 
A 1 60 ASP 60 60 60 ASP ASP A . n 
A 1 61 GLN 61 61 61 GLN GLN A . n 
A 1 62 ILE 62 62 62 ILE ILE A . n 
A 1 63 LEU 63 63 63 LEU LEU A . n 
A 1 64 ILE 64 64 64 ILE ILE A . n 
A 1 65 GLU 65 65 65 GLU GLU A . n 
A 1 66 ILE 66 66 66 ILE ILE A . n 
A 1 67 CYS 67 67 67 CYS CYS A . n 
A 1 68 GLY 68 68 68 GLY GLY A . n 
A 1 69 HIS 69 69 69 HIS HIS A . n 
A 1 70 LYS 70 70 70 LYS LYS A . n 
A 1 71 ALA 71 71 71 ALA ALA A . n 
A 1 72 ILE 72 72 72 ILE ILE A . n 
A 1 73 GLY 73 73 73 GLY GLY A . n 
A 1 74 THR 74 74 74 THR THR A . n 
A 1 75 VAL 75 75 75 VAL VAL A . n 
A 1 76 LEU 76 76 76 LEU LEU A . n 
A 1 77 VAL 77 77 77 VAL VAL A . n 
A 1 78 GLY 78 78 78 GLY GLY A . n 
A 1 79 PRO 79 79 79 PRO PRO A . n 
A 1 80 THR 80 80 80 THR THR A . n 
A 1 81 PRO 81 81 81 PRO PRO A . n 
A 1 82 VAL 82 82 82 VAL VAL A . n 
A 1 83 ASN 83 83 83 ASN ASN A . n 
A 1 84 ILE 84 84 84 ILE ILE A . n 
A 1 85 ILE 85 85 85 ILE ILE A . n 
A 1 86 GLY 86 86 86 GLY GLY A . n 
A 1 87 ARG 87 87 87 ARG ARG A . n 
A 1 88 ASN 88 88 88 ASN ASN A . n 
A 1 89 LEU 89 89 89 LEU LEU A . n 
A 1 90 LEU 90 90 90 LEU LEU A . n 
A 1 91 THR 91 91 91 THR THR A . n 
A 1 92 GLN 92 92 92 GLN GLN A . n 
A 1 93 ILE 93 93 93 ILE ILE A . n 
A 1 94 GLY 94 94 94 GLY GLY A . n 
A 1 95 CYS 95 95 95 CYS CYS A . n 
A 1 96 THR 96 96 96 THR THR A . n 
A 1 97 LEU 97 97 97 LEU LEU A . n 
A 1 98 ASN 98 98 98 ASN ASN A . n 
A 1 99 PHE 99 99 99 PHE PHE A . n 
B 1 1  PRO 1  1  1  PRO PRO B . n 
B 1 2  GLN 2  2  2  GLN GLN B . n 
B 1 3  ILE 3  3  3  ILE ILE B . n 
B 1 4  THR 4  4  4  THR THR B . n 
B 1 5  LEU 5  5  5  LEU LEU B . n 
B 1 6  TRP 6  6  6  TRP TRP B . n 
B 1 7  GLN 7  7  7  GLN GLN B . n 
B 1 8  ARG 8  8  8  ARG ARG B . n 
B 1 9  PRO 9  9  9  PRO PRO B . n 
B 1 10 LEU 10 10 10 LEU LEU B . n 
B 1 11 VAL 11 11 11 VAL VAL B . n 
B 1 12 THR 12 12 12 THR THR B . n 
B 1 13 ILE 13 13 13 ILE ILE B . n 
B 1 14 LYS 14 14 14 LYS LYS B . n 
B 1 15 ILE 15 15 15 ILE ILE B . n 
B 1 16 GLY 16 16 16 GLY GLY B . n 
B 1 17 GLY 17 17 17 GLY GLY B . n 
B 1 18 GLN 18 18 18 GLN GLN B . n 
B 1 19 LEU 19 19 19 LEU LEU B . n 
B 1 20 LYS 20 20 20 LYS LYS B . n 
B 1 21 GLU 21 21 21 GLU GLU B . n 
B 1 22 ALA 22 22 22 ALA ALA B . n 
B 1 23 LEU 23 23 23 LEU LEU B . n 
B 1 24 LEU 24 24 24 LEU LEU B . n 
B 1 25 ASP 25 25 25 ASP ASP B . n 
B 1 26 THR 26 26 26 THR THR B . n 
B 1 27 GLY 27 27 27 GLY GLY B . n 
B 1 28 ALA 28 28 28 ALA ALA B . n 
B 1 29 ASP 29 29 29 ASP ASP B . n 
B 1 30 ASP 30 30 30 ASP ASP B . n 
B 1 31 THR 31 31 31 THR THR B . n 
B 1 32 VAL 32 32 32 VAL VAL B . n 
B 1 33 LEU 33 33 33 LEU LEU B . n 
B 1 34 GLU 34 34 34 GLU GLU B . n 
B 1 35 GLU 35 35 35 GLU GLU B . n 
B 1 36 MET 36 36 36 MET MET B . n 
B 1 37 SER 37 37 37 SER SER B . n 
B 1 38 LEU 38 38 38 LEU LEU B . n 
B 1 39 PRO 39 39 39 PRO PRO B . n 
B 1 40 GLY 40 40 40 GLY GLY B . n 
B 1 41 ARG 41 41 41 ARG ARG B . n 
B 1 42 TRP 42 42 42 TRP TRP B . n 
B 1 43 LYS 43 43 43 LYS LYS B . n 
B 1 44 PRO 44 44 44 PRO PRO B . n 
B 1 45 LYS 45 45 45 LYS LYS B . n 
B 1 46 MET 46 46 46 MET MET B . n 
B 1 47 ILE 47 47 47 ILE ILE B . n 
B 1 48 GLY 48 48 48 GLY GLY B . n 
B 1 49 GLY 49 49 49 GLY GLY B . n 
B 1 50 ILE 50 50 50 ILE ILE B . n 
B 1 51 GLY 51 51 51 GLY GLY B . n 
B 1 52 GLY 52 52 52 GLY GLY B . n 
B 1 53 PHE 53 53 53 PHE PHE B . n 
B 1 54 ILE 54 54 54 ILE ILE B . n 
B 1 55 LYS 55 55 55 LYS LYS B . n 
B 1 56 VAL 56 56 56 VAL VAL B . n 
B 1 57 ARG 57 57 57 ARG ARG B . n 
B 1 58 GLN 58 58 58 GLN GLN B . n 
B 1 59 TYR 59 59 59 TYR TYR B . n 
B 1 60 ASP 60 60 60 ASP ASP B . n 
B 1 61 GLN 61 61 61 GLN GLN B . n 
B 1 62 ILE 62 62 62 ILE ILE B . n 
B 1 63 LEU 63 63 63 LEU LEU B . n 
B 1 64 ILE 64 64 64 ILE ILE B . n 
B 1 65 GLU 65 65 65 GLU GLU B . n 
B 1 66 ILE 66 66 66 ILE ILE B . n 
B 1 67 CYS 67 67 67 CYS CYS B . n 
B 1 68 GLY 68 68 68 GLY GLY B . n 
B 1 69 HIS 69 69 69 HIS HIS B . n 
B 1 70 LYS 70 70 70 LYS LYS B . n 
B 1 71 ALA 71 71 71 ALA ALA B . n 
B 1 72 ILE 72 72 72 ILE ILE B . n 
B 1 73 GLY 73 73 73 GLY GLY B . n 
B 1 74 THR 74 74 74 THR THR B . n 
B 1 75 VAL 75 75 75 VAL VAL B . n 
B 1 76 LEU 76 76 76 LEU LEU B . n 
B 1 77 VAL 77 77 77 VAL VAL B . n 
B 1 78 GLY 78 78 78 GLY GLY B . n 
B 1 79 PRO 79 79 79 PRO PRO B . n 
B 1 80 THR 80 80 80 THR THR B . n 
B 1 81 PRO 81 81 81 PRO PRO B . n 
B 1 82 VAL 82 82 82 VAL VAL B . n 
B 1 83 ASN 83 83 83 ASN ASN B . n 
B 1 84 ILE 84 84 84 ILE ILE B . n 
B 1 85 ILE 85 85 85 ILE ILE B . n 
B 1 86 GLY 86 86 86 GLY GLY B . n 
B 1 87 ARG 87 87 87 ARG ARG B . n 
B 1 88 ASN 88 88 88 ASN ASN B . n 
B 1 89 LEU 89 89 89 LEU LEU B . n 
B 1 90 LEU 90 90 90 LEU LEU B . n 
B 1 91 THR 91 91 91 THR THR B . n 
B 1 92 GLN 92 92 92 GLN GLN B . n 
B 1 93 ILE 93 93 93 ILE ILE B . n 
B 1 94 GLY 94 94 94 GLY GLY B . n 
B 1 95 CYS 95 95 95 CYS CYS B . n 
B 1 96 THR 96 96 96 THR THR B . n 
B 1 97 LEU 97 97 97 LEU LEU B . n 
B 1 98 ASN 98 98 98 ASN ASN B . n 
B 1 99 PHE 99 99 99 PHE PHE B . n 
# 
loop_
_pdbx_nonpoly_scheme.asym_id 
_pdbx_nonpoly_scheme.entity_id 
_pdbx_nonpoly_scheme.mon_id 
_pdbx_nonpoly_scheme.ndb_seq_num 
_pdbx_nonpoly_scheme.pdb_seq_num 
_pdbx_nonpoly_scheme.auth_seq_num 
_pdbx_nonpoly_scheme.pdb_mon_id 
_pdbx_nonpoly_scheme.auth_mon_id 
_pdbx_nonpoly_scheme.pdb_strand_id 
_pdbx_nonpoly_scheme.pdb_ins_code 
C 2 AHF 1  501 501 AHF AHF B . 
D 3 HOH 1  602 602 HOH HOH A . 
D 3 HOH 2  603 603 HOH HOH A . 
D 3 HOH 3  609 609 HOH HOH A . 
D 3 HOH 4  610 610 HOH HOH A . 
D 3 HOH 5  613 613 HOH HOH A . 
D 3 HOH 6  616 616 HOH HOH A . 
D 3 HOH 7  618 618 HOH HOH A . 
D 3 HOH 8  620 620 HOH HOH A . 
D 3 HOH 9  623 623 HOH HOH A . 
D 3 HOH 10 624 624 HOH HOH A . 
D 3 HOH 11 625 625 HOH HOH A . 
D 3 HOH 12 628 628 HOH HOH A . 
D 3 HOH 13 629 629 HOH HOH A . 
D 3 HOH 14 635 635 HOH HOH A . 
D 3 HOH 15 638 638 HOH HOH A . 
D 3 HOH 16 639 639 HOH HOH A . 
D 3 HOH 17 644 644 HOH HOH A . 
D 3 HOH 18 645 645 HOH HOH A . 
D 3 HOH 19 648 648 HOH HOH A . 
D 3 HOH 20 649 649 HOH HOH A . 
D 3 HOH 21 651 651 HOH HOH A . 
D 3 HOH 22 653 653 HOH HOH A . 
D 3 HOH 23 656 656 HOH HOH A . 
D 3 HOH 24 658 658 HOH HOH A . 
D 3 HOH 25 659 659 HOH HOH A . 
D 3 HOH 26 661 661 HOH HOH A . 
D 3 HOH 27 662 662 HOH HOH A . 
D 3 HOH 28 665 665 HOH HOH A . 
D 3 HOH 29 666 666 HOH HOH A . 
D 3 HOH 30 674 674 HOH HOH A . 
D 3 HOH 31 675 675 HOH HOH A . 
D 3 HOH 32 676 676 HOH HOH A . 
D 3 HOH 33 678 678 HOH HOH A . 
D 3 HOH 34 679 679 HOH HOH A . 
D 3 HOH 35 680 680 HOH HOH A . 
D 3 HOH 36 687 687 HOH HOH A . 
D 3 HOH 37 688 688 HOH HOH A . 
D 3 HOH 38 690 690 HOH HOH A . 
D 3 HOH 39 693 693 HOH HOH A . 
D 3 HOH 40 697 697 HOH HOH A . 
D 3 HOH 41 700 700 HOH HOH A . 
D 3 HOH 42 704 704 HOH HOH A . 
D 3 HOH 43 706 706 HOH HOH A . 
D 3 HOH 44 716 716 HOH HOH A . 
D 3 HOH 45 717 717 HOH HOH A . 
D 3 HOH 46 718 718 HOH HOH A . 
D 3 HOH 47 719 719 HOH HOH A . 
D 3 HOH 48 720 720 HOH HOH A . 
D 3 HOH 49 721 721 HOH HOH A . 
D 3 HOH 50 722 722 HOH HOH A . 
D 3 HOH 51 723 723 HOH HOH A . 
D 3 HOH 52 724 724 HOH HOH A . 
D 3 HOH 53 726 726 HOH HOH A . 
D 3 HOH 54 730 730 HOH HOH A . 
D 3 HOH 55 731 731 HOH HOH A . 
D 3 HOH 56 732 732 HOH HOH A . 
D 3 HOH 57 736 736 HOH HOH A . 
D 3 HOH 58 737 737 HOH HOH A . 
D 3 HOH 59 743 743 HOH HOH A . 
D 3 HOH 60 744 744 HOH HOH A . 
E 3 HOH 1  601 601 HOH HOH B . 
E 3 HOH 2  604 604 HOH HOH B . 
E 3 HOH 3  605 605 HOH HOH B . 
E 3 HOH 4  606 606 HOH HOH B . 
E 3 HOH 5  607 607 HOH HOH B . 
E 3 HOH 6  608 608 HOH HOH B . 
E 3 HOH 7  611 611 HOH HOH B . 
E 3 HOH 8  612 612 HOH HOH B . 
E 3 HOH 9  614 614 HOH HOH B . 
E 3 HOH 10 615 615 HOH HOH B . 
E 3 HOH 11 617 617 HOH HOH B . 
E 3 HOH 12 619 619 HOH HOH B . 
E 3 HOH 13 621 621 HOH HOH B . 
E 3 HOH 14 622 622 HOH HOH B . 
E 3 HOH 15 626 626 HOH HOH B . 
E 3 HOH 16 627 627 HOH HOH B . 
E 3 HOH 17 630 630 HOH HOH B . 
E 3 HOH 18 631 631 HOH HOH B . 
E 3 HOH 19 632 632 HOH HOH B . 
E 3 HOH 20 633 633 HOH HOH B . 
E 3 HOH 21 634 634 HOH HOH B . 
E 3 HOH 22 636 636 HOH HOH B . 
E 3 HOH 23 637 637 HOH HOH B . 
E 3 HOH 24 640 640 HOH HOH B . 
E 3 HOH 25 641 641 HOH HOH B . 
E 3 HOH 26 642 642 HOH HOH B . 
E 3 HOH 27 643 643 HOH HOH B . 
E 3 HOH 28 646 646 HOH HOH B . 
E 3 HOH 29 647 647 HOH HOH B . 
E 3 HOH 30 650 650 HOH HOH B . 
E 3 HOH 31 652 652 HOH HOH B . 
E 3 HOH 32 654 654 HOH HOH B . 
E 3 HOH 33 655 655 HOH HOH B . 
E 3 HOH 34 657 657 HOH HOH B . 
E 3 HOH 35 660 660 HOH HOH B . 
E 3 HOH 36 663 663 HOH HOH B . 
E 3 HOH 37 664 664 HOH HOH B . 
E 3 HOH 38 667 667 HOH HOH B . 
E 3 HOH 39 668 668 HOH HOH B . 
E 3 HOH 40 669 669 HOH HOH B . 
E 3 HOH 41 670 670 HOH HOH B . 
E 3 HOH 42 671 671 HOH HOH B . 
E 3 HOH 43 672 672 HOH HOH B . 
E 3 HOH 44 673 673 HOH HOH B . 
E 3 HOH 45 677 677 HOH HOH B . 
E 3 HOH 46 681 681 HOH HOH B . 
E 3 HOH 47 682 682 HOH HOH B . 
E 3 HOH 48 683 683 HOH HOH B . 
E 3 HOH 49 684 684 HOH HOH B . 
E 3 HOH 50 685 685 HOH HOH B . 
E 3 HOH 51 686 686 HOH HOH B . 
E 3 HOH 52 689 689 HOH HOH B . 
E 3 HOH 53 691 691 HOH HOH B . 
E 3 HOH 54 692 692 HOH HOH B . 
E 3 HOH 55 694 694 HOH HOH B . 
E 3 HOH 56 695 695 HOH HOH B . 
E 3 HOH 57 696 696 HOH HOH B . 
E 3 HOH 58 698 698 HOH HOH B . 
E 3 HOH 59 699 699 HOH HOH B . 
E 3 HOH 60 701 701 HOH HOH B . 
E 3 HOH 61 702 702 HOH HOH B . 
E 3 HOH 62 705 705 HOH HOH B . 
E 3 HOH 63 707 707 HOH HOH B . 
E 3 HOH 64 708 708 HOH HOH B . 
E 3 HOH 65 709 709 HOH HOH B . 
E 3 HOH 66 710 710 HOH HOH B . 
E 3 HOH 67 711 711 HOH HOH B . 
E 3 HOH 68 712 712 HOH HOH B . 
E 3 HOH 69 713 713 HOH HOH B . 
E 3 HOH 70 714 714 HOH HOH B . 
E 3 HOH 71 715 715 HOH HOH B . 
E 3 HOH 72 725 725 HOH HOH B . 
E 3 HOH 73 727 727 HOH HOH B . 
E 3 HOH 74 728 728 HOH HOH B . 
E 3 HOH 75 729 729 HOH HOH B . 
E 3 HOH 76 733 733 HOH HOH B . 
E 3 HOH 77 734 734 HOH HOH B . 
E 3 HOH 78 735 735 HOH HOH B . 
E 3 HOH 79 738 738 HOH HOH B . 
E 3 HOH 80 739 739 HOH HOH B . 
E 3 HOH 81 740 740 HOH HOH B . 
E 3 HOH 82 741 741 HOH HOH B . 
E 3 HOH 83 742 742 HOH HOH B . 
# 
_pdbx_struct_assembly.id                   1 
_pdbx_struct_assembly.details              author_and_software_defined_assembly 
_pdbx_struct_assembly.method_details       PISA 
_pdbx_struct_assembly.oligomeric_details   dimeric 
_pdbx_struct_assembly.oligomeric_count     2 
# 
_pdbx_struct_assembly_gen.assembly_id       1 
_pdbx_struct_assembly_gen.oper_expression   1 
_pdbx_struct_assembly_gen.asym_id_list      A,B,C,D,E 
# 
loop_
_pdbx_struct_assembly_prop.biol_id 
_pdbx_struct_assembly_prop.type 
_pdbx_struct_assembly_prop.value 
_pdbx_struct_assembly_prop.details 
1 'ABSA (A^2)' 5170 ? 
1 MORE         -34  ? 
1 'SSA (A^2)'  9360 ? 
# 
_pdbx_struct_oper_list.id                   1 
_pdbx_struct_oper_list.type                 'identity operation' 
_pdbx_struct_oper_list.name                 1_555 
_pdbx_struct_oper_list.symmetry_operation   x,y,z 
_pdbx_struct_oper_list.matrix[1][1]         1.0000000000 
_pdbx_struct_oper_list.matrix[1][2]         0.0000000000 
_pdbx_struct_oper_list.matrix[1][3]         0.0000000000 
_pdbx_struct_oper_list.vector[1]            0.0000000000 
_pdbx_struct_oper_list.matrix[2][1]         0.0000000000 
_pdbx_struct_oper_list.matrix[2][2]         1.0000000000 
_pdbx_struct_oper_list.matrix[2][3]         0.0000000000 
_pdbx_struct_oper_list.vector[2]            0.0000000000 
_pdbx_struct_oper_list.matrix[3][1]         0.0000000000 
_pdbx_struct_oper_list.matrix[3][2]         0.0000000000 
_pdbx_struct_oper_list.matrix[3][3]         1.0000000000 
_pdbx_struct_oper_list.vector[3]            0.0000000000 
# 
loop_
_pdbx_audit_revision_history.ordinal 
_pdbx_audit_revision_history.data_content_type 
_pdbx_audit_revision_history.major_revision 
_pdbx_audit_revision_history.minor_revision 
_pdbx_audit_revision_history.revision_date 
1 'Structure model' 1 0 2001-06-06 
2 'Structure model' 1 1 2008-04-27 
3 'Structure model' 1 2 2011-07-13 
4 'Structure model' 1 3 2018-03-07 
5 'Structure model' 1 4 2023-08-09 
# 
_pdbx_audit_revision_details.ordinal             1 
_pdbx_audit_revision_details.revision_ordinal    1 
_pdbx_audit_revision_details.data_content_type   'Structure model' 
_pdbx_audit_revision_details.provider            repository 
_pdbx_audit_revision_details.type                'Initial release' 
_pdbx_audit_revision_details.description         ? 
_pdbx_audit_revision_details.details             ? 
# 
loop_
_pdbx_audit_revision_group.ordinal 
_pdbx_audit_revision_group.revision_ordinal 
_pdbx_audit_revision_group.data_content_type 
_pdbx_audit_revision_group.group 
1 2 'Structure model' 'Version format compliance' 
2 3 'Structure model' 'Version format compliance' 
3 4 'Structure model' 'Data collection'           
4 5 'Structure model' 'Data collection'           
5 5 'Structure model' 'Database references'       
6 5 'Structure model' 'Derived calculations'      
7 5 'Structure model' 'Refinement description'    
# 
loop_
_pdbx_audit_revision_category.ordinal 
_pdbx_audit_revision_category.revision_ordinal 
_pdbx_audit_revision_category.data_content_type 
_pdbx_audit_revision_category.category 
1 4 'Structure model' diffrn_source                 
2 5 'Structure model' chem_comp_atom                
3 5 'Structure model' chem_comp_bond                
4 5 'Structure model' database_2                    
5 5 'Structure model' pdbx_initial_refinement_model 
6 5 'Structure model' struct_site                   
# 
loop_
_pdbx_audit_revision_item.ordinal 
_pdbx_audit_revision_item.revision_ordinal 
_pdbx_audit_revision_item.data_content_type 
_pdbx_audit_revision_item.item 
1 4 'Structure model' '_diffrn_source.pdbx_synchrotron_site' 
2 5 'Structure model' '_database_2.pdbx_DOI'                 
3 5 'Structure model' '_database_2.pdbx_database_accession'  
4 5 'Structure model' '_struct_site.pdbx_auth_asym_id'       
5 5 'Structure model' '_struct_site.pdbx_auth_comp_id'       
6 5 'Structure model' '_struct_site.pdbx_auth_seq_id'        
# 
loop_
_software.name 
_software.classification 
_software.version 
_software.citation_id 
_software.pdbx_ordinal 
CNS       refinement       . ? 1 
DENZO     'data reduction' . ? 2 
SCALEPACK 'data scaling'   . ? 3 
CNS       phasing          . ? 4 
# 
_pdbx_validate_torsion.id              1 
_pdbx_validate_torsion.PDB_model_num   1 
_pdbx_validate_torsion.auth_comp_id    PRO 
_pdbx_validate_torsion.auth_asym_id    A 
_pdbx_validate_torsion.auth_seq_id     79 
_pdbx_validate_torsion.PDB_ins_code    ? 
_pdbx_validate_torsion.label_alt_id    ? 
_pdbx_validate_torsion.phi             -72.43 
_pdbx_validate_torsion.psi             49.72 
# 
_pdbx_validate_chiral.id              1 
_pdbx_validate_chiral.PDB_model_num   1 
_pdbx_validate_chiral.auth_atom_id    C42 
_pdbx_validate_chiral.label_alt_id    ? 
_pdbx_validate_chiral.auth_asym_id    B 
_pdbx_validate_chiral.auth_comp_id    AHF 
_pdbx_validate_chiral.auth_seq_id     501 
_pdbx_validate_chiral.PDB_ins_code    ? 
_pdbx_validate_chiral.details         PLANAR 
_pdbx_validate_chiral.omega           . 
# 
loop_
_chem_comp_atom.comp_id 
_chem_comp_atom.atom_id 
_chem_comp_atom.type_symbol 
_chem_comp_atom.pdbx_aromatic_flag 
_chem_comp_atom.pdbx_stereo_config 
_chem_comp_atom.pdbx_ordinal 
AHF N01  N N N 1   
AHF S02  S N N 2   
AHF N03  N N N 3   
AHF C04  C N R 4   
AHF C05  C N S 5   
AHF C06  C N S 6   
AHF C07  C N R 7   
AHF C08  C N N 8   
AHF C09  C Y N 9   
AHF C10  C Y N 10  
AHF C11  C Y N 11  
AHF C12  C Y N 12  
AHF C13  C Y N 13  
AHF C14  C Y N 14  
AHF O15  O N N 15  
AHF O16  O N N 16  
AHF C17  C Y N 17  
AHF C18  C Y N 18  
AHF C19  C Y N 19  
AHF C20  C Y N 20  
AHF C21  C Y N 21  
AHF C22  C Y N 22  
AHF C23  C N N 23  
AHF C24  C Y N 24  
AHF C25  C Y N 25  
AHF C26  C Y N 26  
AHF C27  C Y N 27  
AHF C28  C Y N 28  
AHF C29  C Y N 29  
AHF O30  O N N 30  
AHF O31  O N N 31  
AHF C32  C N N 32  
AHF O33  O N N 33  
AHF C34  C Y N 34  
AHF C35  C Y N 35  
AHF C36  C Y N 36  
AHF C37  C Y N 37  
AHF C38  C Y N 38  
AHF C39  C Y N 39  
AHF O40  O N N 40  
AHF C41  C N N 41  
AHF C42  C N S 42  
AHF O43  O N N 43  
AHF O44  O N N 44  
AHF C45  C N N 45  
AHF C46  C N N 46  
AHF O47  O N N 47  
AHF H04  H N N 48  
AHF H05  H N N 49  
AHF H06  H N N 50  
AHF H07  H N N 51  
AHF H082 H N N 52  
AHF H081 H N N 53  
AHF H10  H N N 54  
AHF H11  H N N 55  
AHF H13  H N N 56  
AHF H14  H N N 57  
AHF H18  H N N 58  
AHF H19  H N N 59  
AHF H20  H N N 60  
AHF H21  H N N 61  
AHF H22  H N N 62  
AHF H231 H N N 63  
AHF H232 H N N 64  
AHF H25  H N N 65  
AHF H26  H N N 66  
AHF H28  H N N 67  
AHF H29  H N N 68  
AHF HO3  H N N 69  
AHF HO1  H N N 70  
AHF H321 H N N 71  
AHF H322 H N N 72  
AHF H35  H N N 73  
AHF H36  H N N 74  
AHF H37  H N N 75  
AHF H38  H N N 76  
AHF H39  H N N 77  
AHF H411 H N N 78  
AHF H412 H N N 79  
AHF H42  H N N 80  
AHF HO4  H N N 81  
AHF H451 H N N 82  
AHF H452 H N N 83  
AHF H453 H N N 84  
AHF H461 H N N 85  
AHF H462 H N N 86  
AHF HO7  H N N 87  
ALA N    N N N 88  
ALA CA   C N S 89  
ALA C    C N N 90  
ALA O    O N N 91  
ALA CB   C N N 92  
ALA OXT  O N N 93  
ALA H    H N N 94  
ALA H2   H N N 95  
ALA HA   H N N 96  
ALA HB1  H N N 97  
ALA HB2  H N N 98  
ALA HB3  H N N 99  
ALA HXT  H N N 100 
ARG N    N N N 101 
ARG CA   C N S 102 
ARG C    C N N 103 
ARG O    O N N 104 
ARG CB   C N N 105 
ARG CG   C N N 106 
ARG CD   C N N 107 
ARG NE   N N N 108 
ARG CZ   C N N 109 
ARG NH1  N N N 110 
ARG NH2  N N N 111 
ARG OXT  O N N 112 
ARG H    H N N 113 
ARG H2   H N N 114 
ARG HA   H N N 115 
ARG HB2  H N N 116 
ARG HB3  H N N 117 
ARG HG2  H N N 118 
ARG HG3  H N N 119 
ARG HD2  H N N 120 
ARG HD3  H N N 121 
ARG HE   H N N 122 
ARG HH11 H N N 123 
ARG HH12 H N N 124 
ARG HH21 H N N 125 
ARG HH22 H N N 126 
ARG HXT  H N N 127 
ASN N    N N N 128 
ASN CA   C N S 129 
ASN C    C N N 130 
ASN O    O N N 131 
ASN CB   C N N 132 
ASN CG   C N N 133 
ASN OD1  O N N 134 
ASN ND2  N N N 135 
ASN OXT  O N N 136 
ASN H    H N N 137 
ASN H2   H N N 138 
ASN HA   H N N 139 
ASN HB2  H N N 140 
ASN HB3  H N N 141 
ASN HD21 H N N 142 
ASN HD22 H N N 143 
ASN HXT  H N N 144 
ASP N    N N N 145 
ASP CA   C N S 146 
ASP C    C N N 147 
ASP O    O N N 148 
ASP CB   C N N 149 
ASP CG   C N N 150 
ASP OD1  O N N 151 
ASP OD2  O N N 152 
ASP OXT  O N N 153 
ASP H    H N N 154 
ASP H2   H N N 155 
ASP HA   H N N 156 
ASP HB2  H N N 157 
ASP HB3  H N N 158 
ASP HD2  H N N 159 
ASP HXT  H N N 160 
CYS N    N N N 161 
CYS CA   C N R 162 
CYS C    C N N 163 
CYS O    O N N 164 
CYS CB   C N N 165 
CYS SG   S N N 166 
CYS OXT  O N N 167 
CYS H    H N N 168 
CYS H2   H N N 169 
CYS HA   H N N 170 
CYS HB2  H N N 171 
CYS HB3  H N N 172 
CYS HG   H N N 173 
CYS HXT  H N N 174 
GLN N    N N N 175 
GLN CA   C N S 176 
GLN C    C N N 177 
GLN O    O N N 178 
GLN CB   C N N 179 
GLN CG   C N N 180 
GLN CD   C N N 181 
GLN OE1  O N N 182 
GLN NE2  N N N 183 
GLN OXT  O N N 184 
GLN H    H N N 185 
GLN H2   H N N 186 
GLN HA   H N N 187 
GLN HB2  H N N 188 
GLN HB3  H N N 189 
GLN HG2  H N N 190 
GLN HG3  H N N 191 
GLN HE21 H N N 192 
GLN HE22 H N N 193 
GLN HXT  H N N 194 
GLU N    N N N 195 
GLU CA   C N S 196 
GLU C    C N N 197 
GLU O    O N N 198 
GLU CB   C N N 199 
GLU CG   C N N 200 
GLU CD   C N N 201 
GLU OE1  O N N 202 
GLU OE2  O N N 203 
GLU OXT  O N N 204 
GLU H    H N N 205 
GLU H2   H N N 206 
GLU HA   H N N 207 
GLU HB2  H N N 208 
GLU HB3  H N N 209 
GLU HG2  H N N 210 
GLU HG3  H N N 211 
GLU HE2  H N N 212 
GLU HXT  H N N 213 
GLY N    N N N 214 
GLY CA   C N N 215 
GLY C    C N N 216 
GLY O    O N N 217 
GLY OXT  O N N 218 
GLY H    H N N 219 
GLY H2   H N N 220 
GLY HA2  H N N 221 
GLY HA3  H N N 222 
GLY HXT  H N N 223 
HIS N    N N N 224 
HIS CA   C N S 225 
HIS C    C N N 226 
HIS O    O N N 227 
HIS CB   C N N 228 
HIS CG   C Y N 229 
HIS ND1  N Y N 230 
HIS CD2  C Y N 231 
HIS CE1  C Y N 232 
HIS NE2  N Y N 233 
HIS OXT  O N N 234 
HIS H    H N N 235 
HIS H2   H N N 236 
HIS HA   H N N 237 
HIS HB2  H N N 238 
HIS HB3  H N N 239 
HIS HD1  H N N 240 
HIS HD2  H N N 241 
HIS HE1  H N N 242 
HIS HE2  H N N 243 
HIS HXT  H N N 244 
HOH O    O N N 245 
HOH H1   H N N 246 
HOH H2   H N N 247 
ILE N    N N N 248 
ILE CA   C N S 249 
ILE C    C N N 250 
ILE O    O N N 251 
ILE CB   C N S 252 
ILE CG1  C N N 253 
ILE CG2  C N N 254 
ILE CD1  C N N 255 
ILE OXT  O N N 256 
ILE H    H N N 257 
ILE H2   H N N 258 
ILE HA   H N N 259 
ILE HB   H N N 260 
ILE HG12 H N N 261 
ILE HG13 H N N 262 
ILE HG21 H N N 263 
ILE HG22 H N N 264 
ILE HG23 H N N 265 
ILE HD11 H N N 266 
ILE HD12 H N N 267 
ILE HD13 H N N 268 
ILE HXT  H N N 269 
LEU N    N N N 270 
LEU CA   C N S 271 
LEU C    C N N 272 
LEU O    O N N 273 
LEU CB   C N N 274 
LEU CG   C N N 275 
LEU CD1  C N N 276 
LEU CD2  C N N 277 
LEU OXT  O N N 278 
LEU H    H N N 279 
LEU H2   H N N 280 
LEU HA   H N N 281 
LEU HB2  H N N 282 
LEU HB3  H N N 283 
LEU HG   H N N 284 
LEU HD11 H N N 285 
LEU HD12 H N N 286 
LEU HD13 H N N 287 
LEU HD21 H N N 288 
LEU HD22 H N N 289 
LEU HD23 H N N 290 
LEU HXT  H N N 291 
LYS N    N N N 292 
LYS CA   C N S 293 
LYS C    C N N 294 
LYS O    O N N 295 
LYS CB   C N N 296 
LYS CG   C N N 297 
LYS CD   C N N 298 
LYS CE   C N N 299 
LYS NZ   N N N 300 
LYS OXT  O N N 301 
LYS H    H N N 302 
LYS H2   H N N 303 
LYS HA   H N N 304 
LYS HB2  H N N 305 
LYS HB3  H N N 306 
LYS HG2  H N N 307 
LYS HG3  H N N 308 
LYS HD2  H N N 309 
LYS HD3  H N N 310 
LYS HE2  H N N 311 
LYS HE3  H N N 312 
LYS HZ1  H N N 313 
LYS HZ2  H N N 314 
LYS HZ3  H N N 315 
LYS HXT  H N N 316 
MET N    N N N 317 
MET CA   C N S 318 
MET C    C N N 319 
MET O    O N N 320 
MET CB   C N N 321 
MET CG   C N N 322 
MET SD   S N N 323 
MET CE   C N N 324 
MET OXT  O N N 325 
MET H    H N N 326 
MET H2   H N N 327 
MET HA   H N N 328 
MET HB2  H N N 329 
MET HB3  H N N 330 
MET HG2  H N N 331 
MET HG3  H N N 332 
MET HE1  H N N 333 
MET HE2  H N N 334 
MET HE3  H N N 335 
MET HXT  H N N 336 
PHE N    N N N 337 
PHE CA   C N S 338 
PHE C    C N N 339 
PHE O    O N N 340 
PHE CB   C N N 341 
PHE CG   C Y N 342 
PHE CD1  C Y N 343 
PHE CD2  C Y N 344 
PHE CE1  C Y N 345 
PHE CE2  C Y N 346 
PHE CZ   C Y N 347 
PHE OXT  O N N 348 
PHE H    H N N 349 
PHE H2   H N N 350 
PHE HA   H N N 351 
PHE HB2  H N N 352 
PHE HB3  H N N 353 
PHE HD1  H N N 354 
PHE HD2  H N N 355 
PHE HE1  H N N 356 
PHE HE2  H N N 357 
PHE HZ   H N N 358 
PHE HXT  H N N 359 
PRO N    N N N 360 
PRO CA   C N S 361 
PRO C    C N N 362 
PRO O    O N N 363 
PRO CB   C N N 364 
PRO CG   C N N 365 
PRO CD   C N N 366 
PRO OXT  O N N 367 
PRO H    H N N 368 
PRO HA   H N N 369 
PRO HB2  H N N 370 
PRO HB3  H N N 371 
PRO HG2  H N N 372 
PRO HG3  H N N 373 
PRO HD2  H N N 374 
PRO HD3  H N N 375 
PRO HXT  H N N 376 
SER N    N N N 377 
SER CA   C N S 378 
SER C    C N N 379 
SER O    O N N 380 
SER CB   C N N 381 
SER OG   O N N 382 
SER OXT  O N N 383 
SER H    H N N 384 
SER H2   H N N 385 
SER HA   H N N 386 
SER HB2  H N N 387 
SER HB3  H N N 388 
SER HG   H N N 389 
SER HXT  H N N 390 
THR N    N N N 391 
THR CA   C N S 392 
THR C    C N N 393 
THR O    O N N 394 
THR CB   C N R 395 
THR OG1  O N N 396 
THR CG2  C N N 397 
THR OXT  O N N 398 
THR H    H N N 399 
THR H2   H N N 400 
THR HA   H N N 401 
THR HB   H N N 402 
THR HG1  H N N 403 
THR HG21 H N N 404 
THR HG22 H N N 405 
THR HG23 H N N 406 
THR HXT  H N N 407 
TRP N    N N N 408 
TRP CA   C N S 409 
TRP C    C N N 410 
TRP O    O N N 411 
TRP CB   C N N 412 
TRP CG   C Y N 413 
TRP CD1  C Y N 414 
TRP CD2  C Y N 415 
TRP NE1  N Y N 416 
TRP CE2  C Y N 417 
TRP CE3  C Y N 418 
TRP CZ2  C Y N 419 
TRP CZ3  C Y N 420 
TRP CH2  C Y N 421 
TRP OXT  O N N 422 
TRP H    H N N 423 
TRP H2   H N N 424 
TRP HA   H N N 425 
TRP HB2  H N N 426 
TRP HB3  H N N 427 
TRP HD1  H N N 428 
TRP HE1  H N N 429 
TRP HE3  H N N 430 
TRP HZ2  H N N 431 
TRP HZ3  H N N 432 
TRP HH2  H N N 433 
TRP HXT  H N N 434 
TYR N    N N N 435 
TYR CA   C N S 436 
TYR C    C N N 437 
TYR O    O N N 438 
TYR CB   C N N 439 
TYR CG   C Y N 440 
TYR CD1  C Y N 441 
TYR CD2  C Y N 442 
TYR CE1  C Y N 443 
TYR CE2  C Y N 444 
TYR CZ   C Y N 445 
TYR OH   O N N 446 
TYR OXT  O N N 447 
TYR H    H N N 448 
TYR H2   H N N 449 
TYR HA   H N N 450 
TYR HB2  H N N 451 
TYR HB3  H N N 452 
TYR HD1  H N N 453 
TYR HD2  H N N 454 
TYR HE1  H N N 455 
TYR HE2  H N N 456 
TYR HH   H N N 457 
TYR HXT  H N N 458 
VAL N    N N N 459 
VAL CA   C N S 460 
VAL C    C N N 461 
VAL O    O N N 462 
VAL CB   C N N 463 
VAL CG1  C N N 464 
VAL CG2  C N N 465 
VAL OXT  O N N 466 
VAL H    H N N 467 
VAL H2   H N N 468 
VAL HA   H N N 469 
VAL HB   H N N 470 
VAL HG11 H N N 471 
VAL HG12 H N N 472 
VAL HG13 H N N 473 
VAL HG21 H N N 474 
VAL HG22 H N N 475 
VAL HG23 H N N 476 
VAL HXT  H N N 477 
# 
loop_
_chem_comp_bond.comp_id 
_chem_comp_bond.atom_id_1 
_chem_comp_bond.atom_id_2 
_chem_comp_bond.value_order 
_chem_comp_bond.pdbx_aromatic_flag 
_chem_comp_bond.pdbx_stereo_config 
_chem_comp_bond.pdbx_ordinal 
AHF N01 S02  sing N N 1   
AHF N01 C07  sing N N 2   
AHF N01 C08  sing N N 3   
AHF S02 N03  sing N N 4   
AHF S02 O15  doub N N 5   
AHF S02 O40  doub N N 6   
AHF N03 C04  sing N N 7   
AHF N03 C23  sing N N 8   
AHF C04 C05  sing N N 9   
AHF C04 C41  sing N N 10  
AHF C04 H04  sing N N 11  
AHF C05 C06  sing N N 12  
AHF C05 O30  sing N N 13  
AHF C05 H05  sing N N 14  
AHF C06 C07  sing N N 15  
AHF C06 O31  sing N N 16  
AHF C06 H06  sing N N 17  
AHF C07 C32  sing N N 18  
AHF C07 H07  sing N N 19  
AHF C08 C09  sing N N 20  
AHF C08 H082 sing N N 21  
AHF C08 H081 sing N N 22  
AHF C09 C10  doub Y N 23  
AHF C09 C14  sing Y N 24  
AHF C10 C11  sing Y N 25  
AHF C10 H10  sing N N 26  
AHF C11 C12  doub Y N 27  
AHF C11 H11  sing N N 28  
AHF C12 C13  sing Y N 29  
AHF C12 C46  sing N N 30  
AHF C13 C14  doub Y N 31  
AHF C13 H13  sing N N 32  
AHF C14 H14  sing N N 33  
AHF O16 C17  sing N N 34  
AHF O16 C41  sing N N 35  
AHF C17 C18  doub Y N 36  
AHF C17 C22  sing Y N 37  
AHF C18 C19  sing Y N 38  
AHF C18 H18  sing N N 39  
AHF C19 C20  doub Y N 40  
AHF C19 H19  sing N N 41  
AHF C20 C21  sing Y N 42  
AHF C20 H20  sing N N 43  
AHF C21 C22  doub Y N 44  
AHF C21 H21  sing N N 45  
AHF C22 H22  sing N N 46  
AHF C23 C24  sing N N 47  
AHF C23 H231 sing N N 48  
AHF C23 H232 sing N N 49  
AHF C24 C25  doub Y N 50  
AHF C24 C29  sing Y N 51  
AHF C25 C26  sing Y N 52  
AHF C25 H25  sing N N 53  
AHF C26 C27  doub Y N 54  
AHF C26 H26  sing N N 55  
AHF C27 C28  sing Y N 56  
AHF C27 C42  sing N N 57  
AHF C28 C29  doub Y N 58  
AHF C28 H28  sing N N 59  
AHF C29 H29  sing N N 60  
AHF O30 HO3  sing N N 61  
AHF O31 HO1  sing N N 62  
AHF C32 O33  sing N N 63  
AHF C32 H321 sing N N 64  
AHF C32 H322 sing N N 65  
AHF O33 C34  sing N N 66  
AHF C34 C35  doub Y N 67  
AHF C34 C39  sing Y N 68  
AHF C35 C36  sing Y N 69  
AHF C35 H35  sing N N 70  
AHF C36 C37  doub Y N 71  
AHF C36 H36  sing N N 72  
AHF C37 C38  sing Y N 73  
AHF C37 H37  sing N N 74  
AHF C38 C39  doub Y N 75  
AHF C38 H38  sing N N 76  
AHF C39 H39  sing N N 77  
AHF C41 H411 sing N N 78  
AHF C41 H412 sing N N 79  
AHF C42 O43  sing N N 80  
AHF C42 O44  sing N N 81  
AHF C42 H42  sing N N 82  
AHF O43 C45  sing N N 83  
AHF O44 HO4  sing N N 84  
AHF C45 H451 sing N N 85  
AHF C45 H452 sing N N 86  
AHF C45 H453 sing N N 87  
AHF C46 O47  sing N N 88  
AHF C46 H461 sing N N 89  
AHF C46 H462 sing N N 90  
AHF O47 HO7  sing N N 91  
ALA N   CA   sing N N 92  
ALA N   H    sing N N 93  
ALA N   H2   sing N N 94  
ALA CA  C    sing N N 95  
ALA CA  CB   sing N N 96  
ALA CA  HA   sing N N 97  
ALA C   O    doub N N 98  
ALA C   OXT  sing N N 99  
ALA CB  HB1  sing N N 100 
ALA CB  HB2  sing N N 101 
ALA CB  HB3  sing N N 102 
ALA OXT HXT  sing N N 103 
ARG N   CA   sing N N 104 
ARG N   H    sing N N 105 
ARG N   H2   sing N N 106 
ARG CA  C    sing N N 107 
ARG CA  CB   sing N N 108 
ARG CA  HA   sing N N 109 
ARG C   O    doub N N 110 
ARG C   OXT  sing N N 111 
ARG CB  CG   sing N N 112 
ARG CB  HB2  sing N N 113 
ARG CB  HB3  sing N N 114 
ARG CG  CD   sing N N 115 
ARG CG  HG2  sing N N 116 
ARG CG  HG3  sing N N 117 
ARG CD  NE   sing N N 118 
ARG CD  HD2  sing N N 119 
ARG CD  HD3  sing N N 120 
ARG NE  CZ   sing N N 121 
ARG NE  HE   sing N N 122 
ARG CZ  NH1  sing N N 123 
ARG CZ  NH2  doub N N 124 
ARG NH1 HH11 sing N N 125 
ARG NH1 HH12 sing N N 126 
ARG NH2 HH21 sing N N 127 
ARG NH2 HH22 sing N N 128 
ARG OXT HXT  sing N N 129 
ASN N   CA   sing N N 130 
ASN N   H    sing N N 131 
ASN N   H2   sing N N 132 
ASN CA  C    sing N N 133 
ASN CA  CB   sing N N 134 
ASN CA  HA   sing N N 135 
ASN C   O    doub N N 136 
ASN C   OXT  sing N N 137 
ASN CB  CG   sing N N 138 
ASN CB  HB2  sing N N 139 
ASN CB  HB3  sing N N 140 
ASN CG  OD1  doub N N 141 
ASN CG  ND2  sing N N 142 
ASN ND2 HD21 sing N N 143 
ASN ND2 HD22 sing N N 144 
ASN OXT HXT  sing N N 145 
ASP N   CA   sing N N 146 
ASP N   H    sing N N 147 
ASP N   H2   sing N N 148 
ASP CA  C    sing N N 149 
ASP CA  CB   sing N N 150 
ASP CA  HA   sing N N 151 
ASP C   O    doub N N 152 
ASP C   OXT  sing N N 153 
ASP CB  CG   sing N N 154 
ASP CB  HB2  sing N N 155 
ASP CB  HB3  sing N N 156 
ASP CG  OD1  doub N N 157 
ASP CG  OD2  sing N N 158 
ASP OD2 HD2  sing N N 159 
ASP OXT HXT  sing N N 160 
CYS N   CA   sing N N 161 
CYS N   H    sing N N 162 
CYS N   H2   sing N N 163 
CYS CA  C    sing N N 164 
CYS CA  CB   sing N N 165 
CYS CA  HA   sing N N 166 
CYS C   O    doub N N 167 
CYS C   OXT  sing N N 168 
CYS CB  SG   sing N N 169 
CYS CB  HB2  sing N N 170 
CYS CB  HB3  sing N N 171 
CYS SG  HG   sing N N 172 
CYS OXT HXT  sing N N 173 
GLN N   CA   sing N N 174 
GLN N   H    sing N N 175 
GLN N   H2   sing N N 176 
GLN CA  C    sing N N 177 
GLN CA  CB   sing N N 178 
GLN CA  HA   sing N N 179 
GLN C   O    doub N N 180 
GLN C   OXT  sing N N 181 
GLN CB  CG   sing N N 182 
GLN CB  HB2  sing N N 183 
GLN CB  HB3  sing N N 184 
GLN CG  CD   sing N N 185 
GLN CG  HG2  sing N N 186 
GLN CG  HG3  sing N N 187 
GLN CD  OE1  doub N N 188 
GLN CD  NE2  sing N N 189 
GLN NE2 HE21 sing N N 190 
GLN NE2 HE22 sing N N 191 
GLN OXT HXT  sing N N 192 
GLU N   CA   sing N N 193 
GLU N   H    sing N N 194 
GLU N   H2   sing N N 195 
GLU CA  C    sing N N 196 
GLU CA  CB   sing N N 197 
GLU CA  HA   sing N N 198 
GLU C   O    doub N N 199 
GLU C   OXT  sing N N 200 
GLU CB  CG   sing N N 201 
GLU CB  HB2  sing N N 202 
GLU CB  HB3  sing N N 203 
GLU CG  CD   sing N N 204 
GLU CG  HG2  sing N N 205 
GLU CG  HG3  sing N N 206 
GLU CD  OE1  doub N N 207 
GLU CD  OE2  sing N N 208 
GLU OE2 HE2  sing N N 209 
GLU OXT HXT  sing N N 210 
GLY N   CA   sing N N 211 
GLY N   H    sing N N 212 
GLY N   H2   sing N N 213 
GLY CA  C    sing N N 214 
GLY CA  HA2  sing N N 215 
GLY CA  HA3  sing N N 216 
GLY C   O    doub N N 217 
GLY C   OXT  sing N N 218 
GLY OXT HXT  sing N N 219 
HIS N   CA   sing N N 220 
HIS N   H    sing N N 221 
HIS N   H2   sing N N 222 
HIS CA  C    sing N N 223 
HIS CA  CB   sing N N 224 
HIS CA  HA   sing N N 225 
HIS C   O    doub N N 226 
HIS C   OXT  sing N N 227 
HIS CB  CG   sing N N 228 
HIS CB  HB2  sing N N 229 
HIS CB  HB3  sing N N 230 
HIS CG  ND1  sing Y N 231 
HIS CG  CD2  doub Y N 232 
HIS ND1 CE1  doub Y N 233 
HIS ND1 HD1  sing N N 234 
HIS CD2 NE2  sing Y N 235 
HIS CD2 HD2  sing N N 236 
HIS CE1 NE2  sing Y N 237 
HIS CE1 HE1  sing N N 238 
HIS NE2 HE2  sing N N 239 
HIS OXT HXT  sing N N 240 
HOH O   H1   sing N N 241 
HOH O   H2   sing N N 242 
ILE N   CA   sing N N 243 
ILE N   H    sing N N 244 
ILE N   H2   sing N N 245 
ILE CA  C    sing N N 246 
ILE CA  CB   sing N N 247 
ILE CA  HA   sing N N 248 
ILE C   O    doub N N 249 
ILE C   OXT  sing N N 250 
ILE CB  CG1  sing N N 251 
ILE CB  CG2  sing N N 252 
ILE CB  HB   sing N N 253 
ILE CG1 CD1  sing N N 254 
ILE CG1 HG12 sing N N 255 
ILE CG1 HG13 sing N N 256 
ILE CG2 HG21 sing N N 257 
ILE CG2 HG22 sing N N 258 
ILE CG2 HG23 sing N N 259 
ILE CD1 HD11 sing N N 260 
ILE CD1 HD12 sing N N 261 
ILE CD1 HD13 sing N N 262 
ILE OXT HXT  sing N N 263 
LEU N   CA   sing N N 264 
LEU N   H    sing N N 265 
LEU N   H2   sing N N 266 
LEU CA  C    sing N N 267 
LEU CA  CB   sing N N 268 
LEU CA  HA   sing N N 269 
LEU C   O    doub N N 270 
LEU C   OXT  sing N N 271 
LEU CB  CG   sing N N 272 
LEU CB  HB2  sing N N 273 
LEU CB  HB3  sing N N 274 
LEU CG  CD1  sing N N 275 
LEU CG  CD2  sing N N 276 
LEU CG  HG   sing N N 277 
LEU CD1 HD11 sing N N 278 
LEU CD1 HD12 sing N N 279 
LEU CD1 HD13 sing N N 280 
LEU CD2 HD21 sing N N 281 
LEU CD2 HD22 sing N N 282 
LEU CD2 HD23 sing N N 283 
LEU OXT HXT  sing N N 284 
LYS N   CA   sing N N 285 
LYS N   H    sing N N 286 
LYS N   H2   sing N N 287 
LYS CA  C    sing N N 288 
LYS CA  CB   sing N N 289 
LYS CA  HA   sing N N 290 
LYS C   O    doub N N 291 
LYS C   OXT  sing N N 292 
LYS CB  CG   sing N N 293 
LYS CB  HB2  sing N N 294 
LYS CB  HB3  sing N N 295 
LYS CG  CD   sing N N 296 
LYS CG  HG2  sing N N 297 
LYS CG  HG3  sing N N 298 
LYS CD  CE   sing N N 299 
LYS CD  HD2  sing N N 300 
LYS CD  HD3  sing N N 301 
LYS CE  NZ   sing N N 302 
LYS CE  HE2  sing N N 303 
LYS CE  HE3  sing N N 304 
LYS NZ  HZ1  sing N N 305 
LYS NZ  HZ2  sing N N 306 
LYS NZ  HZ3  sing N N 307 
LYS OXT HXT  sing N N 308 
MET N   CA   sing N N 309 
MET N   H    sing N N 310 
MET N   H2   sing N N 311 
MET CA  C    sing N N 312 
MET CA  CB   sing N N 313 
MET CA  HA   sing N N 314 
MET C   O    doub N N 315 
MET C   OXT  sing N N 316 
MET CB  CG   sing N N 317 
MET CB  HB2  sing N N 318 
MET CB  HB3  sing N N 319 
MET CG  SD   sing N N 320 
MET CG  HG2  sing N N 321 
MET CG  HG3  sing N N 322 
MET SD  CE   sing N N 323 
MET CE  HE1  sing N N 324 
MET CE  HE2  sing N N 325 
MET CE  HE3  sing N N 326 
MET OXT HXT  sing N N 327 
PHE N   CA   sing N N 328 
PHE N   H    sing N N 329 
PHE N   H2   sing N N 330 
PHE CA  C    sing N N 331 
PHE CA  CB   sing N N 332 
PHE CA  HA   sing N N 333 
PHE C   O    doub N N 334 
PHE C   OXT  sing N N 335 
PHE CB  CG   sing N N 336 
PHE CB  HB2  sing N N 337 
PHE CB  HB3  sing N N 338 
PHE CG  CD1  doub Y N 339 
PHE CG  CD2  sing Y N 340 
PHE CD1 CE1  sing Y N 341 
PHE CD1 HD1  sing N N 342 
PHE CD2 CE2  doub Y N 343 
PHE CD2 HD2  sing N N 344 
PHE CE1 CZ   doub Y N 345 
PHE CE1 HE1  sing N N 346 
PHE CE2 CZ   sing Y N 347 
PHE CE2 HE2  sing N N 348 
PHE CZ  HZ   sing N N 349 
PHE OXT HXT  sing N N 350 
PRO N   CA   sing N N 351 
PRO N   CD   sing N N 352 
PRO N   H    sing N N 353 
PRO CA  C    sing N N 354 
PRO CA  CB   sing N N 355 
PRO CA  HA   sing N N 356 
PRO C   O    doub N N 357 
PRO C   OXT  sing N N 358 
PRO CB  CG   sing N N 359 
PRO CB  HB2  sing N N 360 
PRO CB  HB3  sing N N 361 
PRO CG  CD   sing N N 362 
PRO CG  HG2  sing N N 363 
PRO CG  HG3  sing N N 364 
PRO CD  HD2  sing N N 365 
PRO CD  HD3  sing N N 366 
PRO OXT HXT  sing N N 367 
SER N   CA   sing N N 368 
SER N   H    sing N N 369 
SER N   H2   sing N N 370 
SER CA  C    sing N N 371 
SER CA  CB   sing N N 372 
SER CA  HA   sing N N 373 
SER C   O    doub N N 374 
SER C   OXT  sing N N 375 
SER CB  OG   sing N N 376 
SER CB  HB2  sing N N 377 
SER CB  HB3  sing N N 378 
SER OG  HG   sing N N 379 
SER OXT HXT  sing N N 380 
THR N   CA   sing N N 381 
THR N   H    sing N N 382 
THR N   H2   sing N N 383 
THR CA  C    sing N N 384 
THR CA  CB   sing N N 385 
THR CA  HA   sing N N 386 
THR C   O    doub N N 387 
THR C   OXT  sing N N 388 
THR CB  OG1  sing N N 389 
THR CB  CG2  sing N N 390 
THR CB  HB   sing N N 391 
THR OG1 HG1  sing N N 392 
THR CG2 HG21 sing N N 393 
THR CG2 HG22 sing N N 394 
THR CG2 HG23 sing N N 395 
THR OXT HXT  sing N N 396 
TRP N   CA   sing N N 397 
TRP N   H    sing N N 398 
TRP N   H2   sing N N 399 
TRP CA  C    sing N N 400 
TRP CA  CB   sing N N 401 
TRP CA  HA   sing N N 402 
TRP C   O    doub N N 403 
TRP C   OXT  sing N N 404 
TRP CB  CG   sing N N 405 
TRP CB  HB2  sing N N 406 
TRP CB  HB3  sing N N 407 
TRP CG  CD1  doub Y N 408 
TRP CG  CD2  sing Y N 409 
TRP CD1 NE1  sing Y N 410 
TRP CD1 HD1  sing N N 411 
TRP CD2 CE2  doub Y N 412 
TRP CD2 CE3  sing Y N 413 
TRP NE1 CE2  sing Y N 414 
TRP NE1 HE1  sing N N 415 
TRP CE2 CZ2  sing Y N 416 
TRP CE3 CZ3  doub Y N 417 
TRP CE3 HE3  sing N N 418 
TRP CZ2 CH2  doub Y N 419 
TRP CZ2 HZ2  sing N N 420 
TRP CZ3 CH2  sing Y N 421 
TRP CZ3 HZ3  sing N N 422 
TRP CH2 HH2  sing N N 423 
TRP OXT HXT  sing N N 424 
TYR N   CA   sing N N 425 
TYR N   H    sing N N 426 
TYR N   H2   sing N N 427 
TYR CA  C    sing N N 428 
TYR CA  CB   sing N N 429 
TYR CA  HA   sing N N 430 
TYR C   O    doub N N 431 
TYR C   OXT  sing N N 432 
TYR CB  CG   sing N N 433 
TYR CB  HB2  sing N N 434 
TYR CB  HB3  sing N N 435 
TYR CG  CD1  doub Y N 436 
TYR CG  CD2  sing Y N 437 
TYR CD1 CE1  sing Y N 438 
TYR CD1 HD1  sing N N 439 
TYR CD2 CE2  doub Y N 440 
TYR CD2 HD2  sing N N 441 
TYR CE1 CZ   doub Y N 442 
TYR CE1 HE1  sing N N 443 
TYR CE2 CZ   sing Y N 444 
TYR CE2 HE2  sing N N 445 
TYR CZ  OH   sing N N 446 
TYR OH  HH   sing N N 447 
TYR OXT HXT  sing N N 448 
VAL N   CA   sing N N 449 
VAL N   H    sing N N 450 
VAL N   H2   sing N N 451 
VAL CA  C    sing N N 452 
VAL CA  CB   sing N N 453 
VAL CA  HA   sing N N 454 
VAL C   O    doub N N 455 
VAL C   OXT  sing N N 456 
VAL CB  CG1  sing N N 457 
VAL CB  CG2  sing N N 458 
VAL CB  HB   sing N N 459 
VAL CG1 HG11 sing N N 460 
VAL CG1 HG12 sing N N 461 
VAL CG1 HG13 sing N N 462 
VAL CG2 HG21 sing N N 463 
VAL CG2 HG22 sing N N 464 
VAL CG2 HG23 sing N N 465 
VAL OXT HXT  sing N N 466 
# 
loop_
_pdbx_entity_nonpoly.entity_id 
_pdbx_entity_nonpoly.name 
_pdbx_entity_nonpoly.comp_id 
2 
;2-[4-(HYDROXY-METHOXY-METHYL)-BENZYL]-7-(4-HYDROXYMETHYL-BENZYL)-1,1-DIOXO-3,6-BIS-PHENOXYMETHYL-1LAMBDA6-[1,2,7]THIADIAZEPANE-4,5-DIOL
;
AHF 
3 water HOH 
# 
_pdbx_initial_refinement_model.id               1 
_pdbx_initial_refinement_model.entity_id_list   ? 
_pdbx_initial_refinement_model.type             'experimental model' 
_pdbx_initial_refinement_model.source_name      PDB 
_pdbx_initial_refinement_model.accession_code   1AJX 
_pdbx_initial_refinement_model.details          ? 
# 
